data_7YFC
#
_entry.id   7YFC
#
_cell.length_a   1.00
_cell.length_b   1.00
_cell.length_c   1.00
_cell.angle_alpha   90.00
_cell.angle_beta   90.00
_cell.angle_gamma   90.00
#
_symmetry.space_group_name_H-M   'P 1'
#
loop_
_entity.id
_entity.type
_entity.pdbx_description
1 polymer 'Engineered G-alpha-q'
2 polymer 'Guanine nucleotide-binding protein G(I)/G(S)/G(T) subunit beta-1'
3 polymer scFv16
4 polymer 'Guanine nucleotide-binding protein G(I)/G(S)/G(O) subunit gamma-2'
5 polymer Nb35
6 polymer 'Histamine H4 receptor'
7 non-polymer HISTAMINE
8 non-polymer CHOLESTEROL
#
loop_
_entity_poly.entity_id
_entity_poly.type
_entity_poly.pdbx_seq_one_letter_code
_entity_poly.pdbx_strand_id
1 'polypeptide(L)'
;MGCTLSAEDKAAVERSKMIEKQLQKDKQVYRRTLRLLLLGADNSGKSTIVKQMRIYHVNGYSEEECKQYKAVVYSNTIQS
IIAIIRAMGRLKIDFGDSARADDARQLFVLAGAAEEGFMTAELAGVIKRLWKDSGVQACFNRSREYQLNDSAAYYLNDLD
RIAQPNYIPTQQDVLRTRVKTSGIFETKFQVDKVNFHMFDVGAQRDERRKWIQCFNDVTAIIFVVDSSDYNRLQEALNDF
KSIWNNRWLRTISVILFLNKQDLLAEKVLAGKSKIEDYFPEFARYTTPEDATPEPGEDPRVTRAKYFIRKEFVDISTASG
DGRHICYPHFTCSVDTENARRIFNDCKDIILQMNLREYNLV
;
A
2 'polypeptide(L)'
;MHHHHHHHHHHLEVLFQGPGSSGSELDQLRQEAEQLKNQIRDARKACADATLSQITNNIDPVGRIQMRTRRTLRGHLAKI
YAMHWGTDSRLLVSASQDGKLIIWDSYTTNKVHAIPLRSSWVMTCAYAPSGNYVACGGLDNICSIYNLKTREGNVRVSRE
LAGHTGYLSCCRFLDDNQIVTSSGDTTCALWDIETGQQTTTFTGHTGDVMSLSLAPDTRLFVSGACDASAKLWDVREGMC
RQTFTGHESDINAICFFPNGNAFATGSDDATCRLFDLRADQELMTYSHDNIICGITSVSFSKSGRLLLAGYDDFNCNVWD
ALKADRAGVLAGHDNRVSCLGVTDDGMAVATGSWDSFLKIWNGSSGGGGSGGGGSSGVSGWRLFKKIS
;
B
3 'polypeptide(L)'
;DVQLVESGGGLVQPGGSRKLSCSASGFAFSSFGMHWVRQAPEKGLEWVAYISSGSGTIYYADTVKGRFTISRDDPKNTLF
LQMTSLRSEDTAMYYCVRSIYYYGSSPFDFWGQGTTLTVSSGGGGSGGGGSGGGGSDIVMTQATSSVPVTPGESVSISCR
SSKSLLHSNGNTYLYWFLQRPGQSPQLLIYRMSNLASGVPDRFSGSGSGTAFTLTISRLEAEDVGVYYCMQHLEYPLTFG
AGTKLELKAAAHHHHHHHH
;
C
4 'polypeptide(L)' MASNNTASIAQARKLVEQLKMEANIDRIKVSKAAADLMAYCEAHAKEDPLLTPVPASENPFREKKFFCAIL G
5 'polypeptide(L)'
;MQVQLQESGGGLVQPGGSLRLSCAASGFTFSNYKMNWVRQAPGKGLEWVSDISQSGASISYTGSVKGRFTISRDNAKNTL
YLQMNSLKPEDTAVYYCARCPAPFTRDCFDVTSTTYAYRGQGTQVTVSS
;
N
6 'polypeptide(L)'
;MPDTNSTINLSLSTRVTLAFFMSLVAFAIMLGNALVILAFVVDKNLRHRSSYFFLNLAISDFFVGVISIPLYIPHTLFEW
DFGKEICVFWLTTDYLLCTASVYNIVLISYDRYLSVSNAVSYRTQHTGVLKIVTLMVAVWVLAFLVNGPMILVSESWKDE
GSECEPGFFSEWYILAITSFLEFVIPVILVAYFNMNIYWSLWKRDHLSRCQSHPGLTAVSSNICGHSFRGRLSSRRSLSA
STEVPASFHSERQRRKSSLMFSSRTKMNSNTIASKMGSFSQSDSVALHQREHVELLRARRLAKSLAILLGVFAVCWAPYS
LFTIVLSFYSSATGPKSVWYRIAFWLQWFNSFVNPLLYPLCHKRFQKAFLKIFCIKKQPLPSQHSRSVSSVFTLEDFVGD
WEQTAAYNLDQVLEQGGVSSLLQNLAVSVTPIQRIVRSGENALKIDIHVIIPYEGLSADQMAQIEEVFKVVYPVDDHHFK
VILPYGTLVIDGVTPNMLNYFGRPYEGIAVFDGKKITVTGTLWNGNKIIDERLITPDGSMLFRVTINS
;
R
#
loop_
_chem_comp.id
_chem_comp.type
_chem_comp.name
_chem_comp.formula
CLR non-polymer CHOLESTEROL 'C27 H46 O'
HSM non-polymer HISTAMINE 'C5 H9 N3'
#
# COMPACT_ATOMS: atom_id res chain seq x y z
N GLY A 2 22.10 11.16 16.55
CA GLY A 2 22.61 11.11 17.91
C GLY A 2 22.67 12.45 18.58
N CYS A 3 22.47 13.52 17.80
CA CYS A 3 22.51 14.87 18.30
C CYS A 3 21.14 15.27 18.84
N THR A 4 21.11 15.82 20.05
CA THR A 4 19.87 16.19 20.75
C THR A 4 18.88 15.03 20.77
N LEU A 5 19.38 13.84 21.03
CA LEU A 5 18.56 12.64 21.19
C LEU A 5 18.79 12.05 22.57
N SER A 6 17.70 11.80 23.30
CA SER A 6 17.81 11.26 24.64
C SER A 6 18.27 9.81 24.61
N ALA A 7 18.59 9.30 25.80
CA ALA A 7 19.01 7.90 25.90
C ALA A 7 17.87 6.94 25.60
N GLU A 8 16.62 7.37 25.77
CA GLU A 8 15.46 6.54 25.47
C GLU A 8 14.96 6.73 24.04
N ASP A 9 15.50 7.69 23.29
CA ASP A 9 15.14 7.87 21.89
C ASP A 9 16.04 7.08 20.95
N LYS A 10 17.33 6.96 21.28
CA LYS A 10 18.23 6.15 20.46
C LYS A 10 17.80 4.68 20.47
N ALA A 11 17.32 4.18 21.62
CA ALA A 11 16.84 2.82 21.69
C ALA A 11 15.57 2.63 20.86
N ALA A 12 14.70 3.64 20.84
CA ALA A 12 13.52 3.58 20.00
C ALA A 12 13.90 3.56 18.51
N VAL A 13 14.90 4.35 18.13
CA VAL A 13 15.38 4.34 16.75
C VAL A 13 15.97 2.99 16.40
N GLU A 14 16.70 2.39 17.34
CA GLU A 14 17.26 1.06 17.11
C GLU A 14 16.17 0.01 16.93
N ARG A 15 15.12 0.10 17.74
CA ARG A 15 13.98 -0.82 17.58
C ARG A 15 13.32 -0.63 16.22
N SER A 16 13.16 0.62 15.79
CA SER A 16 12.60 0.88 14.47
C SER A 16 13.47 0.31 13.37
N LYS A 17 14.79 0.40 13.52
CA LYS A 17 15.70 -0.14 12.51
C LYS A 17 15.62 -1.67 12.46
N MET A 18 15.49 -2.32 13.61
CA MET A 18 15.30 -3.77 13.62
C MET A 18 13.99 -4.15 12.94
N ILE A 19 12.93 -3.39 13.20
CA ILE A 19 11.66 -3.61 12.52
C ILE A 19 11.82 -3.47 11.01
N GLU A 20 12.59 -2.46 10.59
CA GLU A 20 12.81 -2.24 9.16
C GLU A 20 13.58 -3.40 8.52
N LYS A 21 14.56 -3.95 9.24
CA LYS A 21 15.29 -5.09 8.69
C LYS A 21 14.39 -6.32 8.58
N GLN A 22 13.51 -6.53 9.56
CA GLN A 22 12.54 -7.61 9.46
C GLN A 22 11.61 -7.39 8.28
N LEU A 23 11.21 -6.13 8.05
CA LEU A 23 10.38 -5.81 6.90
C LEU A 23 11.11 -6.09 5.59
N GLN A 24 12.42 -5.85 5.55
CA GLN A 24 13.19 -6.17 4.35
C GLN A 24 13.20 -7.67 4.08
N LYS A 25 13.39 -8.48 5.13
CA LYS A 25 13.33 -9.92 4.95
C LYS A 25 11.96 -10.36 4.46
N ASP A 26 10.90 -9.78 5.05
CA ASP A 26 9.55 -10.09 4.61
C ASP A 26 9.31 -9.67 3.16
N LYS A 27 9.90 -8.55 2.74
CA LYS A 27 9.79 -8.11 1.35
C LYS A 27 10.45 -9.09 0.41
N GLN A 28 11.62 -9.61 0.78
CA GLN A 28 12.28 -10.61 -0.05
C GLN A 28 11.40 -11.85 -0.20
N VAL A 29 10.84 -12.33 0.92
CA VAL A 29 9.99 -13.51 0.87
C VAL A 29 8.74 -13.22 0.02
N TYR A 30 8.16 -12.03 0.17
CA TYR A 30 6.97 -11.65 -0.59
C TYR A 30 7.24 -11.60 -2.08
N ARG A 31 8.38 -11.04 -2.48
CA ARG A 31 8.76 -11.02 -3.88
C ARG A 31 9.10 -12.40 -4.42
N ARG A 32 9.48 -13.33 -3.54
CA ARG A 32 9.80 -14.68 -4.02
C ARG A 32 8.59 -15.37 -4.64
N THR A 33 7.42 -15.22 -4.03
CA THR A 33 6.24 -15.97 -4.42
C THR A 33 5.43 -15.27 -5.50
N LEU A 34 4.74 -16.05 -6.33
CA LEU A 34 3.91 -15.53 -7.41
C LEU A 34 2.43 -15.79 -7.09
N ARG A 35 1.63 -14.73 -7.12
CA ARG A 35 0.22 -14.81 -6.75
C ARG A 35 -0.68 -14.87 -7.97
N LEU A 36 -1.72 -15.70 -7.88
CA LEU A 36 -2.70 -15.88 -8.96
C LEU A 36 -4.11 -15.85 -8.37
N LEU A 37 -5.08 -15.43 -9.18
CA LEU A 37 -6.46 -15.35 -8.74
C LEU A 37 -7.32 -16.29 -9.57
N LEU A 38 -7.97 -17.25 -8.91
CA LEU A 38 -8.81 -18.22 -9.60
C LEU A 38 -10.25 -17.73 -9.66
N LEU A 39 -10.89 -17.92 -10.81
CA LEU A 39 -12.25 -17.45 -11.05
C LEU A 39 -13.02 -18.49 -11.86
N GLY A 40 -14.29 -18.66 -11.51
CA GLY A 40 -15.15 -19.58 -12.23
C GLY A 40 -16.54 -19.55 -11.64
N ALA A 41 -17.48 -20.14 -12.38
CA ALA A 41 -18.87 -20.19 -11.97
C ALA A 41 -19.13 -21.45 -11.17
N ASP A 42 -20.41 -21.73 -10.89
CA ASP A 42 -20.76 -22.93 -10.14
C ASP A 42 -20.54 -24.20 -10.96
N ASN A 43 -20.75 -24.12 -12.27
CA ASN A 43 -20.55 -25.26 -13.17
C ASN A 43 -19.16 -25.26 -13.82
N SER A 44 -18.30 -24.30 -13.46
CA SER A 44 -16.99 -24.22 -14.09
C SER A 44 -16.15 -25.47 -13.81
N GLY A 45 -16.18 -25.95 -12.57
CA GLY A 45 -15.34 -27.05 -12.17
C GLY A 45 -14.00 -26.65 -11.62
N LYS A 46 -13.86 -25.41 -11.13
CA LYS A 46 -12.59 -24.96 -10.57
C LYS A 46 -12.19 -25.74 -9.33
N SER A 47 -13.14 -26.39 -8.66
CA SER A 47 -12.81 -27.20 -7.49
C SER A 47 -11.91 -28.36 -7.87
N THR A 48 -12.20 -29.03 -9.00
CA THR A 48 -11.36 -30.13 -9.45
C THR A 48 -9.95 -29.65 -9.78
N ILE A 49 -9.83 -28.52 -10.47
CA ILE A 49 -8.52 -28.00 -10.83
C ILE A 49 -7.73 -27.63 -9.58
N VAL A 50 -8.37 -26.94 -8.63
CA VAL A 50 -7.66 -26.52 -7.43
C VAL A 50 -7.26 -27.72 -6.59
N LYS A 51 -8.11 -28.76 -6.54
CA LYS A 51 -7.75 -29.96 -5.79
C LYS A 51 -6.58 -30.68 -6.45
N GLN A 52 -6.61 -30.83 -7.79
CA GLN A 52 -5.55 -31.55 -8.48
C GLN A 52 -4.23 -30.79 -8.44
N MET A 53 -4.26 -29.47 -8.36
CA MET A 53 -3.04 -28.70 -8.24
C MET A 53 -2.64 -28.40 -6.80
N ARG A 54 -3.48 -28.77 -5.84
CA ARG A 54 -3.15 -28.63 -4.42
C ARG A 54 -2.58 -29.92 -3.85
N ILE A 55 -3.32 -31.02 -3.98
CA ILE A 55 -2.89 -32.27 -3.35
C ILE A 55 -1.65 -32.82 -4.03
N TYR A 56 -1.54 -32.66 -5.35
CA TYR A 56 -0.41 -33.25 -6.07
C TYR A 56 0.87 -32.46 -5.88
N HIS A 57 0.78 -31.13 -5.85
CA HIS A 57 1.95 -30.26 -5.83
C HIS A 57 2.15 -29.58 -4.48
N VAL A 58 1.60 -30.13 -3.42
CA VAL A 58 1.74 -29.54 -2.08
C VAL A 58 3.19 -29.60 -1.62
N THR A 181 -17.49 -20.94 5.13
CA THR A 181 -17.58 -19.87 6.13
C THR A 181 -16.49 -18.83 5.89
N SER A 182 -15.28 -19.29 5.61
CA SER A 182 -14.17 -18.37 5.36
C SER A 182 -14.37 -17.66 4.03
N GLY A 183 -14.01 -16.37 4.01
CA GLY A 183 -14.20 -15.54 2.84
C GLY A 183 -13.21 -15.72 1.72
N ILE A 184 -12.20 -16.57 1.90
CA ILE A 184 -11.15 -16.74 0.90
C ILE A 184 -10.49 -18.10 1.13
N PHE A 185 -9.95 -18.67 0.07
CA PHE A 185 -9.24 -19.94 0.12
C PHE A 185 -7.87 -19.75 -0.52
N GLU A 186 -6.84 -20.33 0.10
CA GLU A 186 -5.47 -20.19 -0.37
C GLU A 186 -4.91 -21.58 -0.69
N THR A 187 -4.27 -21.70 -1.84
CA THR A 187 -3.62 -22.94 -2.26
C THR A 187 -2.19 -22.64 -2.66
N LYS A 188 -1.23 -23.32 -2.03
CA LYS A 188 0.18 -23.11 -2.29
C LYS A 188 0.75 -24.32 -3.01
N PHE A 189 1.35 -24.10 -4.17
CA PHE A 189 2.02 -25.19 -4.88
C PHE A 189 3.37 -24.70 -5.39
N GLN A 190 4.15 -25.64 -5.93
CA GLN A 190 5.51 -25.35 -6.34
C GLN A 190 5.84 -26.18 -7.57
N VAL A 191 6.23 -25.52 -8.65
CA VAL A 191 6.63 -26.19 -9.89
C VAL A 191 7.98 -25.66 -10.32
N ASP A 192 8.92 -26.57 -10.60
CA ASP A 192 10.27 -26.23 -11.04
C ASP A 192 10.93 -25.24 -10.08
N LYS A 193 10.77 -25.51 -8.78
CA LYS A 193 11.32 -24.67 -7.71
C LYS A 193 10.80 -23.24 -7.79
N VAL A 194 9.57 -23.06 -8.25
CA VAL A 194 8.90 -21.77 -8.29
C VAL A 194 7.61 -21.88 -7.50
N ASN A 195 7.37 -20.91 -6.61
CA ASN A 195 6.29 -20.97 -5.63
C ASN A 195 5.10 -20.15 -6.13
N PHE A 196 3.93 -20.80 -6.20
CA PHE A 196 2.70 -20.17 -6.64
C PHE A 196 1.66 -20.22 -5.54
N HIS A 197 0.89 -19.13 -5.44
CA HIS A 197 -0.10 -18.90 -4.39
C HIS A 197 -1.41 -18.53 -5.08
N MET A 198 -2.35 -19.47 -5.13
CA MET A 198 -3.61 -19.27 -5.83
C MET A 198 -4.70 -18.93 -4.82
N PHE A 199 -5.45 -17.87 -5.10
CA PHE A 199 -6.50 -17.39 -4.22
C PHE A 199 -7.85 -17.59 -4.88
N ASP A 200 -8.77 -18.24 -4.16
CA ASP A 200 -10.10 -18.55 -4.66
C ASP A 200 -11.14 -17.96 -3.73
N VAL A 201 -12.04 -17.15 -4.27
CA VAL A 201 -13.03 -16.46 -3.45
C VAL A 201 -14.16 -17.44 -3.12
N GLY A 202 -14.51 -17.50 -1.85
CA GLY A 202 -15.63 -18.32 -1.41
C GLY A 202 -16.35 -17.66 -0.26
N ALA A 203 -17.63 -18.02 -0.09
CA ALA A 203 -18.47 -17.50 0.98
C ALA A 203 -18.56 -15.98 0.94
N GLN A 204 -18.77 -15.44 -0.26
CA GLN A 204 -19.05 -14.03 -0.46
C GLN A 204 -20.39 -13.90 -1.19
N ARG A 205 -20.73 -12.67 -1.55
CA ARG A 205 -21.98 -12.42 -2.26
C ARG A 205 -21.76 -12.49 -3.76
N ASP A 206 -22.81 -12.24 -4.53
CA ASP A 206 -22.77 -12.38 -5.98
C ASP A 206 -22.38 -11.09 -6.69
N GLU A 207 -22.06 -10.02 -5.96
CA GLU A 207 -21.67 -8.76 -6.55
C GLU A 207 -20.16 -8.60 -6.43
N ARG A 208 -19.46 -8.64 -7.57
CA ARG A 208 -18.01 -8.63 -7.59
C ARG A 208 -17.41 -7.24 -7.79
N ARG A 209 -18.23 -6.21 -8.00
CA ARG A 209 -17.69 -4.92 -8.41
C ARG A 209 -16.93 -4.20 -7.31
N LYS A 210 -16.98 -4.69 -6.08
CA LYS A 210 -16.35 -4.01 -4.95
C LYS A 210 -15.14 -4.71 -4.39
N TRP A 211 -15.17 -6.04 -4.24
CA TRP A 211 -14.05 -6.76 -3.67
C TRP A 211 -13.06 -7.27 -4.71
N ILE A 212 -13.35 -7.12 -6.00
CA ILE A 212 -12.41 -7.59 -7.01
C ILE A 212 -11.25 -6.60 -7.19
N GLN A 213 -11.45 -5.33 -6.84
CA GLN A 213 -10.39 -4.34 -6.95
C GLN A 213 -9.21 -4.63 -6.03
N CYS A 214 -9.38 -5.52 -5.05
CA CYS A 214 -8.25 -5.99 -4.26
C CYS A 214 -7.23 -6.70 -5.13
N PHE A 215 -7.69 -7.47 -6.11
CA PHE A 215 -6.81 -8.29 -6.94
C PHE A 215 -6.35 -7.53 -8.19
N ASN A 216 -5.80 -6.34 -8.01
CA ASN A 216 -5.28 -5.56 -9.11
C ASN A 216 -3.77 -5.68 -9.25
N ASP A 217 -3.13 -6.49 -8.40
CA ASP A 217 -1.69 -6.68 -8.45
C ASP A 217 -1.28 -8.14 -8.65
N VAL A 218 -2.24 -9.06 -8.78
CA VAL A 218 -1.89 -10.46 -8.96
C VAL A 218 -1.18 -10.66 -10.30
N THR A 219 -0.39 -11.73 -10.38
CA THR A 219 0.34 -12.01 -11.61
C THR A 219 -0.61 -12.38 -12.74
N ALA A 220 -1.62 -13.20 -12.46
CA ALA A 220 -2.53 -13.64 -13.51
C ALA A 220 -3.89 -13.96 -12.91
N ILE A 221 -4.90 -13.91 -13.78
CA ILE A 221 -6.26 -14.32 -13.45
C ILE A 221 -6.54 -15.60 -14.20
N ILE A 222 -6.63 -16.71 -13.46
CA ILE A 222 -7.06 -17.97 -14.05
C ILE A 222 -8.57 -17.95 -14.15
N PHE A 223 -9.09 -18.22 -15.34
CA PHE A 223 -10.53 -18.14 -15.61
C PHE A 223 -10.98 -19.48 -16.17
N VAL A 224 -11.85 -20.17 -15.44
CA VAL A 224 -12.32 -21.49 -15.82
C VAL A 224 -13.70 -21.35 -16.44
N VAL A 225 -13.87 -21.90 -17.64
CA VAL A 225 -15.13 -21.81 -18.39
C VAL A 225 -15.56 -23.22 -18.77
N ASP A 226 -16.82 -23.54 -18.51
CA ASP A 226 -17.39 -24.82 -18.93
C ASP A 226 -17.82 -24.68 -20.39
N SER A 227 -17.06 -25.30 -21.30
CA SER A 227 -17.36 -25.17 -22.72
C SER A 227 -18.58 -25.98 -23.14
N SER A 228 -18.85 -27.08 -22.44
CA SER A 228 -19.94 -27.98 -22.82
C SER A 228 -21.32 -27.48 -22.42
N ASP A 229 -21.42 -26.28 -21.87
CA ASP A 229 -22.69 -25.71 -21.42
C ASP A 229 -23.01 -24.53 -22.32
N TYR A 230 -23.79 -24.79 -23.38
CA TYR A 230 -24.11 -23.75 -24.35
C TYR A 230 -25.03 -22.69 -23.75
N ASN A 231 -25.94 -23.10 -22.86
CA ASN A 231 -26.94 -22.17 -22.35
C ASN A 231 -26.30 -21.03 -21.55
N ARG A 232 -25.28 -21.35 -20.75
CA ARG A 232 -24.62 -20.37 -19.91
C ARG A 232 -23.28 -19.90 -20.49
N LEU A 233 -23.02 -20.19 -21.76
CA LEU A 233 -21.79 -19.71 -22.38
C LEU A 233 -21.82 -18.20 -22.57
N GLN A 234 -23.00 -17.63 -22.83
CA GLN A 234 -23.09 -16.18 -22.94
C GLN A 234 -22.78 -15.50 -21.62
N GLU A 235 -23.16 -16.12 -20.50
CA GLU A 235 -22.78 -15.60 -19.19
C GLU A 235 -21.27 -15.58 -19.03
N ALA A 236 -20.61 -16.66 -19.45
CA ALA A 236 -19.15 -16.72 -19.37
C ALA A 236 -18.50 -15.65 -20.24
N LEU A 237 -19.04 -15.44 -21.44
CA LEU A 237 -18.52 -14.39 -22.31
C LEU A 237 -18.70 -13.02 -21.68
N ASN A 238 -19.83 -12.78 -21.04
CA ASN A 238 -20.05 -11.50 -20.37
C ASN A 238 -19.10 -11.29 -19.20
N ASP A 239 -18.87 -12.34 -18.40
CA ASP A 239 -17.91 -12.22 -17.31
C ASP A 239 -16.50 -11.94 -17.83
N PHE A 240 -16.10 -12.63 -18.89
CA PHE A 240 -14.78 -12.37 -19.48
C PHE A 240 -14.70 -10.95 -20.00
N LYS A 241 -15.76 -10.45 -20.63
CA LYS A 241 -15.77 -9.08 -21.13
C LYS A 241 -15.65 -8.07 -20.00
N SER A 242 -16.36 -8.30 -18.90
CA SER A 242 -16.33 -7.36 -17.79
C SER A 242 -14.97 -7.38 -17.08
N ILE A 243 -14.37 -8.57 -16.96
CA ILE A 243 -13.05 -8.66 -16.33
C ILE A 243 -11.99 -8.02 -17.22
N TRP A 244 -12.06 -8.28 -18.53
CA TRP A 244 -11.02 -7.81 -19.44
C TRP A 244 -10.99 -6.28 -19.52
N ASN A 245 -12.15 -5.64 -19.52
CA ASN A 245 -12.25 -4.20 -19.72
C ASN A 245 -12.35 -3.41 -18.43
N ASN A 246 -12.07 -4.05 -17.29
CA ASN A 246 -12.18 -3.36 -16.00
C ASN A 246 -11.12 -2.26 -15.88
N ARG A 247 -11.45 -1.24 -15.09
CA ARG A 247 -10.54 -0.11 -14.92
C ARG A 247 -9.26 -0.51 -14.20
N TRP A 248 -9.36 -1.37 -13.19
CA TRP A 248 -8.21 -1.74 -12.38
C TRP A 248 -7.57 -3.05 -12.82
N LEU A 249 -8.30 -3.91 -13.51
CA LEU A 249 -7.77 -5.17 -14.02
C LEU A 249 -7.43 -5.08 -15.51
N ARG A 250 -6.99 -3.91 -15.97
CA ARG A 250 -6.67 -3.69 -17.37
C ARG A 250 -5.22 -3.96 -17.70
N THR A 251 -4.42 -4.41 -16.74
CA THR A 251 -3.02 -4.76 -16.98
C THR A 251 -2.69 -6.17 -16.50
N ILE A 252 -3.70 -6.98 -16.24
CA ILE A 252 -3.52 -8.33 -15.70
C ILE A 252 -3.89 -9.34 -16.78
N SER A 253 -2.98 -10.26 -17.05
CA SER A 253 -3.22 -11.28 -18.07
C SER A 253 -4.15 -12.36 -17.54
N VAL A 254 -4.86 -13.01 -18.46
CA VAL A 254 -5.86 -14.01 -18.14
C VAL A 254 -5.42 -15.34 -18.74
N ILE A 255 -5.36 -16.37 -17.90
CA ILE A 255 -5.11 -17.74 -18.34
C ILE A 255 -6.45 -18.44 -18.40
N LEU A 256 -6.88 -18.79 -19.62
CA LEU A 256 -8.23 -19.29 -19.86
C LEU A 256 -8.20 -20.81 -19.93
N PHE A 257 -8.95 -21.47 -19.05
CA PHE A 257 -9.07 -22.92 -19.03
C PHE A 257 -10.49 -23.28 -19.48
N LEU A 258 -10.61 -23.81 -20.69
CA LEU A 258 -11.90 -24.27 -21.21
C LEU A 258 -12.07 -25.72 -20.79
N ASN A 259 -12.60 -25.89 -19.57
CA ASN A 259 -12.68 -27.18 -18.93
C ASN A 259 -13.69 -28.09 -19.63
N LYS A 260 -13.64 -29.37 -19.29
CA LYS A 260 -14.61 -30.37 -19.74
C LYS A 260 -14.66 -30.46 -21.26
N GLN A 261 -13.53 -30.84 -21.85
CA GLN A 261 -13.49 -31.07 -23.30
C GLN A 261 -14.17 -32.39 -23.66
N ASP A 262 -14.08 -33.40 -22.79
CA ASP A 262 -14.71 -34.68 -23.08
C ASP A 262 -16.22 -34.53 -23.18
N LEU A 263 -16.84 -33.77 -22.28
CA LEU A 263 -18.28 -33.56 -22.33
C LEU A 263 -18.68 -32.80 -23.59
N LEU A 264 -17.88 -31.81 -23.98
CA LEU A 264 -18.17 -31.07 -25.21
C LEU A 264 -18.09 -31.97 -26.43
N ALA A 265 -17.06 -32.83 -26.49
CA ALA A 265 -16.93 -33.75 -27.61
C ALA A 265 -18.10 -34.74 -27.65
N GLU A 266 -18.51 -35.25 -26.48
CA GLU A 266 -19.63 -36.16 -26.43
C GLU A 266 -20.92 -35.47 -26.88
N LYS A 267 -21.14 -34.23 -26.45
CA LYS A 267 -22.33 -33.50 -26.87
C LYS A 267 -22.33 -33.24 -28.37
N VAL A 268 -21.17 -32.89 -28.93
CA VAL A 268 -21.09 -32.68 -30.37
C VAL A 268 -21.36 -33.98 -31.12
N LEU A 269 -20.79 -35.09 -30.65
CA LEU A 269 -21.03 -36.37 -31.31
C LEU A 269 -22.48 -36.80 -31.22
N ALA A 270 -23.16 -36.48 -30.12
CA ALA A 270 -24.56 -36.85 -29.98
C ALA A 270 -25.43 -36.19 -31.04
N GLY A 271 -25.20 -34.91 -31.29
CA GLY A 271 -25.92 -34.19 -32.32
C GLY A 271 -27.32 -33.73 -31.94
N LYS A 272 -27.75 -33.97 -30.70
CA LYS A 272 -29.09 -33.55 -30.29
C LYS A 272 -29.18 -32.04 -30.18
N SER A 273 -28.17 -31.40 -29.61
CA SER A 273 -28.15 -29.95 -29.41
C SER A 273 -27.26 -29.30 -30.46
N LYS A 274 -27.75 -28.23 -31.07
CA LYS A 274 -27.05 -27.53 -32.13
C LYS A 274 -26.55 -26.19 -31.60
N ILE A 275 -25.26 -25.91 -31.81
CA ILE A 275 -24.68 -24.65 -31.36
C ILE A 275 -25.29 -23.48 -32.12
N GLU A 276 -25.79 -23.71 -33.34
CA GLU A 276 -26.36 -22.64 -34.13
C GLU A 276 -27.61 -22.06 -33.49
N ASP A 277 -28.29 -22.80 -32.61
CA ASP A 277 -29.46 -22.27 -31.92
C ASP A 277 -29.09 -21.12 -31.00
N TYR A 278 -28.00 -21.26 -30.25
CA TYR A 278 -27.56 -20.22 -29.31
C TYR A 278 -26.69 -19.17 -29.98
N PHE A 279 -25.83 -19.59 -30.90
CA PHE A 279 -24.99 -18.67 -31.68
C PHE A 279 -25.35 -18.83 -33.15
N PRO A 280 -26.14 -17.92 -33.72
CA PRO A 280 -26.63 -18.12 -35.09
C PRO A 280 -25.54 -18.01 -36.16
N GLU A 281 -24.35 -17.53 -35.82
CA GLU A 281 -23.27 -17.38 -36.78
C GLU A 281 -22.40 -18.63 -36.88
N PHE A 282 -22.71 -19.69 -36.14
CA PHE A 282 -21.91 -20.90 -36.20
C PHE A 282 -22.12 -21.65 -37.51
N ALA A 283 -23.30 -21.50 -38.12
CA ALA A 283 -23.58 -22.22 -39.37
C ALA A 283 -22.68 -21.76 -40.50
N ARG A 284 -22.30 -20.49 -40.51
CA ARG A 284 -21.45 -19.94 -41.55
C ARG A 284 -19.97 -19.97 -41.20
N TYR A 285 -19.60 -20.54 -40.06
CA TYR A 285 -18.22 -20.59 -39.62
C TYR A 285 -17.57 -21.90 -40.08
N THR A 286 -16.45 -21.78 -40.80
CA THR A 286 -15.65 -22.92 -41.20
C THR A 286 -14.29 -22.84 -40.51
N THR A 287 -13.76 -23.99 -40.12
CA THR A 287 -12.51 -24.02 -39.39
C THR A 287 -11.38 -23.44 -40.24
N PRO A 288 -10.52 -22.59 -39.68
CA PRO A 288 -9.46 -21.97 -40.48
C PRO A 288 -8.44 -23.00 -40.94
N GLU A 289 -7.87 -22.73 -42.11
CA GLU A 289 -6.85 -23.61 -42.67
C GLU A 289 -5.54 -23.47 -41.91
N ASP A 290 -4.77 -24.56 -41.89
CA ASP A 290 -3.49 -24.62 -41.18
C ASP A 290 -3.66 -24.26 -39.70
N ALA A 291 -4.76 -24.74 -39.11
CA ALA A 291 -5.01 -24.54 -37.69
C ALA A 291 -4.45 -25.66 -36.83
N THR A 292 -3.78 -26.64 -37.43
CA THR A 292 -3.18 -27.78 -36.77
C THR A 292 -4.18 -28.51 -35.88
N PRO A 293 -5.20 -29.17 -36.46
CA PRO A 293 -6.11 -29.97 -35.64
C PRO A 293 -5.37 -31.16 -35.03
N GLU A 294 -5.84 -31.58 -33.87
CA GLU A 294 -5.21 -32.69 -33.16
C GLU A 294 -5.47 -33.98 -33.94
N PRO A 295 -4.44 -34.75 -34.27
CA PRO A 295 -4.65 -35.95 -35.11
C PRO A 295 -5.46 -37.00 -34.39
N GLY A 296 -6.56 -37.42 -35.01
CA GLY A 296 -7.48 -38.37 -34.42
C GLY A 296 -8.74 -37.75 -33.83
N GLU A 297 -8.93 -36.44 -34.00
CA GLU A 297 -10.11 -35.75 -33.51
C GLU A 297 -11.10 -35.56 -34.65
N ASP A 298 -12.40 -35.65 -34.31
CA ASP A 298 -13.43 -35.44 -35.32
C ASP A 298 -13.40 -34.00 -35.83
N PRO A 299 -13.64 -33.78 -37.12
CA PRO A 299 -13.65 -32.41 -37.63
C PRO A 299 -14.71 -31.53 -36.99
N ARG A 300 -15.87 -32.09 -36.65
CA ARG A 300 -16.91 -31.30 -35.99
C ARG A 300 -16.46 -30.85 -34.61
N VAL A 301 -15.81 -31.74 -33.86
CA VAL A 301 -15.33 -31.37 -32.52
C VAL A 301 -14.28 -30.29 -32.60
N THR A 302 -13.35 -30.42 -33.55
CA THR A 302 -12.32 -29.40 -33.73
C THR A 302 -12.94 -28.06 -34.12
N ARG A 303 -13.93 -28.10 -35.02
CA ARG A 303 -14.60 -26.87 -35.43
C ARG A 303 -15.29 -26.20 -34.25
N ALA A 304 -16.00 -26.99 -33.43
CA ALA A 304 -16.68 -26.43 -32.27
C ALA A 304 -15.69 -25.84 -31.27
N LYS A 305 -14.60 -26.56 -30.99
CA LYS A 305 -13.60 -26.06 -30.05
C LYS A 305 -12.97 -24.77 -30.55
N TYR A 306 -12.63 -24.72 -31.83
CA TYR A 306 -12.02 -23.51 -32.38
C TYR A 306 -13.00 -22.36 -32.38
N PHE A 307 -14.29 -22.63 -32.63
CA PHE A 307 -15.29 -21.56 -32.54
C PHE A 307 -15.41 -21.03 -31.12
N ILE A 308 -15.40 -21.92 -30.13
CA ILE A 308 -15.52 -21.49 -28.74
C ILE A 308 -14.31 -20.66 -28.34
N ARG A 309 -13.10 -21.07 -28.76
CA ARG A 309 -11.92 -20.27 -28.47
C ARG A 309 -11.93 -18.95 -29.23
N LYS A 310 -12.50 -18.95 -30.44
CA LYS A 310 -12.64 -17.73 -31.23
C LYS A 310 -13.52 -16.72 -30.50
N GLU A 311 -14.62 -17.19 -29.91
CA GLU A 311 -15.53 -16.31 -29.20
C GLU A 311 -14.85 -15.57 -28.07
N PHE A 312 -13.83 -16.17 -27.45
CA PHE A 312 -13.11 -15.52 -26.36
C PHE A 312 -11.93 -14.70 -26.84
N VAL A 313 -11.23 -15.14 -27.89
CA VAL A 313 -10.12 -14.34 -28.38
C VAL A 313 -10.59 -13.06 -29.04
N ASP A 314 -11.85 -13.01 -29.51
CA ASP A 314 -12.39 -11.74 -29.99
C ASP A 314 -12.41 -10.70 -28.88
N ILE A 315 -12.93 -11.07 -27.71
CA ILE A 315 -12.89 -10.15 -26.57
C ILE A 315 -11.46 -9.89 -26.13
N SER A 316 -10.59 -10.90 -26.23
CA SER A 316 -9.20 -10.73 -25.82
C SER A 316 -8.50 -9.66 -26.65
N THR A 317 -8.69 -9.69 -27.96
CA THR A 317 -8.01 -8.76 -28.87
C THR A 317 -8.83 -7.53 -29.22
N ALA A 318 -10.05 -7.41 -28.70
CA ALA A 318 -10.88 -6.26 -29.03
C ALA A 318 -10.28 -4.96 -28.51
N SER A 319 -9.81 -4.96 -27.25
CA SER A 319 -9.24 -3.76 -26.68
C SER A 319 -8.00 -4.03 -25.83
N GLY A 320 -7.31 -5.16 -26.06
CA GLY A 320 -6.13 -5.46 -25.29
C GLY A 320 -5.01 -4.47 -25.51
N ASP A 321 -4.75 -4.12 -26.78
CA ASP A 321 -3.72 -3.17 -27.20
C ASP A 321 -2.32 -3.61 -26.82
N GLY A 322 -2.14 -4.86 -26.38
CA GLY A 322 -0.84 -5.38 -26.01
C GLY A 322 -0.44 -5.17 -24.56
N ARG A 323 -1.23 -4.40 -23.79
CA ARG A 323 -0.91 -4.22 -22.38
C ARG A 323 -1.06 -5.52 -21.62
N HIS A 324 -2.10 -6.29 -21.90
CA HIS A 324 -2.30 -7.61 -21.32
C HIS A 324 -2.86 -8.53 -22.38
N ILE A 325 -2.54 -9.82 -22.25
CA ILE A 325 -2.90 -10.82 -23.25
C ILE A 325 -3.54 -12.02 -22.56
N CYS A 326 -4.23 -12.83 -23.36
CA CYS A 326 -4.96 -13.99 -22.88
C CYS A 326 -4.36 -15.26 -23.47
N TYR A 327 -4.37 -16.34 -22.68
CA TYR A 327 -3.79 -17.62 -23.09
C TYR A 327 -4.87 -18.68 -23.09
N PRO A 328 -5.48 -18.96 -24.24
CA PRO A 328 -6.56 -19.97 -24.27
C PRO A 328 -6.00 -21.38 -24.16
N HIS A 329 -6.58 -22.17 -23.26
CA HIS A 329 -6.17 -23.54 -23.03
C HIS A 329 -7.39 -24.44 -22.96
N PHE A 330 -7.22 -25.70 -23.38
CA PHE A 330 -8.24 -26.72 -23.28
C PHE A 330 -7.88 -27.68 -22.15
N THR A 331 -8.84 -27.94 -21.27
CA THR A 331 -8.61 -28.81 -20.12
C THR A 331 -9.64 -29.93 -20.12
N CYS A 332 -9.21 -31.11 -19.72
CA CYS A 332 -10.08 -32.27 -19.63
C CYS A 332 -10.53 -32.46 -18.18
N SER A 333 -11.30 -33.53 -17.96
CA SER A 333 -11.77 -33.82 -16.61
C SER A 333 -10.61 -34.16 -15.67
N VAL A 334 -9.66 -34.96 -16.15
CA VAL A 334 -8.49 -35.37 -15.35
C VAL A 334 -7.27 -35.15 -16.23
N ASP A 335 -6.62 -33.99 -16.06
CA ASP A 335 -5.40 -33.65 -16.78
C ASP A 335 -4.34 -33.27 -15.77
N THR A 336 -3.15 -33.84 -15.92
CA THR A 336 -2.05 -33.62 -15.00
C THR A 336 -1.06 -32.56 -15.47
N GLU A 337 -1.33 -31.91 -16.60
CA GLU A 337 -0.42 -30.93 -17.18
C GLU A 337 -0.81 -29.49 -16.90
N ASN A 338 -1.81 -29.26 -16.04
CA ASN A 338 -2.29 -27.90 -15.81
C ASN A 338 -1.24 -27.05 -15.13
N ALA A 339 -0.48 -27.63 -14.20
CA ALA A 339 0.57 -26.87 -13.51
C ALA A 339 1.63 -26.40 -14.49
N ARG A 340 2.02 -27.26 -15.44
CA ARG A 340 3.00 -26.86 -16.44
C ARG A 340 2.47 -25.74 -17.33
N ARG A 341 1.19 -25.82 -17.70
CA ARG A 341 0.59 -24.75 -18.50
C ARG A 341 0.60 -23.43 -17.75
N ILE A 342 0.22 -23.45 -16.47
CA ILE A 342 0.24 -22.23 -15.68
C ILE A 342 1.65 -21.68 -15.57
N PHE A 343 2.63 -22.57 -15.36
CA PHE A 343 4.02 -22.13 -15.24
C PHE A 343 4.52 -21.48 -16.53
N ASN A 344 4.21 -22.08 -17.68
CA ASN A 344 4.65 -21.51 -18.95
C ASN A 344 3.96 -20.17 -19.22
N ASP A 345 2.66 -20.08 -18.93
CA ASP A 345 1.97 -18.81 -19.12
C ASP A 345 2.53 -17.72 -18.23
N CYS A 346 2.85 -18.06 -16.97
CA CYS A 346 3.45 -17.08 -16.07
C CYS A 346 4.84 -16.67 -16.55
N LYS A 347 5.62 -17.62 -17.07
CA LYS A 347 6.92 -17.28 -17.62
C LYS A 347 6.80 -16.28 -18.76
N ASP A 348 5.83 -16.52 -19.67
CA ASP A 348 5.61 -15.57 -20.77
C ASP A 348 5.14 -14.22 -20.24
N ILE A 349 4.30 -14.21 -19.21
CA ILE A 349 3.81 -12.97 -18.65
C ILE A 349 4.96 -12.13 -18.08
N ILE A 350 5.84 -12.78 -17.31
CA ILE A 350 6.97 -12.06 -16.74
C ILE A 350 7.93 -11.61 -17.83
N LEU A 351 8.11 -12.43 -18.87
CA LEU A 351 8.99 -12.03 -19.96
C LEU A 351 8.45 -10.79 -20.66
N GLN A 352 7.14 -10.74 -20.92
CA GLN A 352 6.55 -9.56 -21.55
C GLN A 352 6.66 -8.35 -20.64
N MET A 353 6.47 -8.52 -19.34
CA MET A 353 6.61 -7.41 -18.41
C MET A 353 8.03 -6.85 -18.44
N ASN A 354 9.03 -7.74 -18.43
CA ASN A 354 10.42 -7.29 -18.47
C ASN A 354 10.75 -6.61 -19.78
N LEU A 355 10.22 -7.13 -20.89
CA LEU A 355 10.43 -6.47 -22.18
C LEU A 355 9.84 -5.07 -22.18
N ARG A 356 8.64 -4.91 -21.62
CA ARG A 356 8.02 -3.59 -21.56
C ARG A 356 8.78 -2.66 -20.63
N GLU A 357 9.45 -3.21 -19.60
CA GLU A 357 10.18 -2.37 -18.66
C GLU A 357 11.33 -1.63 -19.36
N TYR A 358 12.10 -2.33 -20.19
CA TYR A 358 13.26 -1.75 -20.87
C TYR A 358 12.88 -1.01 -22.14
N ASN A 359 11.59 -0.80 -22.40
CA ASN A 359 11.10 -0.14 -23.60
C ASN A 359 11.48 -0.89 -24.87
N LEU A 360 11.79 -2.18 -24.76
CA LEU A 360 12.14 -2.97 -25.93
C LEU A 360 10.94 -3.14 -26.85
N VAL A 361 9.77 -3.46 -26.28
CA VAL A 361 8.55 -3.60 -27.06
C VAL A 361 7.47 -2.70 -26.47
N SER B 24 -54.57 -6.64 -6.24
CA SER B 24 -53.66 -7.61 -5.63
C SER B 24 -52.96 -7.03 -4.42
N GLU B 25 -52.58 -7.91 -3.48
CA GLU B 25 -51.88 -7.46 -2.28
C GLU B 25 -50.51 -6.88 -2.62
N LEU B 26 -49.79 -7.51 -3.57
CA LEU B 26 -48.47 -7.02 -3.96
C LEU B 26 -48.56 -5.63 -4.57
N ASP B 27 -49.49 -5.43 -5.51
CA ASP B 27 -49.65 -4.14 -6.16
C ASP B 27 -50.14 -3.09 -5.16
N GLN B 28 -51.02 -3.49 -4.24
CA GLN B 28 -51.48 -2.57 -3.21
C GLN B 28 -50.33 -2.12 -2.32
N LEU B 29 -49.45 -3.06 -1.93
CA LEU B 29 -48.30 -2.70 -1.11
C LEU B 29 -47.35 -1.78 -1.87
N ARG B 30 -47.11 -2.05 -3.15
CA ARG B 30 -46.26 -1.17 -3.94
C ARG B 30 -46.87 0.23 -4.07
N GLN B 31 -48.18 0.31 -4.27
CA GLN B 31 -48.84 1.61 -4.34
C GLN B 31 -48.74 2.35 -3.02
N GLU B 32 -48.90 1.64 -1.90
CA GLU B 32 -48.75 2.26 -0.59
C GLU B 32 -47.33 2.79 -0.39
N ALA B 33 -46.33 2.01 -0.81
CA ALA B 33 -44.95 2.46 -0.70
C ALA B 33 -44.71 3.71 -1.54
N GLU B 34 -45.25 3.73 -2.77
CA GLU B 34 -45.11 4.91 -3.60
C GLU B 34 -45.79 6.13 -2.97
N GLN B 35 -46.97 5.92 -2.37
CA GLN B 35 -47.67 7.01 -1.71
C GLN B 35 -46.85 7.55 -0.54
N LEU B 36 -46.27 6.65 0.26
CA LEU B 36 -45.45 7.08 1.39
C LEU B 36 -44.22 7.85 0.91
N LYS B 37 -43.57 7.37 -0.15
CA LYS B 37 -42.41 8.09 -0.69
C LYS B 37 -42.81 9.46 -1.20
N ASN B 38 -43.95 9.56 -1.87
CA ASN B 38 -44.43 10.86 -2.34
C ASN B 38 -44.71 11.80 -1.18
N GLN B 39 -45.30 11.28 -0.11
CA GLN B 39 -45.56 12.12 1.07
C GLN B 39 -44.27 12.60 1.70
N ILE B 40 -43.26 11.73 1.79
CA ILE B 40 -41.98 12.11 2.36
C ILE B 40 -41.33 13.20 1.51
N ARG B 41 -41.35 13.02 0.18
CA ARG B 41 -40.77 14.03 -0.70
C ARG B 41 -41.52 15.35 -0.61
N ASP B 42 -42.85 15.29 -0.49
CA ASP B 42 -43.63 16.52 -0.37
C ASP B 42 -43.31 17.25 0.93
N ALA B 43 -43.16 16.51 2.03
CA ALA B 43 -42.79 17.14 3.29
C ALA B 43 -41.40 17.77 3.20
N ARG B 44 -40.44 17.06 2.60
CA ARG B 44 -39.10 17.61 2.44
C ARG B 44 -39.13 18.87 1.59
N LYS B 45 -39.89 18.88 0.51
CA LYS B 45 -40.02 20.08 -0.31
C LYS B 45 -40.69 21.22 0.45
N ALA B 46 -41.65 20.89 1.31
CA ALA B 46 -42.29 21.91 2.13
C ALA B 46 -41.28 22.55 3.09
N CYS B 47 -40.38 21.75 3.64
CA CYS B 47 -39.37 22.29 4.55
C CYS B 47 -38.25 23.02 3.81
N ALA B 48 -38.19 22.95 2.49
CA ALA B 48 -37.13 23.59 1.71
C ALA B 48 -37.40 25.09 1.62
N ASP B 49 -37.00 25.80 2.67
CA ASP B 49 -37.21 27.25 2.71
C ASP B 49 -36.24 27.96 1.77
N ALA B 50 -34.95 27.83 2.01
CA ALA B 50 -33.94 28.45 1.17
C ALA B 50 -32.70 27.56 1.16
N THR B 51 -31.94 27.63 0.08
CA THR B 51 -30.78 26.78 -0.08
C THR B 51 -29.64 27.24 0.81
N LEU B 52 -28.74 26.31 1.11
CA LEU B 52 -27.57 26.64 1.93
C LEU B 52 -26.66 27.62 1.20
N SER B 53 -26.54 27.49 -0.12
CA SER B 53 -25.67 28.39 -0.88
C SER B 53 -26.18 29.82 -0.84
N GLN B 54 -27.50 30.02 -0.86
CA GLN B 54 -28.05 31.37 -0.81
C GLN B 54 -27.74 32.04 0.52
N ILE B 55 -27.84 31.29 1.63
CA ILE B 55 -27.66 31.87 2.95
C ILE B 55 -26.19 32.25 3.16
N THR B 56 -25.27 31.36 2.81
CA THR B 56 -23.84 31.61 2.96
C THR B 56 -23.29 32.11 1.63
N ASN B 57 -23.53 33.39 1.36
CA ASN B 57 -22.98 34.05 0.19
C ASN B 57 -22.27 35.36 0.50
N ASN B 58 -22.53 35.98 1.64
CA ASN B 58 -21.86 37.20 2.04
C ASN B 58 -20.64 36.95 2.93
N ILE B 59 -20.36 35.70 3.29
CA ILE B 59 -19.21 35.38 4.12
C ILE B 59 -17.95 35.38 3.26
N ASP B 60 -16.84 35.74 3.88
CA ASP B 60 -15.58 35.85 3.15
C ASP B 60 -15.09 34.46 2.73
N PRO B 61 -14.66 34.29 1.49
CA PRO B 61 -14.10 32.99 1.08
C PRO B 61 -12.76 32.74 1.75
N VAL B 62 -12.45 31.45 1.90
CA VAL B 62 -11.19 31.06 2.54
C VAL B 62 -10.00 31.50 1.70
N GLY B 63 -10.08 31.32 0.38
CA GLY B 63 -8.99 31.72 -0.49
C GLY B 63 -8.22 30.54 -1.03
N ARG B 64 -6.90 30.55 -0.85
CA ARG B 64 -6.03 29.47 -1.29
C ARG B 64 -5.53 28.70 -0.07
N ILE B 65 -5.71 27.39 -0.07
CA ILE B 65 -5.24 26.55 1.02
C ILE B 65 -4.10 25.68 0.52
N GLN B 66 -2.87 26.14 0.74
CA GLN B 66 -1.67 25.43 0.29
C GLN B 66 -1.12 24.64 1.46
N MET B 67 -1.12 23.31 1.33
CA MET B 67 -0.60 22.41 2.33
C MET B 67 0.58 21.65 1.75
N ARG B 68 1.65 21.56 2.53
CA ARG B 68 2.88 20.90 2.10
C ARG B 68 3.11 19.63 2.91
N THR B 69 3.80 18.67 2.29
CA THR B 69 4.13 17.43 2.96
C THR B 69 5.23 17.65 3.99
N ARG B 70 5.00 17.15 5.20
CA ARG B 70 6.00 17.20 6.27
C ARG B 70 6.71 15.87 6.48
N ARG B 71 5.98 14.76 6.39
CA ARG B 71 6.55 13.44 6.59
C ARG B 71 6.07 12.49 5.52
N THR B 72 6.94 11.54 5.17
CA THR B 72 6.59 10.43 4.28
C THR B 72 7.00 9.14 4.97
N LEU B 73 6.05 8.24 5.18
CA LEU B 73 6.29 7.01 5.93
C LEU B 73 6.36 5.84 4.96
N ARG B 74 7.48 5.14 4.96
CA ARG B 74 7.72 4.00 4.10
C ARG B 74 7.91 2.74 4.92
N GLY B 75 7.64 1.60 4.31
CA GLY B 75 7.77 0.32 5.00
C GLY B 75 6.68 -0.67 4.65
N HIS B 76 5.73 -0.26 3.83
CA HIS B 76 4.67 -1.14 3.36
C HIS B 76 5.05 -1.71 2.00
N LEU B 77 4.86 -3.02 1.84
CA LEU B 77 5.26 -3.72 0.63
C LEU B 77 4.17 -3.79 -0.43
N ALA B 78 3.01 -3.22 -0.17
CA ALA B 78 1.90 -3.28 -1.12
C ALA B 78 1.01 -2.07 -0.90
N LYS B 79 -0.17 -2.09 -1.52
CA LYS B 79 -1.09 -0.97 -1.44
C LYS B 79 -1.66 -0.84 -0.03
N ILE B 80 -1.93 0.40 0.36
CA ILE B 80 -2.49 0.72 1.67
C ILE B 80 -4.00 0.84 1.53
N TYR B 81 -4.75 0.11 2.37
CA TYR B 81 -6.20 0.16 2.30
C TYR B 81 -6.84 0.95 3.43
N ALA B 82 -6.18 1.10 4.57
CA ALA B 82 -6.82 1.75 5.70
C ALA B 82 -5.78 2.44 6.56
N MET B 83 -6.26 3.33 7.43
CA MET B 83 -5.45 4.12 8.33
C MET B 83 -6.37 4.76 9.37
N HIS B 84 -5.82 5.02 10.55
CA HIS B 84 -6.60 5.62 11.62
C HIS B 84 -5.66 6.25 12.65
N TRP B 85 -5.91 7.51 12.98
CA TRP B 85 -5.18 8.16 14.04
C TRP B 85 -5.62 7.63 15.41
N GLY B 86 -4.73 7.75 16.38
CA GLY B 86 -5.12 7.52 17.75
C GLY B 86 -5.86 8.71 18.33
N THR B 87 -6.38 8.52 19.55
CA THR B 87 -7.05 9.63 20.22
C THR B 87 -6.09 10.79 20.44
N ASP B 88 -4.86 10.49 20.84
CA ASP B 88 -3.79 11.48 20.76
C ASP B 88 -3.39 11.65 19.29
N SER B 89 -2.98 12.86 18.95
CA SER B 89 -2.73 13.24 17.57
C SER B 89 -1.33 12.87 17.08
N ARG B 90 -0.66 11.92 17.74
CA ARG B 90 0.71 11.56 17.42
C ARG B 90 0.83 10.17 16.80
N LEU B 91 0.29 9.14 17.44
CA LEU B 91 0.42 7.78 16.95
C LEU B 91 -0.59 7.51 15.85
N LEU B 92 -0.23 6.60 14.94
CA LEU B 92 -1.05 6.27 13.80
C LEU B 92 -0.92 4.78 13.50
N VAL B 93 -1.92 4.22 12.83
CA VAL B 93 -1.90 2.82 12.42
C VAL B 93 -2.32 2.73 10.96
N SER B 94 -1.69 1.84 10.21
CA SER B 94 -1.98 1.68 8.79
C SER B 94 -1.99 0.21 8.42
N ALA B 95 -2.78 -0.13 7.40
CA ALA B 95 -2.98 -1.50 6.96
C ALA B 95 -2.65 -1.63 5.49
N SER B 96 -1.84 -2.64 5.15
CA SER B 96 -1.45 -2.89 3.78
C SER B 96 -1.66 -4.36 3.43
N GLN B 97 -2.07 -4.58 2.17
CA GLN B 97 -2.49 -5.88 1.65
C GLN B 97 -1.34 -6.85 1.43
N ASP B 98 -0.10 -6.45 1.69
CA ASP B 98 0.95 -7.45 1.83
C ASP B 98 0.77 -8.26 3.11
N GLY B 99 -0.16 -7.85 3.97
CA GLY B 99 -0.46 -8.56 5.19
C GLY B 99 0.16 -7.90 6.40
N LYS B 100 0.11 -6.56 6.47
CA LYS B 100 0.83 -5.86 7.52
C LYS B 100 -0.04 -4.78 8.17
N LEU B 101 0.11 -4.64 9.48
CA LEU B 101 -0.50 -3.56 10.26
C LEU B 101 0.64 -2.86 10.99
N ILE B 102 1.00 -1.65 10.53
CA ILE B 102 2.16 -0.95 11.06
C ILE B 102 1.71 0.27 11.84
N ILE B 103 2.27 0.43 13.04
CA ILE B 103 1.99 1.57 13.90
C ILE B 103 3.16 2.54 13.81
N TRP B 104 2.86 3.79 13.50
CA TRP B 104 3.87 4.82 13.29
C TRP B 104 3.79 5.90 14.36
N ASP B 105 4.96 6.37 14.78
CA ASP B 105 5.07 7.61 15.55
C ASP B 105 5.33 8.72 14.54
N SER B 106 4.28 9.47 14.22
CA SER B 106 4.34 10.40 13.09
C SER B 106 5.35 11.52 13.31
N TYR B 107 5.59 11.90 14.58
CA TYR B 107 6.51 13.00 14.85
C TYR B 107 7.93 12.66 14.41
N THR B 108 8.39 11.44 14.67
CA THR B 108 9.75 11.03 14.36
C THR B 108 9.80 9.95 13.28
N THR B 109 8.67 9.63 12.65
CA THR B 109 8.57 8.61 11.60
C THR B 109 8.96 7.23 12.08
N ASN B 110 9.10 7.03 13.40
CA ASN B 110 9.51 5.75 13.93
C ASN B 110 8.39 4.72 13.82
N LYS B 111 8.78 3.45 13.78
CA LYS B 111 7.84 2.34 13.75
C LYS B 111 7.74 1.74 15.15
N VAL B 112 6.56 1.81 15.75
CA VAL B 112 6.35 1.30 17.10
C VAL B 112 6.03 -0.19 17.07
N HIS B 113 5.19 -0.63 16.13
CA HIS B 113 4.80 -2.04 16.05
C HIS B 113 4.61 -2.41 14.58
N ALA B 114 4.80 -3.69 14.29
CA ALA B 114 4.55 -4.23 12.96
C ALA B 114 3.91 -5.60 13.13
N ILE B 115 2.57 -5.65 13.05
CA ILE B 115 1.80 -6.86 13.32
C ILE B 115 1.52 -7.54 12.00
N PRO B 116 2.03 -8.75 11.75
CA PRO B 116 1.57 -9.52 10.60
C PRO B 116 0.18 -10.08 10.85
N LEU B 117 -0.54 -10.30 9.76
CA LEU B 117 -1.92 -10.77 9.81
C LEU B 117 -2.03 -12.19 9.26
N ARG B 118 -3.03 -12.92 9.76
CA ARG B 118 -3.27 -14.27 9.25
C ARG B 118 -3.70 -14.25 7.79
N SER B 119 -4.52 -13.27 7.41
CA SER B 119 -4.99 -13.13 6.04
C SER B 119 -4.40 -11.85 5.44
N SER B 120 -3.89 -11.95 4.21
CA SER B 120 -3.25 -10.81 3.58
C SER B 120 -4.24 -9.76 3.11
N TRP B 121 -5.47 -10.16 2.82
CA TRP B 121 -6.48 -9.25 2.27
C TRP B 121 -7.16 -8.53 3.43
N VAL B 122 -6.70 -7.31 3.72
CA VAL B 122 -7.24 -6.48 4.79
C VAL B 122 -7.75 -5.18 4.16
N MET B 123 -9.01 -4.85 4.43
CA MET B 123 -9.67 -3.71 3.83
C MET B 123 -10.02 -2.61 4.83
N THR B 124 -9.75 -2.82 6.12
CA THR B 124 -10.10 -1.84 7.13
C THR B 124 -9.13 -1.93 8.28
N CYS B 125 -9.11 -0.87 9.10
CA CYS B 125 -8.23 -0.78 10.25
C CYS B 125 -8.81 0.22 11.23
N ALA B 126 -8.73 -0.11 12.52
CA ALA B 126 -9.26 0.74 13.57
C ALA B 126 -8.26 0.84 14.71
N TYR B 127 -8.35 1.94 15.46
CA TYR B 127 -7.50 2.18 16.62
C TYR B 127 -8.41 2.49 17.79
N ALA B 128 -8.23 1.76 18.89
CA ALA B 128 -9.11 1.93 20.04
C ALA B 128 -8.95 3.33 20.62
N PRO B 129 -10.02 3.95 21.11
CA PRO B 129 -9.89 5.28 21.72
C PRO B 129 -9.02 5.29 22.97
N SER B 130 -8.87 4.15 23.64
CA SER B 130 -8.00 4.05 24.81
C SER B 130 -6.55 3.76 24.43
N GLY B 131 -6.28 3.42 23.18
CA GLY B 131 -4.93 3.12 22.75
C GLY B 131 -4.43 1.75 23.13
N ASN B 132 -5.28 0.89 23.71
CA ASN B 132 -4.88 -0.42 24.15
C ASN B 132 -5.11 -1.52 23.12
N TYR B 133 -5.95 -1.26 22.12
CA TYR B 133 -6.33 -2.28 21.15
C TYR B 133 -6.29 -1.70 19.74
N VAL B 134 -6.16 -2.60 18.77
CA VAL B 134 -6.38 -2.28 17.36
C VAL B 134 -7.28 -3.36 16.77
N ALA B 135 -7.84 -3.07 15.60
CA ALA B 135 -8.72 -4.03 14.94
C ALA B 135 -8.52 -3.95 13.43
N CYS B 136 -8.82 -5.06 12.76
CA CYS B 136 -8.71 -5.09 11.30
C CYS B 136 -9.52 -6.26 10.75
N GLY B 137 -10.03 -6.07 9.53
CA GLY B 137 -10.78 -7.10 8.86
C GLY B 137 -10.57 -6.99 7.36
N GLY B 138 -11.08 -7.97 6.62
CA GLY B 138 -10.89 -7.96 5.19
C GLY B 138 -11.77 -8.92 4.42
N LEU B 139 -11.20 -9.56 3.40
CA LEU B 139 -11.97 -10.50 2.58
C LEU B 139 -12.48 -11.66 3.41
N ASP B 140 -11.66 -12.17 4.33
CA ASP B 140 -12.17 -13.10 5.32
C ASP B 140 -13.21 -12.40 6.19
N ASN B 141 -14.34 -13.06 6.40
CA ASN B 141 -15.46 -12.45 7.11
C ASN B 141 -15.22 -12.52 8.63
N ILE B 142 -14.09 -11.96 9.04
CA ILE B 142 -13.63 -12.02 10.42
C ILE B 142 -13.01 -10.67 10.78
N CYS B 143 -13.35 -10.17 11.97
CA CYS B 143 -12.73 -8.97 12.52
C CYS B 143 -11.79 -9.38 13.65
N SER B 144 -10.51 -9.09 13.48
CA SER B 144 -9.50 -9.47 14.45
C SER B 144 -9.11 -8.27 15.30
N ILE B 145 -9.14 -8.45 16.62
CA ILE B 145 -8.79 -7.42 17.59
C ILE B 145 -7.50 -7.83 18.27
N TYR B 146 -6.49 -6.98 18.19
CA TYR B 146 -5.16 -7.22 18.71
C TYR B 146 -4.91 -6.35 19.93
N ASN B 147 -4.32 -6.96 20.97
CA ASN B 147 -4.03 -6.29 22.22
C ASN B 147 -2.61 -5.73 22.17
N LEU B 148 -2.48 -4.43 22.43
CA LEU B 148 -1.18 -3.75 22.33
C LEU B 148 -0.39 -3.79 23.63
N LYS B 149 -1.06 -3.68 24.78
CA LYS B 149 -0.40 -3.63 26.08
C LYS B 149 -0.44 -5.02 26.70
N THR B 150 0.66 -5.77 26.55
CA THR B 150 0.79 -7.11 27.07
C THR B 150 2.01 -7.20 27.98
N ARG B 151 1.90 -8.00 29.03
CA ARG B 151 3.02 -8.21 29.93
C ARG B 151 4.14 -9.03 29.30
N GLU B 152 3.90 -9.65 28.14
CA GLU B 152 4.91 -10.42 27.45
C GLU B 152 5.68 -9.61 26.41
N GLY B 153 5.29 -8.37 26.17
CA GLY B 153 6.03 -7.50 25.27
C GLY B 153 5.75 -7.69 23.80
N ASN B 154 4.79 -8.54 23.44
CA ASN B 154 4.44 -8.77 22.05
C ASN B 154 2.94 -8.58 21.86
N VAL B 155 2.56 -8.23 20.62
CA VAL B 155 1.17 -8.00 20.28
C VAL B 155 0.54 -9.34 19.92
N ARG B 156 -0.56 -9.69 20.60
CA ARG B 156 -1.28 -10.93 20.37
C ARG B 156 -2.62 -10.65 19.70
N VAL B 157 -3.30 -11.73 19.32
CA VAL B 157 -4.65 -11.64 18.77
C VAL B 157 -5.60 -11.81 19.95
N SER B 158 -6.14 -10.70 20.45
CA SER B 158 -7.02 -10.76 21.61
C SER B 158 -8.32 -11.46 21.27
N ARG B 159 -8.92 -11.14 20.13
CA ARG B 159 -10.22 -11.70 19.79
C ARG B 159 -10.35 -11.83 18.29
N GLU B 160 -11.24 -12.73 17.87
CA GLU B 160 -11.57 -12.91 16.45
C GLU B 160 -13.09 -13.07 16.36
N LEU B 161 -13.77 -12.04 15.89
CA LEU B 161 -15.22 -12.03 15.79
C LEU B 161 -15.63 -12.50 14.40
N ALA B 162 -16.44 -13.56 14.35
CA ALA B 162 -16.93 -14.13 13.10
C ALA B 162 -18.45 -14.20 13.12
N GLY B 163 -19.05 -14.25 11.94
CA GLY B 163 -20.49 -14.28 11.83
C GLY B 163 -21.00 -13.52 10.63
N HIS B 164 -20.19 -12.62 10.07
CA HIS B 164 -20.54 -11.95 8.84
C HIS B 164 -20.42 -12.92 7.66
N THR B 165 -21.17 -12.65 6.60
CA THR B 165 -21.15 -13.50 5.42
C THR B 165 -20.72 -12.63 4.25
N GLY B 166 -19.64 -11.87 4.44
CA GLY B 166 -19.12 -11.02 3.39
C GLY B 166 -17.88 -10.32 3.88
N TYR B 167 -17.18 -9.70 2.93
CA TYR B 167 -15.98 -8.95 3.27
C TYR B 167 -16.33 -7.77 4.18
N LEU B 168 -15.45 -7.51 5.15
CA LEU B 168 -15.65 -6.37 6.04
C LEU B 168 -15.11 -5.11 5.40
N SER B 169 -15.92 -4.05 5.38
CA SER B 169 -15.54 -2.79 4.77
C SER B 169 -15.06 -1.77 5.79
N CYS B 170 -15.65 -1.74 6.98
CA CYS B 170 -15.29 -0.75 7.98
C CYS B 170 -15.53 -1.32 9.37
N CYS B 171 -14.85 -0.73 10.36
CA CYS B 171 -15.03 -1.08 11.75
C CYS B 171 -14.59 0.10 12.60
N ARG B 172 -15.38 0.41 13.63
CA ARG B 172 -15.09 1.54 14.49
C ARG B 172 -15.29 1.13 15.95
N PHE B 173 -14.37 1.54 16.81
CA PHE B 173 -14.42 1.18 18.21
C PHE B 173 -15.36 2.12 18.96
N LEU B 174 -16.16 1.54 19.86
CA LEU B 174 -16.98 2.32 20.80
C LEU B 174 -16.29 2.45 22.15
N ASP B 175 -15.96 1.32 22.78
CA ASP B 175 -15.24 1.26 24.03
C ASP B 175 -14.15 0.21 23.92
N ASP B 176 -13.54 -0.17 25.04
CA ASP B 176 -12.63 -1.30 25.03
C ASP B 176 -13.34 -2.63 24.85
N ASN B 177 -14.68 -2.65 24.90
CA ASN B 177 -15.45 -3.88 24.87
C ASN B 177 -16.61 -3.83 23.88
N GLN B 178 -16.57 -2.91 22.92
CA GLN B 178 -17.65 -2.81 21.94
C GLN B 178 -17.09 -2.27 20.63
N ILE B 179 -17.69 -2.71 19.52
CA ILE B 179 -17.22 -2.33 18.20
C ILE B 179 -18.34 -2.56 17.20
N VAL B 180 -18.49 -1.62 16.26
CA VAL B 180 -19.47 -1.70 15.18
C VAL B 180 -18.74 -2.00 13.89
N THR B 181 -19.24 -2.99 13.16
CA THR B 181 -18.65 -3.42 11.90
C THR B 181 -19.69 -3.39 10.79
N SER B 182 -19.23 -3.13 9.58
CA SER B 182 -20.05 -3.19 8.38
C SER B 182 -19.38 -4.14 7.40
N SER B 183 -20.17 -5.01 6.79
CA SER B 183 -19.63 -6.07 5.96
C SER B 183 -20.18 -6.01 4.54
N GLY B 184 -19.76 -6.97 3.72
CA GLY B 184 -20.19 -7.00 2.34
C GLY B 184 -21.68 -7.24 2.17
N ASP B 185 -22.28 -8.02 3.06
CA ASP B 185 -23.72 -8.16 3.05
C ASP B 185 -24.38 -6.86 3.48
N THR B 186 -25.70 -6.82 3.39
CA THR B 186 -26.42 -5.59 3.65
C THR B 186 -26.50 -5.23 5.13
N THR B 187 -25.79 -5.91 6.04
CA THR B 187 -25.97 -5.73 7.47
C THR B 187 -24.75 -5.11 8.11
N CYS B 188 -25.01 -4.37 9.19
CA CYS B 188 -23.99 -3.90 10.12
C CYS B 188 -24.29 -4.49 11.49
N ALA B 189 -23.26 -4.67 12.30
CA ALA B 189 -23.42 -5.35 13.57
C ALA B 189 -22.62 -4.67 14.68
N LEU B 190 -23.24 -4.55 15.84
CA LEU B 190 -22.56 -4.13 17.06
C LEU B 190 -22.25 -5.36 17.89
N TRP B 191 -20.96 -5.60 18.14
CA TRP B 191 -20.46 -6.82 18.75
C TRP B 191 -20.23 -6.63 20.24
N ASP B 192 -19.75 -7.71 20.87
CA ASP B 192 -19.34 -7.70 22.28
C ASP B 192 -18.00 -8.43 22.33
N ILE B 193 -16.91 -7.67 22.51
CA ILE B 193 -15.57 -8.24 22.39
C ILE B 193 -15.31 -9.28 23.46
N GLU B 194 -15.84 -9.08 24.66
CA GLU B 194 -15.61 -10.04 25.74
C GLU B 194 -16.21 -11.40 25.42
N THR B 195 -17.40 -11.42 24.81
CA THR B 195 -18.08 -12.67 24.50
C THR B 195 -18.01 -13.05 23.02
N GLY B 196 -17.75 -12.09 22.13
CA GLY B 196 -17.60 -12.39 20.72
C GLY B 196 -18.88 -12.48 19.92
N GLN B 197 -20.02 -12.18 20.52
CA GLN B 197 -21.31 -12.32 19.86
C GLN B 197 -21.90 -10.95 19.53
N GLN B 198 -22.60 -10.88 18.40
CA GLN B 198 -23.20 -9.64 17.94
C GLN B 198 -24.31 -9.23 18.91
N THR B 199 -24.09 -8.14 19.65
CA THR B 199 -25.13 -7.63 20.53
C THR B 199 -26.34 -7.15 19.72
N THR B 200 -26.10 -6.47 18.60
CA THR B 200 -27.18 -5.96 17.79
C THR B 200 -26.86 -6.13 16.30
N THR B 201 -27.91 -6.36 15.52
CA THR B 201 -27.81 -6.43 14.06
C THR B 201 -28.80 -5.45 13.46
N PHE B 202 -28.38 -4.74 12.41
CA PHE B 202 -29.16 -3.65 11.84
C PHE B 202 -29.93 -4.05 10.58
N THR B 203 -29.24 -4.62 9.59
CA THR B 203 -29.85 -5.30 8.45
C THR B 203 -30.97 -4.48 7.79
N GLY B 204 -30.58 -3.31 7.31
CA GLY B 204 -31.54 -2.45 6.64
C GLY B 204 -31.19 -2.08 5.21
N HIS B 205 -29.91 -2.16 4.87
CA HIS B 205 -29.45 -1.73 3.55
C HIS B 205 -29.84 -2.75 2.48
N THR B 206 -29.48 -2.45 1.24
CA THR B 206 -29.73 -3.31 0.10
C THR B 206 -28.44 -3.75 -0.60
N GLY B 207 -27.47 -2.86 -0.73
CA GLY B 207 -26.18 -3.19 -1.28
C GLY B 207 -25.12 -3.34 -0.22
N ASP B 208 -23.88 -3.51 -0.69
CA ASP B 208 -22.75 -3.64 0.23
C ASP B 208 -22.53 -2.34 0.98
N VAL B 209 -22.41 -2.43 2.31
CA VAL B 209 -22.10 -1.28 3.13
C VAL B 209 -20.60 -1.05 3.09
N MET B 210 -20.20 0.18 2.76
CA MET B 210 -18.79 0.49 2.52
C MET B 210 -18.15 1.37 3.58
N SER B 211 -18.94 2.07 4.40
CA SER B 211 -18.37 2.95 5.40
C SER B 211 -19.39 3.22 6.49
N LEU B 212 -18.89 3.70 7.63
CA LEU B 212 -19.73 4.14 8.73
C LEU B 212 -18.98 5.19 9.52
N SER B 213 -19.73 6.00 10.25
CA SER B 213 -19.15 7.11 11.00
C SER B 213 -19.88 7.24 12.33
N LEU B 214 -19.11 7.30 13.41
CA LEU B 214 -19.68 7.44 14.75
C LEU B 214 -19.88 8.91 15.09
N ALA B 215 -21.00 9.20 15.74
CA ALA B 215 -21.30 10.57 16.13
C ALA B 215 -20.38 11.00 17.28
N PRO B 216 -20.24 12.31 17.50
CA PRO B 216 -19.44 12.76 18.66
C PRO B 216 -19.86 12.15 19.98
N ASP B 217 -21.15 11.97 20.21
CA ASP B 217 -21.66 11.14 21.29
C ASP B 217 -22.20 9.85 20.68
N THR B 218 -21.74 8.70 21.19
CA THR B 218 -21.93 7.44 20.46
C THR B 218 -23.31 6.86 20.78
N ARG B 219 -24.33 7.52 20.24
CA ARG B 219 -25.69 7.01 20.27
C ARG B 219 -26.25 6.70 18.89
N LEU B 220 -25.85 7.46 17.89
CA LEU B 220 -26.28 7.28 16.51
C LEU B 220 -25.05 7.13 15.62
N PHE B 221 -25.24 6.45 14.49
CA PHE B 221 -24.16 6.35 13.51
C PHE B 221 -24.76 6.14 12.12
N VAL B 222 -24.07 6.66 11.12
CA VAL B 222 -24.54 6.61 9.73
C VAL B 222 -23.78 5.53 8.99
N SER B 223 -24.42 4.98 7.97
CA SER B 223 -23.80 3.96 7.12
C SER B 223 -24.14 4.26 5.67
N GLY B 224 -23.13 4.21 4.81
CA GLY B 224 -23.28 4.41 3.38
C GLY B 224 -23.04 3.09 2.65
N ALA B 225 -23.86 2.83 1.63
CA ALA B 225 -23.81 1.54 0.96
C ALA B 225 -23.81 1.70 -0.56
N CYS B 226 -23.96 0.59 -1.27
CA CYS B 226 -23.88 0.56 -2.72
C CYS B 226 -25.24 0.70 -3.39
N ASP B 227 -26.28 1.09 -2.64
CA ASP B 227 -27.58 1.42 -3.22
C ASP B 227 -27.81 2.93 -3.25
N ALA B 228 -26.73 3.72 -3.19
CA ALA B 228 -26.77 5.18 -3.27
C ALA B 228 -27.58 5.80 -2.14
N SER B 229 -27.70 5.12 -1.01
CA SER B 229 -28.48 5.60 0.11
C SER B 229 -27.66 5.50 1.39
N ALA B 230 -27.89 6.45 2.30
CA ALA B 230 -27.27 6.46 3.61
C ALA B 230 -28.35 6.28 4.67
N LYS B 231 -28.02 5.56 5.74
CA LYS B 231 -28.98 5.28 6.80
C LYS B 231 -28.41 5.70 8.14
N LEU B 232 -29.27 6.30 8.98
CA LEU B 232 -28.89 6.74 10.31
C LEU B 232 -29.51 5.79 11.33
N TRP B 233 -28.67 5.06 12.06
CA TRP B 233 -29.12 4.07 13.01
C TRP B 233 -28.88 4.54 14.44
N ASP B 234 -29.76 4.10 15.34
CA ASP B 234 -29.62 4.30 16.78
C ASP B 234 -28.95 3.06 17.36
N VAL B 235 -27.80 3.25 18.02
CA VAL B 235 -27.00 2.12 18.48
C VAL B 235 -27.75 1.33 19.55
N ARG B 236 -28.36 2.02 20.51
CA ARG B 236 -28.95 1.33 21.65
C ARG B 236 -30.18 0.51 21.25
N GLU B 237 -31.02 1.05 20.38
CA GLU B 237 -32.25 0.35 20.00
C GLU B 237 -32.10 -0.52 18.76
N GLY B 238 -31.04 -0.31 17.97
CA GLY B 238 -30.79 -1.14 16.81
C GLY B 238 -31.84 -1.03 15.72
N MET B 239 -32.24 0.21 15.40
CA MET B 239 -33.21 0.46 14.36
C MET B 239 -32.81 1.71 13.58
N CYS B 240 -33.34 1.83 12.37
CA CYS B 240 -33.00 2.94 11.49
C CYS B 240 -33.92 4.12 11.75
N ARG B 241 -33.34 5.32 11.75
CA ARG B 241 -34.09 6.54 11.98
C ARG B 241 -34.43 7.28 10.68
N GLN B 242 -33.43 7.58 9.86
CA GLN B 242 -33.65 8.32 8.62
C GLN B 242 -32.84 7.70 7.50
N THR B 243 -33.34 7.87 6.27
CA THR B 243 -32.68 7.41 5.07
C THR B 243 -32.51 8.58 4.11
N PHE B 244 -31.29 8.81 3.64
CA PHE B 244 -30.96 9.91 2.77
C PHE B 244 -30.58 9.38 1.40
N THR B 245 -31.23 9.91 0.36
CA THR B 245 -31.03 9.47 -1.03
C THR B 245 -30.88 10.70 -1.91
N GLY B 246 -29.64 11.09 -2.19
CA GLY B 246 -29.38 12.18 -3.10
C GLY B 246 -28.40 11.83 -4.20
N HIS B 247 -27.63 10.76 -3.98
CA HIS B 247 -26.55 10.40 -4.88
C HIS B 247 -27.11 9.71 -6.13
N GLU B 248 -26.20 9.26 -7.00
CA GLU B 248 -26.55 8.52 -8.21
C GLU B 248 -25.82 7.19 -8.35
N SER B 249 -24.83 6.90 -7.51
CA SER B 249 -24.05 5.67 -7.63
C SER B 249 -23.64 5.23 -6.24
N ASP B 250 -22.77 4.22 -6.18
CA ASP B 250 -22.35 3.65 -4.91
C ASP B 250 -21.60 4.67 -4.07
N ILE B 251 -21.85 4.65 -2.76
CA ILE B 251 -21.19 5.55 -1.82
C ILE B 251 -20.01 4.81 -1.20
N ASN B 252 -18.82 5.40 -1.31
CA ASN B 252 -17.59 4.75 -0.86
C ASN B 252 -17.03 5.35 0.42
N ALA B 253 -17.64 6.40 0.96
CA ALA B 253 -17.10 7.04 2.15
C ALA B 253 -18.19 7.84 2.84
N ILE B 254 -17.95 8.16 4.10
CA ILE B 254 -18.87 8.94 4.90
C ILE B 254 -18.09 9.55 6.06
N CYS B 255 -18.48 10.76 6.45
CA CYS B 255 -17.84 11.46 7.56
C CYS B 255 -18.88 12.33 8.24
N PHE B 256 -18.83 12.35 9.57
CA PHE B 256 -19.82 13.07 10.37
C PHE B 256 -19.31 14.47 10.67
N PHE B 257 -20.23 15.44 10.63
CA PHE B 257 -19.85 16.82 10.90
C PHE B 257 -19.36 16.95 12.34
N PRO B 258 -18.40 17.84 12.60
CA PRO B 258 -17.86 17.97 13.96
C PRO B 258 -18.90 18.28 15.02
N ASN B 259 -19.93 19.07 14.70
CA ASN B 259 -20.97 19.37 15.68
C ASN B 259 -22.00 18.27 15.81
N GLY B 260 -21.93 17.24 14.96
CA GLY B 260 -22.83 16.11 15.06
C GLY B 260 -24.23 16.33 14.55
N ASN B 261 -24.43 17.28 13.63
CA ASN B 261 -25.75 17.58 13.11
C ASN B 261 -25.80 17.54 11.59
N ALA B 262 -24.81 16.93 10.95
CA ALA B 262 -24.76 16.81 9.50
C ALA B 262 -23.69 15.79 9.15
N PHE B 263 -23.61 15.44 7.87
CA PHE B 263 -22.54 14.57 7.39
C PHE B 263 -22.35 14.78 5.90
N ALA B 264 -21.30 14.16 5.37
CA ALA B 264 -20.96 14.25 3.96
C ALA B 264 -20.71 12.86 3.39
N THR B 265 -21.01 12.71 2.11
CA THR B 265 -20.87 11.42 1.44
C THR B 265 -20.19 11.59 0.09
N GLY B 266 -19.28 10.68 -0.21
CA GLY B 266 -18.62 10.64 -1.51
C GLY B 266 -18.96 9.36 -2.24
N SER B 267 -19.16 9.45 -3.54
CA SER B 267 -19.70 8.35 -4.33
C SER B 267 -18.82 8.07 -5.54
N ASP B 268 -19.22 7.06 -6.31
CA ASP B 268 -18.48 6.69 -7.51
C ASP B 268 -18.54 7.80 -8.55
N ASP B 269 -19.69 8.47 -8.68
CA ASP B 269 -19.75 9.68 -9.48
C ASP B 269 -18.93 10.79 -8.82
N ALA B 270 -18.41 11.69 -9.63
CA ALA B 270 -17.55 12.74 -9.11
C ALA B 270 -18.35 13.78 -8.35
N THR B 271 -18.84 13.42 -7.17
CA THR B 271 -19.73 14.28 -6.41
C THR B 271 -19.62 13.99 -4.92
N CYS B 272 -19.57 15.05 -4.12
CA CYS B 272 -19.68 14.95 -2.67
C CYS B 272 -20.95 15.67 -2.24
N ARG B 273 -21.81 14.99 -1.49
CA ARG B 273 -23.08 15.58 -1.10
C ARG B 273 -23.13 15.75 0.40
N LEU B 274 -23.57 16.93 0.86
CA LEU B 274 -23.69 17.23 2.28
C LEU B 274 -25.14 17.10 2.69
N PHE B 275 -25.40 16.22 3.66
CA PHE B 275 -26.74 15.96 4.16
C PHE B 275 -26.88 16.47 5.59
N ASP B 276 -28.09 16.92 5.92
CA ASP B 276 -28.41 17.44 7.24
C ASP B 276 -29.31 16.46 7.97
N LEU B 277 -29.27 16.51 9.30
CA LEU B 277 -30.03 15.57 10.12
C LEU B 277 -31.38 16.14 10.55
N ARG B 278 -31.37 17.31 11.19
CA ARG B 278 -32.62 17.90 11.67
C ARG B 278 -33.54 18.24 10.51
N ALA B 279 -32.99 18.77 9.42
CA ALA B 279 -33.72 18.88 8.15
C ALA B 279 -33.33 17.65 7.31
N ASP B 280 -34.34 16.86 6.95
CA ASP B 280 -34.06 15.54 6.37
C ASP B 280 -33.31 15.65 5.05
N GLN B 281 -33.53 16.72 4.30
CA GLN B 281 -33.07 16.79 2.91
C GLN B 281 -31.58 17.07 2.83
N GLU B 282 -31.11 17.35 1.62
CA GLU B 282 -29.70 17.53 1.29
C GLU B 282 -29.37 19.02 1.17
N LEU B 283 -28.15 19.38 1.56
CA LEU B 283 -27.77 20.79 1.69
C LEU B 283 -26.98 21.31 0.49
N MET B 284 -25.85 20.68 0.16
CA MET B 284 -25.02 21.19 -0.92
C MET B 284 -24.35 20.05 -1.68
N THR B 285 -23.88 20.40 -2.88
CA THR B 285 -23.25 19.47 -3.81
C THR B 285 -21.89 20.03 -4.22
N TYR B 286 -20.86 19.18 -4.15
CA TYR B 286 -19.49 19.54 -4.50
C TYR B 286 -19.09 18.71 -5.71
N SER B 287 -19.01 19.36 -6.88
CA SER B 287 -18.66 18.69 -8.12
C SER B 287 -18.05 19.71 -9.07
N HIS B 288 -17.35 19.21 -10.09
CA HIS B 288 -16.71 20.06 -11.06
C HIS B 288 -16.75 19.40 -12.42
N ASP B 289 -16.65 20.23 -13.46
CA ASP B 289 -16.68 19.70 -14.83
C ASP B 289 -15.45 18.86 -15.13
N ASN B 290 -14.28 19.28 -14.64
CA ASN B 290 -13.02 18.60 -14.93
C ASN B 290 -12.87 17.29 -14.18
N ILE B 291 -13.67 17.04 -13.16
CA ILE B 291 -13.54 15.83 -12.34
C ILE B 291 -14.54 14.80 -12.83
N ILE B 292 -14.04 13.61 -13.19
CA ILE B 292 -14.88 12.53 -13.66
C ILE B 292 -14.60 11.22 -12.93
N CYS B 293 -13.65 11.19 -12.00
CA CYS B 293 -13.34 9.98 -11.26
C CYS B 293 -14.21 9.89 -10.01
N GLY B 294 -13.98 8.86 -9.20
CA GLY B 294 -14.72 8.64 -7.99
C GLY B 294 -14.01 9.17 -6.76
N ILE B 295 -14.77 9.31 -5.68
CA ILE B 295 -14.24 9.72 -4.38
C ILE B 295 -14.06 8.47 -3.52
N THR B 296 -12.86 8.31 -2.97
CA THR B 296 -12.56 7.16 -2.12
C THR B 296 -12.71 7.44 -0.64
N SER B 297 -12.54 8.69 -0.22
CA SER B 297 -12.59 9.03 1.20
C SER B 297 -12.95 10.49 1.36
N VAL B 298 -13.54 10.81 2.52
CA VAL B 298 -13.88 12.18 2.88
C VAL B 298 -13.50 12.41 4.33
N SER B 299 -13.32 13.68 4.68
CA SER B 299 -13.00 14.06 6.06
C SER B 299 -13.32 15.54 6.25
N PHE B 300 -13.48 15.92 7.51
CA PHE B 300 -13.74 17.30 7.90
C PHE B 300 -12.60 17.79 8.78
N SER B 301 -12.36 19.10 8.75
CA SER B 301 -11.39 19.69 9.64
C SER B 301 -12.01 19.86 11.03
N LYS B 302 -11.21 20.39 11.96
CA LYS B 302 -11.69 20.55 13.34
C LYS B 302 -12.86 21.52 13.41
N SER B 303 -12.78 22.63 12.69
CA SER B 303 -13.88 23.59 12.65
C SER B 303 -15.02 23.14 11.74
N GLY B 304 -14.76 22.23 10.82
CA GLY B 304 -15.76 21.78 9.88
C GLY B 304 -15.96 22.66 8.67
N ARG B 305 -15.21 23.75 8.55
CA ARG B 305 -15.36 24.64 7.41
C ARG B 305 -14.83 23.99 6.13
N LEU B 306 -13.75 23.24 6.23
CA LEU B 306 -13.14 22.59 5.07
C LEU B 306 -13.54 21.13 5.02
N LEU B 307 -13.70 20.61 3.81
CA LEU B 307 -14.00 19.20 3.58
C LEU B 307 -12.96 18.65 2.61
N LEU B 308 -12.19 17.66 3.05
CA LEU B 308 -11.12 17.09 2.25
C LEU B 308 -11.57 15.76 1.66
N ALA B 309 -11.39 15.59 0.36
CA ALA B 309 -11.85 14.40 -0.33
C ALA B 309 -10.75 13.87 -1.25
N GLY B 310 -10.46 12.58 -1.13
CA GLY B 310 -9.47 11.94 -1.99
C GLY B 310 -10.13 11.29 -3.19
N TYR B 311 -9.49 11.41 -4.34
CA TYR B 311 -10.06 10.98 -5.61
C TYR B 311 -9.23 9.86 -6.21
N ASP B 312 -9.80 9.22 -7.23
CA ASP B 312 -9.13 8.12 -7.92
C ASP B 312 -8.07 8.61 -8.90
N ASP B 313 -7.98 9.91 -9.15
CA ASP B 313 -6.97 10.46 -10.04
C ASP B 313 -5.68 10.85 -9.32
N PHE B 314 -5.39 10.19 -8.19
CA PHE B 314 -4.14 10.34 -7.46
C PHE B 314 -4.04 11.69 -6.77
N ASN B 315 -5.18 12.31 -6.45
CA ASN B 315 -5.21 13.67 -5.92
C ASN B 315 -6.16 13.75 -4.74
N CYS B 316 -6.10 14.89 -4.05
CA CYS B 316 -7.07 15.20 -3.00
C CYS B 316 -7.47 16.67 -3.14
N ASN B 317 -8.75 16.95 -2.93
CA ASN B 317 -9.29 18.30 -3.05
C ASN B 317 -9.77 18.79 -1.70
N VAL B 318 -9.65 20.11 -1.49
CA VAL B 318 -10.14 20.77 -0.29
C VAL B 318 -11.27 21.69 -0.72
N TRP B 319 -12.49 21.37 -0.29
CA TRP B 319 -13.67 22.15 -0.63
C TRP B 319 -14.08 23.02 0.55
N ASP B 320 -14.41 24.28 0.26
CA ASP B 320 -15.00 25.16 1.26
C ASP B 320 -16.43 24.69 1.48
N ALA B 321 -16.65 23.96 2.58
CA ALA B 321 -17.91 23.25 2.76
C ALA B 321 -19.12 24.17 2.84
N LEU B 322 -18.91 25.44 3.16
CA LEU B 322 -20.01 26.39 3.24
C LEU B 322 -20.27 27.12 1.92
N LYS B 323 -19.41 26.94 0.92
CA LYS B 323 -19.57 27.64 -0.35
C LYS B 323 -19.36 26.76 -1.58
N ALA B 324 -18.95 25.50 -1.40
CA ALA B 324 -18.71 24.56 -2.51
C ALA B 324 -17.63 25.06 -3.46
N ASP B 325 -16.68 25.83 -2.95
CA ASP B 325 -15.57 26.35 -3.74
C ASP B 325 -14.30 25.58 -3.38
N ARG B 326 -13.63 25.05 -4.40
CA ARG B 326 -12.36 24.38 -4.18
C ARG B 326 -11.32 25.39 -3.75
N ALA B 327 -10.63 25.10 -2.65
CA ALA B 327 -9.66 26.04 -2.07
C ALA B 327 -8.24 25.49 -2.08
N GLY B 328 -8.00 24.35 -2.70
CA GLY B 328 -6.67 23.81 -2.76
C GLY B 328 -6.68 22.34 -3.14
N VAL B 329 -5.52 21.87 -3.60
CA VAL B 329 -5.35 20.50 -4.05
C VAL B 329 -4.07 19.95 -3.44
N LEU B 330 -4.18 18.80 -2.76
CA LEU B 330 -3.02 18.01 -2.37
C LEU B 330 -2.70 17.09 -3.54
N ALA B 331 -1.60 17.38 -4.23
CA ALA B 331 -1.31 16.80 -5.53
C ALA B 331 -0.07 15.93 -5.47
N GLY B 332 -0.19 14.72 -6.01
CA GLY B 332 0.95 13.85 -6.22
C GLY B 332 1.10 12.76 -5.19
N HIS B 333 0.62 11.56 -5.51
CA HIS B 333 0.83 10.42 -4.64
C HIS B 333 1.18 9.16 -5.41
N ASP B 334 1.25 9.24 -6.75
CA ASP B 334 1.73 8.18 -7.64
C ASP B 334 0.74 7.03 -7.80
N ASN B 335 -0.36 7.05 -7.05
CA ASN B 335 -1.39 6.02 -7.20
C ASN B 335 -2.67 6.48 -6.52
N ARG B 336 -3.74 5.73 -6.74
CA ARG B 336 -5.07 6.13 -6.29
C ARG B 336 -5.11 6.30 -4.78
N VAL B 337 -5.63 7.44 -4.34
CA VAL B 337 -5.72 7.74 -2.91
C VAL B 337 -6.78 6.87 -2.27
N SER B 338 -6.43 6.17 -1.20
CA SER B 338 -7.31 5.20 -0.57
C SER B 338 -7.91 5.69 0.72
N CYS B 339 -7.11 6.24 1.63
CA CYS B 339 -7.56 6.62 2.96
C CYS B 339 -7.10 8.04 3.27
N LEU B 340 -7.92 8.74 4.06
CA LEU B 340 -7.63 10.11 4.45
C LEU B 340 -8.18 10.33 5.85
N GLY B 341 -7.38 10.98 6.70
CA GLY B 341 -7.79 11.23 8.07
C GLY B 341 -7.23 12.54 8.56
N VAL B 342 -7.89 13.09 9.57
CA VAL B 342 -7.49 14.35 10.19
C VAL B 342 -7.31 14.12 11.68
N THR B 343 -6.24 14.67 12.25
CA THR B 343 -5.96 14.50 13.67
C THR B 343 -7.07 15.12 14.51
N ASP B 344 -7.31 14.53 15.68
CA ASP B 344 -8.31 15.08 16.59
C ASP B 344 -7.95 16.49 17.02
N ASP B 345 -6.66 16.83 17.05
CA ASP B 345 -6.24 18.20 17.27
C ASP B 345 -6.45 19.07 16.04
N GLY B 346 -6.58 18.47 14.86
CA GLY B 346 -6.76 19.22 13.64
C GLY B 346 -5.49 19.79 13.05
N MET B 347 -4.33 19.30 13.49
CA MET B 347 -3.07 19.92 13.07
C MET B 347 -2.58 19.40 11.73
N ALA B 348 -2.77 18.11 11.44
CA ALA B 348 -2.21 17.51 10.25
C ALA B 348 -3.23 16.61 9.58
N VAL B 349 -3.03 16.36 8.29
CA VAL B 349 -3.88 15.48 7.51
C VAL B 349 -3.03 14.33 6.99
N ALA B 350 -3.42 13.11 7.29
CA ALA B 350 -2.71 11.92 6.82
C ALA B 350 -3.44 11.33 5.64
N THR B 351 -2.69 11.01 4.58
CA THR B 351 -3.26 10.49 3.35
C THR B 351 -2.47 9.27 2.91
N GLY B 352 -3.16 8.17 2.64
CA GLY B 352 -2.53 6.97 2.12
C GLY B 352 -3.19 6.56 0.81
N SER B 353 -2.39 6.06 -0.12
CA SER B 353 -2.89 5.72 -1.44
C SER B 353 -2.57 4.25 -1.75
N TRP B 354 -2.95 3.84 -2.97
CA TRP B 354 -2.59 2.52 -3.46
C TRP B 354 -1.09 2.39 -3.68
N ASP B 355 -0.36 3.49 -3.66
CA ASP B 355 1.09 3.44 -3.56
C ASP B 355 1.47 2.98 -2.15
N SER B 356 2.72 2.53 -2.02
CA SER B 356 3.17 1.95 -0.76
C SER B 356 3.50 2.99 0.31
N PHE B 357 3.09 4.24 0.14
CA PHE B 357 3.52 5.32 1.02
C PHE B 357 2.34 6.03 1.66
N LEU B 358 2.62 6.67 2.80
CA LEU B 358 1.66 7.44 3.57
C LEU B 358 2.26 8.81 3.84
N LYS B 359 1.52 9.87 3.54
CA LYS B 359 2.04 11.22 3.60
C LYS B 359 1.25 12.07 4.57
N ILE B 360 1.95 12.80 5.42
CA ILE B 360 1.36 13.75 6.35
C ILE B 360 1.51 15.15 5.77
N TRP B 361 0.42 15.89 5.71
CA TRP B 361 0.38 17.22 5.12
C TRP B 361 -0.04 18.23 6.17
N ASN B 362 0.57 19.41 6.11
CA ASN B 362 0.27 20.48 7.05
C ASN B 362 0.40 21.82 6.35
N GLY B 363 -0.29 22.82 6.89
CA GLY B 363 -0.23 24.15 6.33
C GLY B 363 1.05 24.89 6.69
N SER B 364 1.23 26.04 6.04
CA SER B 364 2.40 26.88 6.27
C SER B 364 1.93 28.29 6.62
N SER B 365 2.49 28.84 7.68
CA SER B 365 2.13 30.19 8.12
C SER B 365 2.68 31.25 7.17
N ASP C 1 4.21 -16.94 35.17
CA ASP C 1 4.13 -15.80 34.27
C ASP C 1 5.52 -15.38 33.80
N VAL C 2 5.92 -14.17 34.17
CA VAL C 2 7.23 -13.64 33.81
C VAL C 2 8.22 -13.99 34.91
N GLN C 3 9.32 -14.63 34.52
CA GLN C 3 10.32 -15.10 35.49
C GLN C 3 11.71 -14.78 34.99
N LEU C 4 12.54 -14.22 35.87
CA LEU C 4 13.96 -14.00 35.62
C LEU C 4 14.72 -14.64 36.77
N VAL C 5 15.45 -15.72 36.49
CA VAL C 5 16.14 -16.49 37.52
C VAL C 5 17.63 -16.42 37.25
N GLU C 6 18.40 -15.98 38.25
CA GLU C 6 19.84 -15.83 38.10
C GLU C 6 20.56 -16.99 38.78
N SER C 7 21.74 -17.32 38.27
CA SER C 7 22.56 -18.36 38.85
C SER C 7 24.02 -18.08 38.49
N GLY C 8 24.92 -18.71 39.26
CA GLY C 8 26.34 -18.54 39.05
C GLY C 8 27.07 -17.82 40.17
N GLY C 9 26.36 -17.35 41.19
CA GLY C 9 27.02 -16.68 42.29
C GLY C 9 27.73 -17.66 43.21
N GLY C 10 28.62 -17.12 44.03
CA GLY C 10 29.37 -17.95 44.97
C GLY C 10 30.52 -17.16 45.57
N LEU C 11 31.36 -17.89 46.29
CA LEU C 11 32.56 -17.33 46.91
C LEU C 11 33.76 -17.57 46.01
N VAL C 12 34.46 -16.51 45.66
CA VAL C 12 35.60 -16.59 44.76
C VAL C 12 36.79 -15.88 45.38
N GLN C 13 37.99 -16.29 44.96
CA GLN C 13 39.21 -15.64 45.39
C GLN C 13 39.42 -14.34 44.62
N PRO C 14 40.07 -13.35 45.23
CA PRO C 14 40.35 -12.10 44.51
C PRO C 14 41.23 -12.36 43.29
N GLY C 15 40.92 -11.64 42.22
CA GLY C 15 41.63 -11.81 40.97
C GLY C 15 41.13 -12.95 40.10
N GLY C 16 40.12 -13.69 40.56
CA GLY C 16 39.58 -14.81 39.81
C GLY C 16 38.57 -14.36 38.76
N SER C 17 37.91 -15.35 38.19
CA SER C 17 36.91 -15.12 37.15
C SER C 17 35.60 -15.79 37.54
N ARG C 18 34.49 -15.20 37.10
CA ARG C 18 33.17 -15.74 37.41
C ARG C 18 32.22 -15.42 36.27
N LYS C 19 31.11 -16.16 36.22
CA LYS C 19 30.09 -15.96 35.19
C LYS C 19 28.72 -16.13 35.81
N LEU C 20 27.80 -15.22 35.46
CA LEU C 20 26.42 -15.27 35.89
C LEU C 20 25.52 -15.49 34.69
N SER C 21 24.59 -16.43 34.82
CA SER C 21 23.58 -16.70 33.80
C SER C 21 22.21 -16.33 34.33
N CYS C 22 21.51 -15.48 33.60
CA CYS C 22 20.17 -15.02 33.95
C CYS C 22 19.20 -15.58 32.92
N SER C 23 18.39 -16.55 33.33
CA SER C 23 17.44 -17.21 32.45
C SER C 23 16.09 -16.50 32.52
N ALA C 24 15.53 -16.19 31.36
CA ALA C 24 14.27 -15.49 31.24
C ALA C 24 13.22 -16.42 30.65
N SER C 25 12.07 -16.50 31.29
CA SER C 25 10.99 -17.36 30.83
C SER C 25 9.66 -16.63 30.96
N GLY C 26 8.79 -16.81 29.97
CA GLY C 26 7.45 -16.27 30.01
C GLY C 26 7.21 -14.99 29.25
N PHE C 27 8.19 -14.52 28.48
CA PHE C 27 8.00 -13.31 27.68
C PHE C 27 8.97 -13.35 26.50
N ALA C 28 8.71 -12.48 25.54
CA ALA C 28 9.55 -12.39 24.34
C ALA C 28 10.90 -11.80 24.71
N PHE C 29 11.89 -12.67 24.88
CA PHE C 29 13.20 -12.23 25.36
C PHE C 29 13.89 -11.31 24.37
N SER C 30 13.81 -11.64 23.07
CA SER C 30 14.60 -10.92 22.07
C SER C 30 14.19 -9.46 21.93
N SER C 31 13.00 -9.08 22.37
CA SER C 31 12.51 -7.73 22.20
C SER C 31 12.84 -6.81 23.36
N PHE C 32 13.53 -7.30 24.38
CA PHE C 32 13.82 -6.54 25.59
C PHE C 32 15.32 -6.36 25.75
N GLY C 33 15.75 -5.10 25.92
CA GLY C 33 17.09 -4.85 26.38
C GLY C 33 17.26 -5.27 27.83
N MET C 34 18.49 -5.57 28.22
CA MET C 34 18.74 -6.15 29.53
C MET C 34 19.81 -5.37 30.28
N HIS C 35 19.65 -5.30 31.59
CA HIS C 35 20.57 -4.60 32.48
C HIS C 35 20.96 -5.50 33.63
N TRP C 36 22.17 -5.27 34.15
CA TRP C 36 22.61 -5.85 35.41
C TRP C 36 22.69 -4.75 36.44
N VAL C 37 22.14 -4.99 37.63
CA VAL C 37 22.14 -3.99 38.70
C VAL C 37 22.73 -4.62 39.95
N ARG C 38 23.71 -3.96 40.54
CA ARG C 38 24.44 -4.49 41.68
C ARG C 38 24.05 -3.73 42.94
N GLN C 39 23.72 -4.47 44.00
CA GLN C 39 23.38 -3.90 45.29
C GLN C 39 24.34 -4.45 46.33
N ALA C 40 25.17 -3.58 46.90
CA ALA C 40 26.10 -4.00 47.93
C ALA C 40 25.35 -4.28 49.23
N PRO C 41 25.98 -4.98 50.17
CA PRO C 41 25.40 -5.07 51.51
C PRO C 41 25.11 -3.70 52.11
N GLU C 42 25.96 -2.72 51.86
CA GLU C 42 25.66 -1.34 52.20
C GLU C 42 24.52 -0.83 51.33
N LYS C 43 23.75 0.12 51.88
CA LYS C 43 22.59 0.65 51.17
C LYS C 43 23.01 1.31 49.86
N GLY C 44 22.18 1.12 48.84
CA GLY C 44 22.43 1.76 47.55
C GLY C 44 22.52 0.78 46.40
N LEU C 45 21.93 1.14 45.26
CA LEU C 45 21.99 0.34 44.05
C LEU C 45 22.91 1.02 43.04
N GLU C 46 23.56 0.19 42.22
CA GLU C 46 24.50 0.69 41.22
C GLU C 46 24.28 -0.03 39.91
N TRP C 47 24.12 0.73 38.83
CA TRP C 47 24.01 0.16 37.51
C TRP C 47 25.36 -0.36 37.04
N VAL C 48 25.37 -1.56 36.44
CA VAL C 48 26.60 -2.24 36.05
C VAL C 48 26.78 -2.24 34.54
N ALA C 49 25.86 -2.86 33.80
CA ALA C 49 26.02 -3.03 32.37
C ALA C 49 24.67 -3.17 31.71
N TYR C 50 24.63 -2.84 30.42
CA TYR C 50 23.41 -2.88 29.62
C TYR C 50 23.72 -3.40 28.23
N ILE C 51 22.83 -4.24 27.70
CA ILE C 51 22.92 -4.73 26.34
C ILE C 51 21.57 -4.56 25.67
N SER C 52 21.57 -4.04 24.45
CA SER C 52 20.33 -3.69 23.76
C SER C 52 19.69 -4.94 23.17
N SER C 53 18.62 -4.75 22.42
CA SER C 53 17.98 -5.86 21.71
C SER C 53 18.79 -6.19 20.46
N GLY C 54 19.17 -7.46 20.31
CA GLY C 54 20.07 -7.84 19.25
C GLY C 54 21.52 -7.50 19.50
N SER C 55 21.86 -7.07 20.72
CA SER C 55 23.24 -6.74 21.10
C SER C 55 23.81 -5.62 20.23
N GLY C 56 22.95 -4.70 19.78
CA GLY C 56 23.43 -3.61 18.95
C GLY C 56 24.37 -2.68 19.70
N THR C 57 24.00 -2.28 20.92
CA THR C 57 24.80 -1.37 21.73
C THR C 57 25.02 -1.98 23.10
N ILE C 58 26.23 -1.80 23.62
CA ILE C 58 26.62 -2.30 24.94
C ILE C 58 27.19 -1.14 25.74
N TYR C 59 26.74 -1.01 26.99
CA TYR C 59 27.21 0.06 27.87
C TYR C 59 27.68 -0.53 29.18
N TYR C 60 28.75 0.05 29.73
CA TYR C 60 29.33 -0.40 30.99
C TYR C 60 29.50 0.79 31.93
N ALA C 61 29.52 0.49 33.22
CA ALA C 61 29.84 1.50 34.21
C ALA C 61 31.34 1.80 34.18
N ASP C 62 31.69 3.00 34.63
CA ASP C 62 33.09 3.42 34.61
C ASP C 62 33.97 2.62 35.55
N THR C 63 33.37 1.91 36.52
CA THR C 63 34.13 1.10 37.45
C THR C 63 34.43 -0.29 36.89
N VAL C 64 33.41 -0.95 36.33
CA VAL C 64 33.57 -2.30 35.80
C VAL C 64 34.05 -2.32 34.36
N LYS C 65 34.29 -1.15 33.76
CA LYS C 65 34.76 -1.11 32.38
C LYS C 65 36.13 -1.76 32.27
N GLY C 66 36.30 -2.62 31.27
CA GLY C 66 37.54 -3.33 31.05
C GLY C 66 37.67 -4.64 31.79
N ARG C 67 36.74 -4.97 32.69
CA ARG C 67 36.78 -6.21 33.43
C ARG C 67 35.49 -7.02 33.33
N PHE C 68 34.38 -6.40 32.97
CA PHE C 68 33.09 -7.07 32.86
C PHE C 68 32.66 -7.12 31.40
N THR C 69 32.07 -8.24 30.99
CA THR C 69 31.54 -8.40 29.65
C THR C 69 30.15 -8.99 29.72
N ILE C 70 29.19 -8.36 29.04
CA ILE C 70 27.79 -8.78 29.07
C ILE C 70 27.40 -9.21 27.66
N SER C 71 26.79 -10.39 27.56
CA SER C 71 26.33 -10.92 26.29
C SER C 71 24.96 -11.57 26.49
N ARG C 72 24.36 -12.01 25.40
CA ARG C 72 23.03 -12.60 25.49
C ARG C 72 22.87 -13.70 24.45
N ASP C 73 22.22 -14.79 24.84
CA ASP C 73 21.84 -15.89 23.96
C ASP C 73 20.32 -15.82 23.81
N ASP C 74 19.88 -15.24 22.70
CA ASP C 74 18.44 -15.16 22.42
C ASP C 74 17.80 -16.53 22.20
N PRO C 75 18.36 -17.44 21.39
CA PRO C 75 17.71 -18.75 21.26
C PRO C 75 17.60 -19.53 22.55
N LYS C 76 18.58 -19.38 23.45
CA LYS C 76 18.52 -20.05 24.75
C LYS C 76 17.85 -19.20 25.82
N ASN C 77 17.48 -17.96 25.51
CA ASN C 77 16.81 -17.06 26.45
C ASN C 77 17.64 -16.88 27.72
N THR C 78 18.88 -16.43 27.55
CA THR C 78 19.79 -16.30 28.68
C THR C 78 20.65 -15.07 28.51
N LEU C 79 21.01 -14.44 29.62
CA LEU C 79 21.90 -13.29 29.64
C LEU C 79 23.14 -13.63 30.46
N PHE C 80 24.32 -13.47 29.87
CA PHE C 80 25.58 -13.80 30.52
C PHE C 80 26.29 -12.54 30.96
N LEU C 81 26.85 -12.57 32.17
CA LEU C 81 27.78 -11.54 32.63
C LEU C 81 29.04 -12.24 33.14
N GLN C 82 30.15 -12.03 32.44
CA GLN C 82 31.43 -12.63 32.79
C GLN C 82 32.36 -11.56 33.35
N MET C 83 32.97 -11.85 34.50
CA MET C 83 33.91 -10.92 35.10
C MET C 83 35.27 -11.61 35.30
N THR C 84 36.34 -10.88 35.03
CA THR C 84 37.70 -11.32 35.27
C THR C 84 38.42 -10.31 36.14
N SER C 85 39.37 -10.80 36.93
CA SER C 85 40.18 -9.97 37.82
C SER C 85 39.29 -9.18 38.80
N LEU C 86 38.60 -9.92 39.66
CA LEU C 86 37.69 -9.32 40.62
C LEU C 86 38.48 -8.61 41.72
N ARG C 87 37.76 -7.79 42.49
CA ARG C 87 38.32 -7.10 43.64
C ARG C 87 37.43 -7.29 44.85
N SER C 88 37.70 -6.57 45.93
CA SER C 88 36.90 -6.66 47.14
C SER C 88 35.67 -5.76 47.11
N GLU C 89 35.51 -4.93 46.08
CA GLU C 89 34.37 -4.04 45.97
C GLU C 89 33.23 -4.63 45.15
N ASP C 90 33.41 -5.81 44.58
CA ASP C 90 32.40 -6.44 43.73
C ASP C 90 31.54 -7.45 44.47
N THR C 91 31.70 -7.56 45.80
CA THR C 91 30.86 -8.45 46.60
C THR C 91 29.50 -7.80 46.81
N ALA C 92 28.46 -8.38 46.22
CA ALA C 92 27.13 -7.76 46.23
C ALA C 92 26.12 -8.76 45.69
N MET C 93 24.87 -8.33 45.61
CA MET C 93 23.79 -9.09 44.99
C MET C 93 23.49 -8.51 43.61
N TYR C 94 23.37 -9.39 42.63
CA TYR C 94 23.17 -8.99 41.24
C TYR C 94 21.73 -9.27 40.84
N TYR C 95 21.08 -8.26 40.26
CA TYR C 95 19.71 -8.35 39.77
C TYR C 95 19.71 -8.21 38.26
N CYS C 96 18.86 -9.02 37.62
CA CYS C 96 18.69 -9.03 36.17
C CYS C 96 17.43 -8.24 35.83
N VAL C 97 17.58 -7.14 35.11
CA VAL C 97 16.46 -6.25 34.82
C VAL C 97 16.22 -6.22 33.32
N ARG C 98 14.96 -6.03 32.94
CA ARG C 98 14.56 -5.95 31.55
C ARG C 98 13.96 -4.58 31.28
N SER C 99 14.10 -4.11 30.04
CA SER C 99 13.61 -2.79 29.66
C SER C 99 13.28 -2.79 28.17
N ILE C 100 12.09 -2.31 27.83
CA ILE C 100 11.66 -2.17 26.44
C ILE C 100 11.49 -0.69 26.15
N TYR C 101 11.93 -0.27 24.96
CA TYR C 101 11.97 1.14 24.59
C TYR C 101 11.17 1.36 23.31
N TYR C 102 10.05 2.07 23.45
CA TYR C 102 9.34 2.68 22.33
C TYR C 102 8.66 3.94 22.87
N TYR C 103 7.71 4.47 22.12
CA TYR C 103 7.16 5.79 22.45
C TYR C 103 6.52 5.80 23.84
N GLY C 104 5.62 4.86 24.11
CA GLY C 104 4.92 4.84 25.38
C GLY C 104 5.36 3.73 26.30
N SER C 105 6.60 3.27 26.14
CA SER C 105 7.07 2.09 26.84
C SER C 105 7.26 2.37 28.33
N SER C 106 7.49 1.30 29.08
CA SER C 106 7.70 1.36 30.53
C SER C 106 8.98 0.61 30.87
N PRO C 107 10.13 1.29 30.83
CA PRO C 107 11.41 0.61 31.11
C PRO C 107 11.53 0.22 32.57
N PHE C 108 12.40 -0.77 32.82
CA PHE C 108 12.72 -1.25 34.16
C PHE C 108 11.47 -1.79 34.87
N ASP C 109 10.63 -2.48 34.13
CA ASP C 109 9.36 -2.94 34.68
C ASP C 109 9.52 -4.17 35.57
N PHE C 110 10.43 -5.09 35.22
CA PHE C 110 10.59 -6.33 35.97
C PHE C 110 12.04 -6.54 36.36
N TRP C 111 12.26 -7.02 37.58
CA TRP C 111 13.59 -7.28 38.13
C TRP C 111 13.71 -8.76 38.48
N GLY C 112 14.93 -9.28 38.33
CA GLY C 112 15.18 -10.66 38.67
C GLY C 112 15.29 -10.88 40.17
N GLN C 113 15.37 -12.17 40.54
CA GLN C 113 15.50 -12.52 41.95
C GLN C 113 16.84 -12.06 42.52
N GLY C 114 17.91 -12.23 41.75
CA GLY C 114 19.23 -11.79 42.17
C GLY C 114 20.05 -12.89 42.82
N THR C 115 21.37 -12.86 42.58
CA THR C 115 22.29 -13.83 43.18
C THR C 115 23.39 -13.09 43.92
N THR C 116 23.72 -13.57 45.11
CA THR C 116 24.73 -12.94 45.94
C THR C 116 26.11 -13.51 45.62
N LEU C 117 27.13 -12.67 45.78
CA LEU C 117 28.50 -13.09 45.55
C LEU C 117 29.42 -12.37 46.53
N THR C 118 30.28 -13.12 47.18
CA THR C 118 31.26 -12.60 48.13
C THR C 118 32.67 -12.92 47.65
N VAL C 119 33.61 -12.03 47.98
CA VAL C 119 35.01 -12.20 47.63
C VAL C 119 35.82 -12.28 48.92
N SER C 120 36.71 -13.25 48.99
CA SER C 120 37.51 -13.46 50.20
C SER C 120 38.40 -12.25 50.46
N SER C 121 38.55 -11.91 51.74
CA SER C 121 39.37 -10.79 52.18
C SER C 121 38.95 -9.48 51.51
N GLY C 134 34.14 11.07 36.58
CA GLY C 134 33.00 11.56 37.33
C GLY C 134 32.41 12.83 36.77
N GLY C 135 33.02 13.34 35.70
CA GLY C 135 32.53 14.56 35.08
C GLY C 135 31.16 14.39 34.44
N SER C 136 30.96 13.28 33.74
CA SER C 136 29.68 13.00 33.08
C SER C 136 28.79 12.14 33.97
N ASP C 137 28.52 12.66 35.16
CA ASP C 137 27.68 11.99 36.14
C ASP C 137 26.67 12.96 36.72
N ILE C 138 25.50 12.43 37.08
CA ILE C 138 24.44 13.19 37.73
C ILE C 138 24.21 12.60 39.11
N VAL C 139 24.30 13.44 40.13
CA VAL C 139 24.20 12.97 41.52
C VAL C 139 22.76 13.09 41.98
N MET C 140 22.38 12.21 42.92
CA MET C 140 21.07 12.24 43.55
C MET C 140 21.23 12.36 45.05
N THR C 141 20.49 13.30 45.65
CA THR C 141 20.56 13.56 47.09
C THR C 141 19.18 13.35 47.68
N GLN C 142 19.06 12.40 48.61
CA GLN C 142 17.84 12.15 49.36
C GLN C 142 18.19 12.37 50.84
N ALA C 143 18.00 13.62 51.29
CA ALA C 143 18.43 13.98 52.64
C ALA C 143 17.71 13.19 53.71
N THR C 144 16.40 13.01 53.56
CA THR C 144 15.60 12.28 54.55
C THR C 144 15.80 10.79 54.31
N SER C 145 16.78 10.22 55.02
CA SER C 145 17.05 8.79 54.88
C SER C 145 15.99 7.94 55.57
N SER C 146 15.56 8.34 56.75
CA SER C 146 14.58 7.57 57.53
C SER C 146 13.44 8.48 57.95
N VAL C 147 12.22 8.09 57.61
CA VAL C 147 11.02 8.83 58.00
C VAL C 147 10.08 7.90 58.74
N PRO C 148 9.91 8.04 60.05
CA PRO C 148 8.96 7.19 60.78
C PRO C 148 7.57 7.79 60.79
N VAL C 149 6.56 6.98 60.49
CA VAL C 149 5.18 7.48 60.40
C VAL C 149 4.19 6.34 60.60
N THR C 150 3.17 6.58 61.41
CA THR C 150 2.09 5.63 61.58
C THR C 150 1.29 5.49 60.29
N PRO C 151 0.85 4.28 59.95
CA PRO C 151 0.10 4.09 58.70
C PRO C 151 -1.26 4.76 58.77
N GLY C 152 -1.75 5.17 57.61
CA GLY C 152 -2.96 5.95 57.49
C GLY C 152 -2.74 7.44 57.30
N GLU C 153 -1.50 7.89 57.18
CA GLU C 153 -1.17 9.29 57.00
C GLU C 153 -0.37 9.47 55.71
N SER C 154 -0.44 10.68 55.15
CA SER C 154 0.27 10.98 53.92
C SER C 154 1.78 10.96 54.14
N VAL C 155 2.51 10.56 53.11
CA VAL C 155 3.97 10.46 53.15
C VAL C 155 4.55 11.13 51.93
N SER C 156 5.59 11.93 52.12
CA SER C 156 6.25 12.65 51.04
C SER C 156 7.73 12.28 51.00
N ILE C 157 8.23 12.02 49.79
CA ILE C 157 9.64 11.69 49.56
C ILE C 157 10.17 12.66 48.52
N SER C 158 11.36 13.20 48.77
CA SER C 158 11.96 14.22 47.91
C SER C 158 13.22 13.67 47.25
N CYS C 159 13.41 14.03 45.99
CA CYS C 159 14.59 13.66 45.21
C CYS C 159 15.12 14.89 44.48
N ARG C 160 16.43 14.98 44.36
CA ARG C 160 17.07 16.11 43.71
C ARG C 160 18.16 15.62 42.75
N SER C 161 18.29 16.30 41.62
CA SER C 161 19.30 15.99 40.61
C SER C 161 20.17 17.20 40.36
N SER C 162 21.48 16.97 40.22
CA SER C 162 22.39 18.08 39.94
C SER C 162 22.13 18.71 38.59
N LYS C 163 21.63 17.93 37.63
CA LYS C 163 21.33 18.41 36.30
C LYS C 163 19.84 18.34 36.04
N SER C 164 19.35 19.24 35.20
CA SER C 164 17.94 19.22 34.81
C SER C 164 17.64 17.97 34.01
N LEU C 165 16.58 17.26 34.38
CA LEU C 165 16.21 16.01 33.73
C LEU C 165 15.17 16.21 32.64
N LEU C 166 14.79 17.45 32.33
CA LEU C 166 13.79 17.73 31.32
C LEU C 166 14.49 17.92 29.97
N HIS C 167 14.12 17.09 28.99
CA HIS C 167 14.74 17.14 27.67
C HIS C 167 13.90 18.03 26.75
N SER C 168 14.35 18.16 25.50
CA SER C 168 13.63 18.97 24.52
C SER C 168 12.32 18.35 24.07
N ASN C 169 12.08 17.07 24.38
CA ASN C 169 10.82 16.43 24.04
C ASN C 169 9.71 16.74 25.03
N GLY C 170 10.02 17.41 26.13
CA GLY C 170 9.08 17.58 27.22
C GLY C 170 9.03 16.42 28.17
N ASN C 171 9.82 15.37 27.94
CA ASN C 171 9.85 14.20 28.80
C ASN C 171 10.89 14.39 29.90
N THR C 172 10.47 14.23 31.14
CA THR C 172 11.39 14.24 32.28
C THR C 172 11.66 12.80 32.69
N TYR C 173 12.93 12.40 32.62
CA TYR C 173 13.31 11.00 32.80
C TYR C 173 13.68 10.77 34.26
N LEU C 174 12.68 10.41 35.06
CA LEU C 174 12.90 10.07 36.46
C LEU C 174 12.05 8.86 36.83
N TYR C 175 12.65 7.93 37.57
CA TYR C 175 12.03 6.68 37.92
C TYR C 175 12.10 6.48 39.44
N TRP C 176 11.02 5.94 40.01
CA TRP C 176 10.93 5.65 41.42
C TRP C 176 10.77 4.14 41.61
N PHE C 177 11.58 3.57 42.50
CA PHE C 177 11.56 2.15 42.77
C PHE C 177 11.30 1.88 44.25
N LEU C 178 10.58 0.81 44.53
CA LEU C 178 10.28 0.37 45.89
C LEU C 178 10.94 -0.97 46.15
N GLN C 179 11.73 -1.05 47.22
CA GLN C 179 12.32 -2.30 47.67
C GLN C 179 11.80 -2.59 49.08
N ARG C 180 10.84 -3.50 49.18
CA ARG C 180 10.45 -3.98 50.48
C ARG C 180 11.41 -5.08 50.94
N PRO C 181 11.58 -5.26 52.24
CA PRO C 181 12.61 -6.19 52.74
C PRO C 181 12.43 -7.59 52.18
N GLY C 182 13.55 -8.18 51.74
CA GLY C 182 13.56 -9.54 51.24
C GLY C 182 13.16 -9.72 49.80
N GLN C 183 12.82 -8.65 49.08
CA GLN C 183 12.38 -8.76 47.69
C GLN C 183 13.06 -7.69 46.84
N SER C 184 13.27 -8.03 45.57
CA SER C 184 13.90 -7.13 44.63
C SER C 184 13.02 -5.91 44.37
N PRO C 185 13.62 -4.78 43.96
CA PRO C 185 12.83 -3.57 43.72
C PRO C 185 11.84 -3.75 42.58
N GLN C 186 10.72 -3.04 42.70
CA GLN C 186 9.69 -3.03 41.67
C GLN C 186 9.39 -1.60 41.27
N LEU C 187 9.15 -1.39 39.98
CA LEU C 187 8.96 -0.05 39.46
C LEU C 187 7.58 0.48 39.82
N LEU C 188 7.53 1.70 40.36
CA LEU C 188 6.28 2.35 40.70
C LEU C 188 5.91 3.45 39.72
N ILE C 189 6.80 4.42 39.52
CA ILE C 189 6.54 5.57 38.66
C ILE C 189 7.68 5.72 37.68
N TYR C 190 7.36 5.88 36.40
CA TYR C 190 8.34 6.06 35.36
C TYR C 190 8.10 7.36 34.62
N ARG C 191 9.20 8.07 34.32
CA ARG C 191 9.18 9.38 33.67
C ARG C 191 8.43 10.42 34.50
N MET C 192 8.46 10.25 35.83
CA MET C 192 8.12 11.27 36.81
C MET C 192 6.62 11.54 36.88
N SER C 193 5.86 11.00 35.96
CA SER C 193 4.41 11.24 36.01
C SER C 193 3.59 9.97 35.91
N ASN C 194 4.03 9.00 35.10
CA ASN C 194 3.21 7.84 34.81
C ASN C 194 3.28 6.83 35.95
N LEU C 195 2.29 5.93 35.98
CA LEU C 195 2.17 4.91 37.01
C LEU C 195 2.34 3.53 36.37
N ALA C 196 3.19 2.71 36.98
CA ALA C 196 3.43 1.38 36.46
C ALA C 196 2.18 0.50 36.65
N SER C 197 2.11 -0.56 35.85
CA SER C 197 0.97 -1.47 35.91
C SER C 197 0.91 -2.19 37.25
N GLY C 198 -0.31 -2.39 37.75
CA GLY C 198 -0.49 -3.08 39.01
C GLY C 198 -0.07 -2.30 40.23
N VAL C 199 -0.03 -0.98 40.13
CA VAL C 199 0.38 -0.10 41.23
C VAL C 199 -0.85 0.69 41.67
N PRO C 200 -1.23 0.66 42.94
CA PRO C 200 -2.43 1.37 43.38
C PRO C 200 -2.28 2.88 43.24
N ASP C 201 -3.42 3.55 43.07
CA ASP C 201 -3.44 4.99 42.83
C ASP C 201 -3.01 5.81 44.04
N ARG C 202 -2.63 5.18 45.15
CA ARG C 202 -2.12 5.92 46.29
C ARG C 202 -0.83 6.64 45.94
N PHE C 203 0.04 5.99 45.16
CA PHE C 203 1.32 6.58 44.77
C PHE C 203 1.11 7.61 43.68
N SER C 204 1.64 8.81 43.90
CA SER C 204 1.61 9.88 42.91
C SER C 204 2.98 10.54 42.84
N GLY C 205 3.29 11.12 41.70
CA GLY C 205 4.59 11.73 41.50
C GLY C 205 4.47 13.04 40.75
N SER C 206 5.36 13.97 41.09
CA SER C 206 5.40 15.27 40.43
C SER C 206 6.79 15.86 40.64
N GLY C 207 6.97 17.07 40.15
CA GLY C 207 8.21 17.79 40.40
C GLY C 207 8.60 18.65 39.23
N SER C 208 9.55 19.54 39.50
CA SER C 208 10.10 20.44 38.49
C SER C 208 11.29 19.76 37.81
N GLY C 209 12.06 20.53 37.04
CA GLY C 209 13.19 19.95 36.32
C GLY C 209 14.26 19.38 37.23
N THR C 210 14.45 19.98 38.40
CA THR C 210 15.50 19.57 39.33
C THR C 210 14.98 18.82 40.55
N ALA C 211 13.89 19.27 41.15
CA ALA C 211 13.35 18.66 42.36
C ALA C 211 12.11 17.85 42.02
N PHE C 212 11.99 16.68 42.65
CA PHE C 212 10.88 15.77 42.42
C PHE C 212 10.31 15.30 43.75
N THR C 213 9.00 15.04 43.76
CA THR C 213 8.30 14.66 44.98
C THR C 213 7.35 13.50 44.70
N LEU C 214 7.42 12.48 45.55
CA LEU C 214 6.54 11.33 45.49
C LEU C 214 5.67 11.33 46.74
N THR C 215 4.37 11.12 46.55
CA THR C 215 3.40 11.16 47.63
C THR C 215 2.65 9.84 47.73
N ILE C 216 2.51 9.34 48.94
CA ILE C 216 1.65 8.20 49.26
C ILE C 216 0.52 8.74 50.12
N SER C 217 -0.70 8.71 49.58
CA SER C 217 -1.83 9.36 50.26
C SER C 217 -2.20 8.65 51.55
N ARG C 218 -2.38 7.33 51.49
CA ARG C 218 -2.78 6.54 52.65
C ARG C 218 -1.76 5.42 52.85
N LEU C 219 -0.92 5.56 53.87
CA LEU C 219 0.08 4.55 54.15
C LEU C 219 -0.55 3.25 54.63
N GLU C 220 0.07 2.13 54.26
CA GLU C 220 -0.34 0.82 54.71
C GLU C 220 0.89 0.04 55.17
N ALA C 221 0.66 -1.13 55.75
CA ALA C 221 1.77 -1.95 56.23
C ALA C 221 2.61 -2.52 55.09
N GLU C 222 2.10 -2.49 53.85
CA GLU C 222 2.83 -3.04 52.72
C GLU C 222 3.95 -2.12 52.25
N ASP C 223 3.80 -0.81 52.42
CA ASP C 223 4.72 0.14 51.80
C ASP C 223 5.99 0.37 52.61
N VAL C 224 6.18 -0.31 53.73
CA VAL C 224 7.42 -0.18 54.48
C VAL C 224 8.57 -0.72 53.65
N GLY C 225 9.67 0.04 53.59
CA GLY C 225 10.82 -0.36 52.81
C GLY C 225 11.58 0.84 52.32
N VAL C 226 12.50 0.59 51.39
CA VAL C 226 13.38 1.63 50.88
C VAL C 226 12.87 2.12 49.52
N TYR C 227 13.04 3.41 49.28
CA TYR C 227 12.60 4.05 48.05
C TYR C 227 13.82 4.60 47.33
N TYR C 228 13.93 4.32 46.03
CA TYR C 228 15.11 4.64 45.25
C TYR C 228 14.75 5.54 44.08
N CYS C 229 15.53 6.60 43.89
CA CYS C 229 15.43 7.50 42.75
C CYS C 229 16.33 7.00 41.62
N MET C 230 15.96 7.34 40.38
CA MET C 230 16.82 7.01 39.25
C MET C 230 16.53 7.97 38.11
N GLN C 231 17.53 8.14 37.25
CA GLN C 231 17.42 8.96 36.05
C GLN C 231 17.62 8.10 34.81
N HIS C 232 17.22 8.65 33.66
CA HIS C 232 17.46 7.99 32.39
C HIS C 232 17.84 9.01 31.31
N LEU C 233 18.46 10.12 31.70
CA LEU C 233 18.85 11.15 30.73
C LEU C 233 20.12 10.74 29.99
N GLU C 234 21.22 10.58 30.70
CA GLU C 234 22.48 10.12 30.13
C GLU C 234 22.76 8.71 30.64
N TYR C 235 23.32 7.88 29.76
CA TYR C 235 23.26 6.44 30.00
C TYR C 235 24.06 5.98 31.21
N PRO C 236 25.09 6.69 31.67
CA PRO C 236 25.57 6.39 33.03
C PRO C 236 24.46 6.66 34.02
N LEU C 237 23.90 5.60 34.60
CA LEU C 237 22.68 5.70 35.40
C LEU C 237 23.04 5.70 36.87
N THR C 238 22.51 6.67 37.60
CA THR C 238 22.83 6.86 39.02
C THR C 238 21.56 6.72 39.84
N PHE C 239 21.58 5.78 40.78
CA PHE C 239 20.48 5.61 41.72
C PHE C 239 20.68 6.54 42.92
N GLY C 240 19.58 6.81 43.61
CA GLY C 240 19.65 7.63 44.80
C GLY C 240 20.20 6.85 46.00
N ALA C 241 20.42 7.60 47.08
CA ALA C 241 20.91 6.97 48.30
C ALA C 241 19.90 5.98 48.86
N GLY C 242 18.62 6.31 48.77
CA GLY C 242 17.57 5.43 49.26
C GLY C 242 16.96 5.91 50.56
N THR C 243 15.67 6.23 50.53
CA THR C 243 14.96 6.71 51.71
C THR C 243 14.20 5.56 52.34
N LYS C 244 14.47 5.27 53.61
CA LYS C 244 13.86 4.14 54.30
C LYS C 244 12.63 4.62 55.05
N LEU C 245 11.48 4.03 54.73
CA LEU C 245 10.22 4.34 55.38
C LEU C 245 9.82 3.15 56.25
N GLU C 246 9.59 3.42 57.53
CA GLU C 246 9.26 2.38 58.51
C GLU C 246 8.19 2.89 59.46
N LEU C 247 7.51 1.96 60.12
CA LEU C 247 6.46 2.32 61.07
C LEU C 247 7.04 2.95 62.32
N ASN D 5 -44.49 -14.89 -4.46
CA ASN D 5 -44.06 -15.62 -3.27
C ASN D 5 -44.33 -14.80 -2.01
N THR D 6 -44.38 -15.49 -0.87
CA THR D 6 -44.66 -14.81 0.39
C THR D 6 -43.47 -14.01 0.90
N ALA D 7 -42.25 -14.36 0.48
CA ALA D 7 -41.07 -13.61 0.90
C ALA D 7 -41.13 -12.18 0.40
N SER D 8 -41.53 -12.00 -0.87
CA SER D 8 -41.66 -10.65 -1.42
C SER D 8 -42.74 -9.87 -0.68
N ILE D 9 -43.85 -10.52 -0.33
CA ILE D 9 -44.92 -9.85 0.40
C ILE D 9 -44.42 -9.41 1.77
N ALA D 10 -43.69 -10.28 2.47
CA ALA D 10 -43.17 -9.91 3.78
C ALA D 10 -42.16 -8.77 3.68
N GLN D 11 -41.30 -8.81 2.66
CA GLN D 11 -40.33 -7.73 2.49
C GLN D 11 -41.03 -6.41 2.17
N ALA D 12 -42.06 -6.44 1.35
CA ALA D 12 -42.82 -5.23 1.04
C ALA D 12 -43.52 -4.70 2.29
N ARG D 13 -44.06 -5.59 3.13
CA ARG D 13 -44.68 -5.15 4.37
C ARG D 13 -43.65 -4.50 5.29
N LYS D 14 -42.46 -5.09 5.41
CA LYS D 14 -41.42 -4.50 6.23
C LYS D 14 -40.99 -3.14 5.71
N LEU D 15 -40.87 -3.02 4.39
CA LEU D 15 -40.51 -1.73 3.79
C LEU D 15 -41.60 -0.69 4.05
N VAL D 16 -42.86 -1.09 3.98
CA VAL D 16 -43.97 -0.17 4.25
C VAL D 16 -43.93 0.30 5.69
N GLU D 17 -43.69 -0.62 6.63
CA GLU D 17 -43.58 -0.22 8.04
C GLU D 17 -42.40 0.73 8.26
N GLN D 18 -41.27 0.45 7.61
CA GLN D 18 -40.11 1.34 7.75
C GLN D 18 -40.41 2.73 7.21
N LEU D 19 -41.08 2.80 6.05
CA LEU D 19 -41.44 4.10 5.48
C LEU D 19 -42.41 4.84 6.38
N LYS D 20 -43.38 4.13 6.96
CA LYS D 20 -44.32 4.76 7.88
C LYS D 20 -43.61 5.31 9.10
N MET D 21 -42.64 4.55 9.64
CA MET D 21 -41.88 5.03 10.79
C MET D 21 -41.04 6.25 10.43
N GLU D 22 -40.46 6.27 9.23
CA GLU D 22 -39.60 7.38 8.84
C GLU D 22 -40.39 8.64 8.48
N ALA D 23 -41.63 8.49 8.02
CA ALA D 23 -42.37 9.62 7.51
C ALA D 23 -42.99 10.50 8.60
N ASN D 24 -42.95 10.08 9.86
CA ASN D 24 -43.64 10.80 10.92
C ASN D 24 -42.73 11.69 11.76
N ILE D 25 -41.43 11.76 11.43
CA ILE D 25 -40.49 12.58 12.20
C ILE D 25 -40.73 14.05 11.91
N ASP D 26 -40.17 14.92 12.74
CA ASP D 26 -40.32 16.36 12.60
C ASP D 26 -39.07 16.94 11.94
N ARG D 27 -39.28 17.88 11.02
CA ARG D 27 -38.21 18.49 10.26
C ARG D 27 -38.23 20.00 10.43
N ILE D 28 -37.07 20.58 10.70
CA ILE D 28 -36.94 22.03 10.80
C ILE D 28 -36.61 22.59 9.42
N LYS D 29 -36.80 23.90 9.27
CA LYS D 29 -36.54 24.55 8.00
C LYS D 29 -35.06 24.48 7.63
N VAL D 30 -34.78 24.51 6.33
CA VAL D 30 -33.41 24.48 5.86
C VAL D 30 -32.67 25.75 6.25
N SER D 31 -33.38 26.86 6.37
CA SER D 31 -32.75 28.11 6.77
C SER D 31 -32.14 27.99 8.17
N LYS D 32 -32.87 27.38 9.11
CA LYS D 32 -32.36 27.23 10.46
C LYS D 32 -31.13 26.33 10.50
N ALA D 33 -31.16 25.22 9.74
CA ALA D 33 -29.99 24.34 9.70
C ALA D 33 -28.79 25.03 9.09
N ALA D 34 -29.01 25.81 8.02
CA ALA D 34 -27.91 26.55 7.41
C ALA D 34 -27.33 27.57 8.38
N ALA D 35 -28.19 28.28 9.10
CA ALA D 35 -27.71 29.25 10.07
C ALA D 35 -26.93 28.57 11.19
N ASP D 36 -27.40 27.42 11.66
CA ASP D 36 -26.70 26.69 12.71
C ASP D 36 -25.32 26.25 12.25
N LEU D 37 -25.24 25.69 11.03
CA LEU D 37 -23.94 25.25 10.52
C LEU D 37 -22.98 26.41 10.34
N MET D 38 -23.48 27.53 9.79
CA MET D 38 -22.61 28.70 9.61
C MET D 38 -22.13 29.25 10.94
N ALA D 39 -23.02 29.29 11.94
CA ALA D 39 -22.62 29.77 13.26
C ALA D 39 -21.57 28.87 13.89
N TYR D 40 -21.74 27.55 13.76
CA TYR D 40 -20.74 26.64 14.30
C TYR D 40 -19.40 26.81 13.59
N CYS D 41 -19.42 26.94 12.27
CA CYS D 41 -18.17 27.11 11.53
C CYS D 41 -17.47 28.40 11.92
N GLU D 42 -18.24 29.48 12.12
CA GLU D 42 -17.64 30.75 12.50
C GLU D 42 -17.10 30.71 13.92
N ALA D 43 -17.80 30.02 14.83
CA ALA D 43 -17.41 30.03 16.23
C ALA D 43 -16.05 29.37 16.45
N HIS D 44 -15.79 28.27 15.76
CA HIS D 44 -14.55 27.51 15.92
C HIS D 44 -13.51 27.84 14.86
N ALA D 45 -13.54 29.07 14.33
CA ALA D 45 -12.63 29.43 13.25
C ALA D 45 -11.19 29.50 13.75
N LYS D 46 -10.97 30.03 14.95
CA LYS D 46 -9.63 30.23 15.46
C LYS D 46 -8.97 28.92 15.91
N GLU D 47 -9.75 27.87 16.13
CA GLU D 47 -9.23 26.59 16.60
C GLU D 47 -9.16 25.55 15.48
N ASP D 48 -8.84 25.98 14.27
CA ASP D 48 -8.67 25.09 13.12
C ASP D 48 -7.30 25.36 12.50
N PRO D 49 -6.26 24.67 12.96
CA PRO D 49 -4.91 24.91 12.42
C PRO D 49 -4.78 24.61 10.93
N LEU D 50 -5.83 24.06 10.31
CA LEU D 50 -5.88 23.95 8.87
C LEU D 50 -6.39 25.23 8.20
N LEU D 51 -6.81 26.22 8.99
CA LEU D 51 -7.09 27.56 8.53
C LEU D 51 -6.19 28.52 9.28
N THR D 52 -5.60 29.49 8.57
CA THR D 52 -4.60 30.44 9.06
C THR D 52 -3.69 29.72 10.05
N PRO D 53 -2.85 28.81 9.58
CA PRO D 53 -2.20 27.85 10.47
C PRO D 53 -1.29 28.51 11.50
N VAL D 54 -0.95 27.73 12.51
CA VAL D 54 -0.10 28.18 13.62
C VAL D 54 1.33 28.37 13.11
N PRO D 55 2.13 29.22 13.75
CA PRO D 55 3.51 29.42 13.29
C PRO D 55 4.33 28.15 13.44
N ALA D 56 5.41 28.09 12.67
CA ALA D 56 6.28 26.91 12.67
C ALA D 56 6.95 26.68 14.02
N SER D 57 6.97 27.67 14.91
CA SER D 57 7.55 27.48 16.23
C SER D 57 6.76 26.45 17.04
N GLU D 58 5.43 26.51 16.96
CA GLU D 58 4.57 25.61 17.71
C GLU D 58 3.99 24.48 16.85
N ASN D 59 4.39 24.40 15.58
CA ASN D 59 3.91 23.33 14.72
C ASN D 59 4.59 22.02 15.08
N PRO D 60 3.84 20.98 15.46
CA PRO D 60 4.49 19.69 15.78
C PRO D 60 5.23 19.08 14.59
N PHE D 61 4.74 19.28 13.38
CA PHE D 61 5.35 18.71 12.18
C PHE D 61 6.17 19.76 11.47
N ARG D 62 7.44 19.47 11.22
CA ARG D 62 8.33 20.40 10.54
C ARG D 62 9.25 19.66 9.58
N GLN E 2 -33.25 7.27 -5.01
CA GLN E 2 -33.81 8.24 -5.95
C GLN E 2 -33.73 7.73 -7.38
N VAL E 3 -32.73 6.90 -7.65
CA VAL E 3 -32.57 6.30 -8.98
C VAL E 3 -33.75 5.38 -9.24
N GLN E 4 -34.60 5.73 -10.20
CA GLN E 4 -35.82 4.99 -10.48
C GLN E 4 -35.92 4.69 -11.97
N LEU E 5 -36.17 3.43 -12.30
CA LEU E 5 -36.43 3.02 -13.67
C LEU E 5 -37.78 2.32 -13.70
N GLN E 6 -38.72 2.88 -14.45
CA GLN E 6 -40.08 2.33 -14.55
C GLN E 6 -40.31 1.81 -15.95
N GLU E 7 -40.72 0.54 -16.04
CA GLU E 7 -40.92 -0.12 -17.32
C GLU E 7 -42.40 -0.24 -17.64
N SER E 8 -42.75 0.01 -18.90
CA SER E 8 -44.11 -0.06 -19.38
C SER E 8 -44.14 -0.79 -20.72
N GLY E 9 -45.29 -1.39 -21.01
CA GLY E 9 -45.47 -2.17 -22.22
C GLY E 9 -45.28 -3.66 -21.96
N GLY E 10 -45.94 -4.46 -22.79
CA GLY E 10 -45.83 -5.90 -22.67
C GLY E 10 -47.08 -6.57 -22.14
N GLY E 11 -47.64 -7.48 -22.91
CA GLY E 11 -48.82 -8.22 -22.51
C GLY E 11 -48.92 -9.50 -23.31
N LEU E 12 -50.15 -9.98 -23.49
CA LEU E 12 -50.39 -11.17 -24.29
C LEU E 12 -50.10 -10.88 -25.75
N VAL E 13 -49.31 -11.75 -26.38
CA VAL E 13 -48.89 -11.55 -27.77
C VAL E 13 -48.86 -12.91 -28.46
N GLN E 14 -49.49 -12.98 -29.64
CA GLN E 14 -49.47 -14.22 -30.41
C GLN E 14 -48.09 -14.43 -31.03
N PRO E 15 -47.72 -15.68 -31.30
CA PRO E 15 -46.42 -15.93 -31.94
C PRO E 15 -46.31 -15.22 -33.28
N GLY E 16 -45.14 -14.65 -33.54
CA GLY E 16 -44.94 -13.82 -34.69
C GLY E 16 -45.38 -12.38 -34.53
N GLY E 17 -45.87 -11.99 -33.35
CA GLY E 17 -46.34 -10.65 -33.11
C GLY E 17 -45.20 -9.69 -32.80
N SER E 18 -45.58 -8.50 -32.35
CA SER E 18 -44.62 -7.45 -32.07
C SER E 18 -44.97 -6.80 -30.73
N LEU E 19 -43.95 -6.21 -30.11
CA LEU E 19 -44.11 -5.51 -28.84
C LEU E 19 -43.06 -4.41 -28.76
N ARG E 20 -43.30 -3.45 -27.88
CA ARG E 20 -42.36 -2.36 -27.65
C ARG E 20 -42.37 -2.01 -26.17
N LEU E 21 -41.26 -2.27 -25.48
CA LEU E 21 -41.12 -1.97 -24.07
C LEU E 21 -40.39 -0.65 -23.90
N SER E 22 -40.89 0.19 -23.00
CA SER E 22 -40.28 1.48 -22.69
C SER E 22 -39.81 1.48 -21.25
N CYS E 23 -38.71 2.18 -20.99
CA CYS E 23 -38.14 2.30 -19.66
C CYS E 23 -37.83 3.77 -19.41
N ALA E 24 -38.55 4.39 -18.47
CA ALA E 24 -38.38 5.78 -18.13
C ALA E 24 -37.48 5.89 -16.90
N ALA E 25 -36.46 6.74 -16.98
CA ALA E 25 -35.44 6.86 -15.96
C ALA E 25 -35.52 8.20 -15.26
N SER E 26 -35.27 8.20 -13.96
CA SER E 26 -35.24 9.43 -13.18
C SER E 26 -34.23 9.28 -12.05
N GLY E 27 -33.75 10.42 -11.56
CA GLY E 27 -32.79 10.46 -10.49
C GLY E 27 -31.33 10.47 -10.91
N PHE E 28 -31.05 10.32 -12.20
CA PHE E 28 -29.67 10.34 -12.68
C PHE E 28 -29.66 10.87 -14.11
N THR E 29 -28.48 11.31 -14.54
CA THR E 29 -28.29 11.82 -15.89
C THR E 29 -28.25 10.63 -16.86
N PHE E 30 -29.27 10.54 -17.72
CA PHE E 30 -29.40 9.37 -18.59
C PHE E 30 -28.24 9.25 -19.58
N SER E 31 -27.62 10.37 -19.94
CA SER E 31 -26.61 10.37 -21.00
C SER E 31 -25.26 9.84 -20.55
N ASN E 32 -25.02 9.72 -19.24
CA ASN E 32 -23.70 9.36 -18.73
C ASN E 32 -23.54 7.87 -18.44
N TYR E 33 -24.57 7.05 -18.68
CA TYR E 33 -24.54 5.65 -18.29
C TYR E 33 -24.90 4.74 -19.43
N LYS E 34 -24.22 3.59 -19.48
CA LYS E 34 -24.60 2.52 -20.40
C LYS E 34 -25.83 1.79 -19.87
N MET E 35 -26.70 1.35 -20.77
CA MET E 35 -27.95 0.73 -20.39
C MET E 35 -28.05 -0.68 -20.93
N ASN E 36 -28.79 -1.53 -20.21
CA ASN E 36 -28.95 -2.93 -20.60
C ASN E 36 -30.40 -3.34 -20.43
N TRP E 37 -30.80 -4.33 -21.20
CA TRP E 37 -32.05 -5.05 -21.01
C TRP E 37 -31.71 -6.47 -20.60
N VAL E 38 -32.27 -6.92 -19.48
CA VAL E 38 -32.10 -8.28 -19.01
C VAL E 38 -33.48 -8.92 -18.86
N ARG E 39 -33.50 -10.24 -18.70
CA ARG E 39 -34.78 -10.95 -18.63
C ARG E 39 -34.66 -12.11 -17.65
N GLN E 40 -35.81 -12.51 -17.12
CA GLN E 40 -35.92 -13.66 -16.23
C GLN E 40 -37.06 -14.53 -16.73
N ALA E 41 -36.72 -15.72 -17.23
CA ALA E 41 -37.71 -16.68 -17.66
C ALA E 41 -38.25 -17.46 -16.46
N PRO E 42 -39.44 -18.06 -16.59
CA PRO E 42 -39.97 -18.87 -15.49
C PRO E 42 -39.05 -20.03 -15.17
N GLY E 43 -38.67 -20.14 -13.89
CA GLY E 43 -37.74 -21.17 -13.47
C GLY E 43 -36.36 -21.04 -14.06
N LYS E 44 -35.90 -19.81 -14.30
CA LYS E 44 -34.58 -19.55 -14.86
C LYS E 44 -33.98 -18.33 -14.19
N GLY E 45 -32.66 -18.23 -14.25
CA GLY E 45 -31.97 -17.08 -13.71
C GLY E 45 -32.00 -15.89 -14.63
N LEU E 46 -31.62 -14.74 -14.08
CA LEU E 46 -31.58 -13.51 -14.87
C LEU E 46 -30.60 -13.64 -16.02
N GLU E 47 -31.02 -13.24 -17.21
CA GLU E 47 -30.24 -13.42 -18.43
C GLU E 47 -30.10 -12.10 -19.15
N TRP E 48 -28.86 -11.71 -19.43
CA TRP E 48 -28.60 -10.51 -20.22
C TRP E 48 -29.07 -10.70 -21.65
N VAL E 49 -29.83 -9.74 -22.17
CA VAL E 49 -30.41 -9.89 -23.49
C VAL E 49 -30.07 -8.75 -24.44
N SER E 50 -29.74 -7.55 -23.95
CA SER E 50 -29.36 -6.48 -24.87
C SER E 50 -28.56 -5.42 -24.12
N ASP E 51 -27.79 -4.64 -24.88
CA ASP E 51 -26.95 -3.60 -24.30
C ASP E 51 -26.77 -2.47 -25.30
N ILE E 52 -26.85 -1.23 -24.79
CA ILE E 52 -26.62 -0.03 -25.60
C ILE E 52 -25.74 0.93 -24.82
N SER E 53 -24.78 1.53 -25.51
CA SER E 53 -23.77 2.37 -24.88
C SER E 53 -24.33 3.76 -24.59
N GLN E 54 -23.44 4.69 -24.24
CA GLN E 54 -23.87 6.02 -23.80
C GLN E 54 -24.58 6.77 -24.91
N SER E 55 -23.95 6.86 -26.08
CA SER E 55 -24.49 7.63 -27.19
C SER E 55 -25.24 6.78 -28.20
N GLY E 56 -25.38 5.48 -27.95
CA GLY E 56 -26.02 4.60 -28.91
C GLY E 56 -25.12 4.15 -30.04
N ALA E 57 -23.84 4.50 -30.02
CA ALA E 57 -22.93 4.08 -31.08
C ALA E 57 -22.69 2.57 -31.05
N SER E 58 -22.50 2.01 -29.85
CA SER E 58 -22.23 0.59 -29.68
C SER E 58 -23.48 -0.11 -29.17
N ILE E 59 -23.86 -1.19 -29.84
CA ILE E 59 -25.06 -1.95 -29.52
C ILE E 59 -24.72 -3.44 -29.58
N SER E 60 -25.16 -4.19 -28.57
CA SER E 60 -24.88 -5.61 -28.49
C SER E 60 -26.14 -6.39 -28.12
N TYR E 61 -26.23 -7.63 -28.63
CA TYR E 61 -27.34 -8.51 -28.36
C TYR E 61 -26.82 -9.87 -27.89
N THR E 62 -27.74 -10.72 -27.45
CA THR E 62 -27.39 -12.01 -26.88
C THR E 62 -27.23 -13.12 -27.90
N GLY E 63 -27.58 -12.87 -29.17
CA GLY E 63 -27.40 -13.87 -30.20
C GLY E 63 -28.67 -14.65 -30.49
N SER E 64 -29.40 -15.03 -29.45
CA SER E 64 -30.69 -15.68 -29.65
C SER E 64 -31.82 -14.69 -29.91
N VAL E 65 -31.52 -13.39 -29.82
CA VAL E 65 -32.48 -12.33 -30.15
C VAL E 65 -31.97 -11.45 -31.27
N LYS E 66 -30.76 -11.68 -31.77
CA LYS E 66 -30.22 -10.86 -32.85
C LYS E 66 -31.05 -11.04 -34.11
N GLY E 67 -31.37 -9.92 -34.77
CA GLY E 67 -32.25 -9.93 -35.91
C GLY E 67 -33.73 -9.90 -35.60
N ARG E 68 -34.10 -9.91 -34.31
CA ARG E 68 -35.50 -9.87 -33.92
C ARG E 68 -35.75 -8.72 -32.95
N PHE E 69 -34.75 -8.39 -32.15
CA PHE E 69 -34.86 -7.35 -31.13
C PHE E 69 -34.01 -6.15 -31.53
N THR E 70 -34.52 -4.95 -31.28
CA THR E 70 -33.81 -3.71 -31.57
C THR E 70 -33.88 -2.79 -30.36
N ILE E 71 -32.73 -2.35 -29.88
CA ILE E 71 -32.66 -1.47 -28.72
C ILE E 71 -32.37 -0.06 -29.18
N SER E 72 -32.90 0.92 -28.44
CA SER E 72 -32.67 2.32 -28.73
C SER E 72 -32.75 3.11 -27.44
N ARG E 73 -32.16 4.30 -27.44
CA ARG E 73 -32.23 5.17 -26.27
C ARG E 73 -32.45 6.61 -26.73
N ASP E 74 -33.30 7.31 -26.00
CA ASP E 74 -33.58 8.73 -26.22
C ASP E 74 -33.06 9.48 -25.00
N ASN E 75 -31.87 10.08 -25.15
CA ASN E 75 -31.29 10.85 -24.05
C ASN E 75 -32.03 12.15 -23.81
N ALA E 76 -32.68 12.69 -24.85
CA ALA E 76 -33.42 13.93 -24.70
C ALA E 76 -34.59 13.78 -23.74
N LYS E 77 -35.32 12.67 -23.85
CA LYS E 77 -36.48 12.41 -23.00
C LYS E 77 -36.19 11.36 -21.93
N ASN E 78 -34.95 10.87 -21.84
CA ASN E 78 -34.55 9.89 -20.83
C ASN E 78 -35.41 8.63 -20.92
N THR E 79 -35.35 7.97 -22.07
CA THR E 79 -36.15 6.78 -22.30
C THR E 79 -35.29 5.70 -22.94
N LEU E 80 -35.63 4.45 -22.66
CA LEU E 80 -34.96 3.29 -23.27
C LEU E 80 -36.01 2.42 -23.91
N TYR E 81 -35.92 2.23 -25.23
CA TYR E 81 -36.89 1.47 -26.00
C TYR E 81 -36.31 0.13 -26.42
N LEU E 82 -37.13 -0.91 -26.33
CA LEU E 82 -36.79 -2.21 -26.90
C LEU E 82 -37.96 -2.66 -27.76
N GLN E 83 -37.73 -2.76 -29.07
CA GLN E 83 -38.73 -3.23 -30.02
C GLN E 83 -38.46 -4.70 -30.31
N MET E 84 -39.44 -5.54 -30.02
CA MET E 84 -39.33 -6.99 -30.16
C MET E 84 -40.25 -7.45 -31.29
N ASN E 85 -39.66 -8.07 -32.30
CA ASN E 85 -40.39 -8.47 -33.50
C ASN E 85 -40.40 -9.99 -33.64
N SER E 86 -41.54 -10.54 -34.05
CA SER E 86 -41.70 -11.98 -34.29
C SER E 86 -41.35 -12.79 -33.05
N LEU E 87 -42.14 -12.59 -32.00
CA LEU E 87 -41.89 -13.25 -30.72
C LEU E 87 -42.09 -14.75 -30.84
N LYS E 88 -41.17 -15.50 -30.25
CA LYS E 88 -41.25 -16.95 -30.17
C LYS E 88 -42.04 -17.36 -28.93
N PRO E 89 -42.63 -18.56 -28.95
CA PRO E 89 -43.40 -19.00 -27.77
C PRO E 89 -42.56 -19.15 -26.51
N GLU E 90 -41.25 -19.29 -26.63
CA GLU E 90 -40.37 -19.44 -25.47
C GLU E 90 -39.90 -18.12 -24.89
N ASP E 91 -40.38 -16.99 -25.42
CA ASP E 91 -39.92 -15.68 -25.00
C ASP E 91 -40.67 -15.14 -23.78
N THR E 92 -41.61 -15.90 -23.23
CA THR E 92 -42.34 -15.44 -22.06
C THR E 92 -41.40 -15.27 -20.88
N ALA E 93 -41.31 -14.04 -20.36
CA ALA E 93 -40.37 -13.74 -19.29
C ALA E 93 -40.69 -12.36 -18.73
N VAL E 94 -40.00 -12.01 -17.65
CA VAL E 94 -40.08 -10.68 -17.06
C VAL E 94 -38.84 -9.90 -17.48
N TYR E 95 -39.05 -8.74 -18.10
CA TYR E 95 -37.97 -7.94 -18.67
C TYR E 95 -37.65 -6.78 -17.74
N TYR E 96 -36.36 -6.59 -17.46
CA TYR E 96 -35.88 -5.54 -16.58
C TYR E 96 -34.95 -4.60 -17.36
N CYS E 97 -35.13 -3.30 -17.13
CA CYS E 97 -34.30 -2.27 -17.72
C CYS E 97 -33.24 -1.90 -16.68
N ALA E 98 -32.02 -2.35 -16.88
CA ALA E 98 -30.95 -2.18 -15.90
C ALA E 98 -29.98 -1.09 -16.35
N ARG E 99 -29.38 -0.42 -15.36
CA ARG E 99 -28.41 0.63 -15.60
C ARG E 99 -27.04 0.18 -15.10
N CYS E 100 -26.01 0.50 -15.87
CA CYS E 100 -24.67 0.09 -15.50
C CYS E 100 -24.23 0.85 -14.25
N PRO E 101 -23.47 0.21 -13.34
CA PRO E 101 -23.28 0.79 -12.00
C PRO E 101 -22.60 2.14 -11.98
N ALA E 102 -21.66 2.41 -12.89
CA ALA E 102 -20.86 3.61 -12.79
C ALA E 102 -20.85 4.38 -14.12
N PRO E 103 -20.62 5.69 -14.08
CA PRO E 103 -20.59 6.47 -15.32
C PRO E 103 -19.20 6.49 -15.95
N PHE E 104 -19.21 6.69 -17.27
CA PHE E 104 -17.99 6.80 -18.07
C PHE E 104 -17.11 5.55 -17.94
N THR E 105 -17.75 4.38 -17.94
CA THR E 105 -17.03 3.11 -17.87
C THR E 105 -17.39 2.25 -19.07
N ARG E 106 -16.40 1.47 -19.52
CA ARG E 106 -16.57 0.54 -20.63
C ARG E 106 -16.92 -0.87 -20.16
N ASP E 107 -17.05 -1.09 -18.87
CA ASP E 107 -17.40 -2.39 -18.31
C ASP E 107 -18.60 -2.23 -17.39
N CYS E 108 -19.34 -3.33 -17.20
CA CYS E 108 -20.53 -3.32 -16.37
C CYS E 108 -20.56 -4.59 -15.53
N PHE E 109 -20.69 -4.42 -14.22
CA PHE E 109 -20.61 -5.51 -13.27
C PHE E 109 -21.96 -5.69 -12.56
N ASP E 110 -22.30 -6.94 -12.28
CA ASP E 110 -23.40 -7.29 -11.38
C ASP E 110 -24.76 -6.80 -11.91
N VAL E 111 -24.87 -6.63 -13.22
CA VAL E 111 -26.15 -6.19 -13.78
C VAL E 111 -27.20 -7.28 -13.66
N THR E 112 -26.80 -8.54 -13.87
CA THR E 112 -27.72 -9.68 -13.80
C THR E 112 -27.68 -10.38 -12.45
N SER E 113 -27.28 -9.67 -11.39
CA SER E 113 -27.24 -10.27 -10.07
C SER E 113 -28.64 -10.51 -9.53
N THR E 114 -28.73 -11.38 -8.52
CA THR E 114 -30.03 -11.73 -7.95
C THR E 114 -30.75 -10.50 -7.41
N THR E 115 -30.02 -9.64 -6.72
CA THR E 115 -30.54 -8.34 -6.31
C THR E 115 -29.63 -7.25 -6.86
N TYR E 116 -30.24 -6.12 -7.22
CA TYR E 116 -29.49 -5.02 -7.83
C TYR E 116 -30.24 -3.73 -7.55
N ALA E 117 -29.52 -2.72 -7.07
CA ALA E 117 -30.17 -1.48 -6.68
C ALA E 117 -30.63 -0.66 -7.88
N TYR E 118 -29.94 -0.78 -9.02
CA TYR E 118 -30.21 0.03 -10.20
C TYR E 118 -30.95 -0.73 -11.28
N ARG E 119 -31.89 -1.60 -10.89
CA ARG E 119 -32.69 -2.35 -11.83
C ARG E 119 -34.17 -2.02 -11.64
N GLY E 120 -34.92 -2.08 -12.73
CA GLY E 120 -36.34 -1.79 -12.70
C GLY E 120 -37.15 -2.94 -12.13
N GLN E 121 -38.45 -2.69 -11.96
CA GLN E 121 -39.35 -3.71 -11.45
C GLN E 121 -39.65 -4.78 -12.48
N GLY E 122 -39.70 -4.43 -13.76
CA GLY E 122 -39.87 -5.39 -14.82
C GLY E 122 -41.28 -5.39 -15.38
N THR E 123 -41.39 -5.86 -16.63
CA THR E 123 -42.66 -6.00 -17.32
C THR E 123 -42.80 -7.42 -17.82
N GLN E 124 -44.01 -7.97 -17.70
CA GLN E 124 -44.26 -9.35 -18.09
C GLN E 124 -44.59 -9.43 -19.56
N VAL E 125 -43.88 -10.28 -20.29
CA VAL E 125 -44.12 -10.52 -21.71
C VAL E 125 -44.50 -11.98 -21.86
N THR E 126 -45.74 -12.23 -22.26
CA THR E 126 -46.27 -13.58 -22.40
C THR E 126 -46.59 -13.85 -23.86
N VAL E 127 -46.05 -14.94 -24.40
CA VAL E 127 -46.31 -15.37 -25.77
C VAL E 127 -47.04 -16.70 -25.70
N SER E 128 -48.23 -16.75 -26.29
CA SER E 128 -49.06 -17.95 -26.22
C SER E 128 -49.91 -18.05 -27.49
N SER E 129 -50.37 -19.26 -27.77
CA SER E 129 -51.20 -19.51 -28.94
C SER E 129 -52.29 -20.52 -28.62
N LEU F 12 42.75 34.15 -33.85
CA LEU F 12 42.06 33.73 -35.06
C LEU F 12 40.58 33.44 -34.77
N SER F 13 39.73 33.79 -35.73
CA SER F 13 38.29 33.54 -35.56
C SER F 13 37.99 32.05 -35.55
N THR F 14 38.72 31.26 -36.35
CA THR F 14 38.51 29.82 -36.38
C THR F 14 38.81 29.20 -35.03
N ARG F 15 39.90 29.64 -34.37
CA ARG F 15 40.23 29.12 -33.05
C ARG F 15 39.15 29.47 -32.03
N VAL F 16 38.62 30.69 -32.10
CA VAL F 16 37.56 31.09 -31.18
C VAL F 16 36.31 30.25 -31.39
N THR F 17 35.95 30.03 -32.66
CA THR F 17 34.76 29.21 -32.95
C THR F 17 34.96 27.78 -32.48
N LEU F 18 36.15 27.22 -32.69
CA LEU F 18 36.42 25.86 -32.22
C LEU F 18 36.34 25.77 -30.70
N ALA F 19 36.91 26.75 -30.00
CA ALA F 19 36.84 26.75 -28.55
C ALA F 19 35.41 26.86 -28.07
N PHE F 20 34.61 27.71 -28.74
CA PHE F 20 33.19 27.82 -28.38
C PHE F 20 32.46 26.50 -28.61
N PHE F 21 32.79 25.80 -29.70
CA PHE F 21 32.15 24.52 -29.96
C PHE F 21 32.50 23.48 -28.90
N MET F 22 33.76 23.40 -28.50
CA MET F 22 34.13 22.48 -27.42
C MET F 22 33.46 22.88 -26.10
N SER F 23 33.36 24.18 -25.83
CA SER F 23 32.64 24.62 -24.64
C SER F 23 31.18 24.20 -24.71
N LEU F 24 30.55 24.30 -25.89
CA LEU F 24 29.17 23.90 -26.05
C LEU F 24 28.97 22.41 -25.80
N VAL F 25 29.86 21.58 -26.36
CA VAL F 25 29.69 20.14 -26.18
C VAL F 25 29.97 19.76 -24.73
N ALA F 26 30.94 20.41 -24.08
CA ALA F 26 31.18 20.16 -22.66
C ALA F 26 29.95 20.55 -21.83
N PHE F 27 29.33 21.69 -22.13
CA PHE F 27 28.15 22.10 -21.39
C PHE F 27 26.99 21.14 -21.62
N ALA F 28 26.85 20.62 -22.84
CA ALA F 28 25.81 19.63 -23.11
C ALA F 28 26.03 18.37 -22.30
N ILE F 29 27.28 17.90 -22.22
CA ILE F 29 27.60 16.73 -21.40
C ILE F 29 27.26 17.03 -19.94
N MET F 30 27.66 18.21 -19.45
CA MET F 30 27.32 18.63 -18.10
C MET F 30 25.83 18.53 -17.85
N LEU F 31 25.03 19.14 -18.74
CA LEU F 31 23.59 19.19 -18.55
C LEU F 31 22.99 17.79 -18.53
N GLY F 32 23.35 16.96 -19.52
CA GLY F 32 22.77 15.63 -19.58
C GLY F 32 23.08 14.79 -18.36
N ASN F 33 24.36 14.75 -17.96
CA ASN F 33 24.73 13.89 -16.85
C ASN F 33 24.22 14.44 -15.52
N ALA F 34 24.22 15.77 -15.36
CA ALA F 34 23.64 16.35 -14.16
C ALA F 34 22.16 16.05 -14.06
N LEU F 35 21.44 16.10 -15.19
CA LEU F 35 20.02 15.76 -15.17
C LEU F 35 19.81 14.31 -14.78
N VAL F 36 20.62 13.40 -15.32
CA VAL F 36 20.46 11.98 -14.98
C VAL F 36 20.73 11.75 -13.50
N ILE F 37 21.81 12.34 -12.98
CA ILE F 37 22.15 12.14 -11.58
C ILE F 37 21.09 12.78 -10.66
N LEU F 38 20.57 13.94 -11.05
CA LEU F 38 19.50 14.57 -10.28
C LEU F 38 18.25 13.70 -10.27
N ALA F 39 17.88 13.12 -11.42
CA ALA F 39 16.74 12.23 -11.47
C ALA F 39 16.95 11.02 -10.57
N PHE F 40 18.15 10.45 -10.57
CA PHE F 40 18.43 9.32 -9.69
C PHE F 40 18.32 9.73 -8.22
N VAL F 41 18.85 10.89 -7.87
CA VAL F 41 18.93 11.30 -6.47
C VAL F 41 17.53 11.63 -5.92
N VAL F 42 16.75 12.39 -6.69
CA VAL F 42 15.50 12.93 -6.17
C VAL F 42 14.50 11.82 -5.87
N ASP F 43 14.32 10.90 -6.81
CA ASP F 43 13.33 9.85 -6.67
C ASP F 43 13.94 8.63 -5.97
N LYS F 44 13.28 8.18 -4.90
CA LYS F 44 13.70 6.97 -4.19
C LYS F 44 13.19 5.71 -4.85
N ASN F 45 12.32 5.82 -5.86
CA ASN F 45 11.86 4.63 -6.56
C ASN F 45 12.96 4.01 -7.40
N LEU F 46 13.92 4.82 -7.87
CA LEU F 46 15.02 4.33 -8.71
C LEU F 46 16.15 3.79 -7.83
N ARG F 47 15.84 2.69 -7.14
CA ARG F 47 16.82 2.00 -6.32
C ARG F 47 17.11 0.59 -6.85
N HIS F 48 16.78 0.35 -8.12
CA HIS F 48 17.01 -0.94 -8.75
C HIS F 48 18.47 -1.06 -9.21
N ARG F 49 18.86 -2.27 -9.58
CA ARG F 49 20.21 -2.51 -10.08
C ARG F 49 20.47 -1.74 -11.38
N SER F 50 19.48 -1.72 -12.27
CA SER F 50 19.64 -0.98 -13.52
C SER F 50 19.80 0.51 -13.25
N SER F 51 19.09 1.03 -12.25
CA SER F 51 19.27 2.43 -11.87
C SER F 51 20.69 2.71 -11.40
N TYR F 52 21.26 1.78 -10.63
CA TYR F 52 22.64 1.93 -10.18
C TYR F 52 23.61 1.91 -11.35
N PHE F 53 23.38 1.01 -12.32
CA PHE F 53 24.25 0.96 -13.49
C PHE F 53 24.18 2.25 -14.30
N PHE F 54 22.96 2.77 -14.49
CA PHE F 54 22.80 4.03 -15.21
C PHE F 54 23.45 5.18 -14.46
N LEU F 55 23.36 5.17 -13.12
CA LEU F 55 24.04 6.19 -12.33
C LEU F 55 25.54 6.10 -12.50
N ASN F 56 26.09 4.88 -12.53
CA ASN F 56 27.53 4.71 -12.74
C ASN F 56 27.95 5.28 -14.10
N LEU F 57 27.18 4.97 -15.14
CA LEU F 57 27.50 5.49 -16.47
C LEU F 57 27.42 7.01 -16.50
N ALA F 58 26.39 7.58 -15.87
CA ALA F 58 26.25 9.03 -15.83
C ALA F 58 27.39 9.67 -15.06
N ILE F 59 27.82 9.03 -13.96
CA ILE F 59 28.94 9.58 -13.18
C ILE F 59 30.20 9.59 -14.02
N SER F 60 30.46 8.50 -14.74
CA SER F 60 31.66 8.44 -15.59
C SER F 60 31.62 9.53 -16.66
N ASP F 61 30.46 9.69 -17.32
CA ASP F 61 30.36 10.70 -18.37
C ASP F 61 30.48 12.12 -17.80
N PHE F 62 29.88 12.37 -16.64
CA PHE F 62 29.99 13.69 -16.02
C PHE F 62 31.44 13.99 -15.65
N PHE F 63 32.15 13.00 -15.11
CA PHE F 63 33.54 13.22 -14.72
C PHE F 63 34.43 13.45 -15.93
N VAL F 64 34.21 12.72 -17.03
CA VAL F 64 35.05 12.95 -18.20
C VAL F 64 34.74 14.32 -18.81
N GLY F 65 33.47 14.71 -18.83
CA GLY F 65 33.13 16.06 -19.28
C GLY F 65 33.73 17.14 -18.40
N VAL F 66 33.85 16.87 -17.09
CA VAL F 66 34.44 17.84 -16.17
C VAL F 66 35.94 17.95 -16.42
N ILE F 67 36.63 16.82 -16.61
CA ILE F 67 38.09 16.81 -16.56
C ILE F 67 38.71 17.01 -17.94
N SER F 68 38.26 16.27 -18.95
CA SER F 68 39.01 16.19 -20.20
C SER F 68 38.95 17.50 -20.98
N ILE F 69 37.76 17.91 -21.41
CA ILE F 69 37.64 19.04 -22.34
C ILE F 69 38.14 20.35 -21.74
N PRO F 70 37.74 20.76 -20.53
CA PRO F 70 38.25 22.04 -20.01
C PRO F 70 39.76 22.11 -19.92
N LEU F 71 40.42 21.01 -19.53
CA LEU F 71 41.88 20.98 -19.54
C LEU F 71 42.43 20.76 -20.94
N TYR F 72 41.62 20.26 -21.87
CA TYR F 72 42.04 20.11 -23.26
C TYR F 72 42.04 21.43 -24.01
N ILE F 73 41.25 22.41 -23.55
CA ILE F 73 41.21 23.71 -24.23
C ILE F 73 42.58 24.38 -24.28
N PRO F 74 43.32 24.53 -23.18
CA PRO F 74 44.62 25.20 -23.27
C PRO F 74 45.67 24.41 -24.03
N HIS F 75 45.52 23.08 -24.13
CA HIS F 75 46.56 22.27 -24.75
C HIS F 75 46.63 22.52 -26.26
N THR F 76 45.50 22.76 -26.90
CA THR F 76 45.44 22.95 -28.35
C THR F 76 44.97 24.34 -28.70
N LEU F 77 45.41 24.83 -29.85
CA LEU F 77 45.08 26.16 -30.38
C LEU F 77 45.21 27.25 -29.32
N PHE F 78 46.19 27.08 -28.43
CA PHE F 78 46.48 28.06 -27.39
C PHE F 78 47.92 27.88 -26.94
N GLU F 79 48.61 29.00 -26.73
CA GLU F 79 50.01 28.97 -26.32
C GLU F 79 50.13 28.70 -24.81
N TRP F 80 49.64 27.53 -24.42
CA TRP F 80 49.67 27.08 -23.04
C TRP F 80 50.37 25.73 -22.97
N ASP F 81 51.21 25.56 -21.93
CA ASP F 81 51.98 24.35 -21.74
C ASP F 81 51.55 23.69 -20.44
N PHE F 82 51.61 22.36 -20.43
CA PHE F 82 51.27 21.56 -19.27
C PHE F 82 52.48 20.76 -18.82
N GLY F 83 52.70 20.74 -17.51
CA GLY F 83 53.84 20.01 -16.97
C GLY F 83 53.67 18.52 -17.10
N LYS F 84 54.73 17.80 -16.69
CA LYS F 84 54.72 16.35 -16.79
C LYS F 84 53.64 15.73 -15.90
N GLU F 85 53.53 16.21 -14.66
CA GLU F 85 52.53 15.69 -13.74
C GLU F 85 51.12 15.99 -14.23
N ILE F 86 50.88 17.22 -14.71
CA ILE F 86 49.55 17.59 -15.16
C ILE F 86 49.15 16.77 -16.39
N CYS F 87 50.06 16.62 -17.35
CA CYS F 87 49.75 15.83 -18.53
C CYS F 87 49.50 14.37 -18.17
N VAL F 88 50.32 13.81 -17.27
CA VAL F 88 50.13 12.43 -16.86
C VAL F 88 48.77 12.24 -16.19
N PHE F 89 48.40 13.17 -15.31
CA PHE F 89 47.10 13.09 -14.64
C PHE F 89 45.97 13.20 -15.63
N TRP F 90 46.09 14.10 -16.61
CA TRP F 90 45.04 14.25 -17.62
C TRP F 90 44.86 12.96 -18.40
N LEU F 91 45.96 12.37 -18.86
CA LEU F 91 45.86 11.12 -19.62
C LEU F 91 45.27 10.00 -18.76
N THR F 92 45.71 9.90 -17.51
CA THR F 92 45.20 8.84 -16.64
C THR F 92 43.70 8.98 -16.43
N THR F 93 43.25 10.19 -16.11
CA THR F 93 41.82 10.41 -15.90
C THR F 93 41.03 10.12 -17.17
N ASP F 94 41.51 10.59 -18.31
CA ASP F 94 40.78 10.38 -19.56
C ASP F 94 40.64 8.91 -19.87
N TYR F 95 41.75 8.16 -19.83
CA TYR F 95 41.70 6.75 -20.16
C TYR F 95 40.86 5.97 -19.17
N LEU F 96 41.01 6.24 -17.87
CA LEU F 96 40.22 5.53 -16.87
C LEU F 96 38.73 5.78 -17.04
N LEU F 97 38.35 7.04 -17.30
CA LEU F 97 36.94 7.36 -17.46
C LEU F 97 36.37 6.73 -18.72
N CYS F 98 37.13 6.74 -19.82
CA CYS F 98 36.64 6.11 -21.05
C CYS F 98 36.43 4.61 -20.86
N THR F 99 37.40 3.93 -20.23
CA THR F 99 37.25 2.50 -20.01
C THR F 99 36.12 2.21 -19.04
N ALA F 100 35.93 3.06 -18.03
CA ALA F 100 34.82 2.88 -17.11
C ALA F 100 33.48 3.02 -17.82
N SER F 101 33.37 3.99 -18.74
CA SER F 101 32.13 4.13 -19.51
C SER F 101 31.87 2.91 -20.37
N VAL F 102 32.92 2.39 -21.02
CA VAL F 102 32.74 1.20 -21.86
C VAL F 102 32.29 0.01 -21.02
N TYR F 103 32.91 -0.17 -19.84
CA TYR F 103 32.55 -1.31 -19.01
C TYR F 103 31.16 -1.16 -18.41
N ASN F 104 30.74 0.08 -18.12
CA ASN F 104 29.36 0.30 -17.68
C ASN F 104 28.37 -0.04 -18.79
N ILE F 105 28.72 0.30 -20.03
CA ILE F 105 27.87 -0.06 -21.17
C ILE F 105 27.74 -1.58 -21.27
N VAL F 106 28.87 -2.28 -21.13
CA VAL F 106 28.84 -3.74 -21.21
C VAL F 106 28.01 -4.32 -20.06
N LEU F 107 28.12 -3.73 -18.87
CA LEU F 107 27.35 -4.21 -17.73
C LEU F 107 25.85 -4.03 -17.95
N ILE F 108 25.46 -2.89 -18.50
CA ILE F 108 24.04 -2.64 -18.78
C ILE F 108 23.53 -3.62 -19.83
N SER F 109 24.34 -3.89 -20.87
CA SER F 109 23.95 -4.86 -21.89
C SER F 109 23.78 -6.25 -21.29
N TYR F 110 24.69 -6.65 -20.40
CA TYR F 110 24.58 -7.94 -19.76
C TYR F 110 23.33 -8.02 -18.88
N ASP F 111 23.01 -6.93 -18.18
CA ASP F 111 21.80 -6.91 -17.36
C ASP F 111 20.55 -7.08 -18.23
N ARG F 112 20.52 -6.38 -19.37
CA ARG F 112 19.39 -6.55 -20.29
C ARG F 112 19.29 -7.98 -20.79
N TYR F 113 20.43 -8.58 -21.14
CA TYR F 113 20.42 -9.97 -21.59
C TYR F 113 19.90 -10.91 -20.52
N LEU F 114 20.33 -10.71 -19.27
CA LEU F 114 19.86 -11.54 -18.16
C LEU F 114 18.36 -11.37 -17.95
N SER F 115 17.87 -10.14 -18.04
CA SER F 115 16.43 -9.91 -17.86
C SER F 115 15.63 -10.59 -18.97
N VAL F 116 16.11 -10.51 -20.20
CA VAL F 116 15.35 -11.08 -21.33
C VAL F 116 15.37 -12.60 -21.28
N SER F 117 16.53 -13.20 -21.03
CA SER F 117 16.67 -14.65 -21.13
C SER F 117 16.36 -15.39 -19.84
N ASN F 118 16.24 -14.70 -18.71
CA ASN F 118 15.97 -15.30 -17.41
C ASN F 118 14.89 -14.53 -16.67
N ALA F 119 13.80 -14.23 -17.37
CA ALA F 119 12.82 -13.26 -16.88
C ALA F 119 12.21 -13.69 -15.55
N VAL F 120 11.81 -14.95 -15.45
CA VAL F 120 11.12 -15.41 -14.24
C VAL F 120 12.05 -15.32 -13.02
N SER F 121 13.31 -15.71 -13.18
CA SER F 121 14.29 -15.57 -12.09
C SER F 121 14.78 -14.13 -11.95
N TYR F 122 14.75 -13.35 -13.03
CA TYR F 122 15.15 -11.95 -12.92
C TYR F 122 14.16 -11.16 -12.07
N ARG F 123 12.88 -11.48 -12.18
CA ARG F 123 11.87 -10.72 -11.43
C ARG F 123 11.78 -11.17 -9.98
N THR F 124 11.63 -12.49 -9.75
CA THR F 124 11.38 -12.99 -8.40
C THR F 124 12.66 -13.41 -7.69
N GLN F 125 13.38 -14.38 -8.25
CA GLN F 125 14.57 -14.91 -7.59
C GLN F 125 15.79 -14.04 -7.89
N HIS F 126 15.68 -12.74 -7.60
CA HIS F 126 16.79 -11.82 -7.83
C HIS F 126 16.71 -10.73 -6.76
N THR F 127 17.47 -10.90 -5.69
CA THR F 127 17.61 -9.90 -4.65
C THR F 127 19.08 -9.51 -4.53
N GLY F 128 19.34 -8.21 -4.44
CA GLY F 128 20.71 -7.74 -4.41
C GLY F 128 20.92 -6.45 -3.64
N VAL F 129 21.86 -6.49 -2.70
CA VAL F 129 22.30 -5.31 -1.97
C VAL F 129 23.75 -5.55 -1.58
N LEU F 130 24.54 -4.47 -1.64
CA LEU F 130 25.99 -4.47 -1.39
C LEU F 130 26.72 -5.39 -2.37
N LYS F 131 25.98 -5.96 -3.32
CA LYS F 131 26.56 -6.71 -4.43
C LYS F 131 26.54 -5.92 -5.73
N ILE F 132 25.56 -5.03 -5.89
CA ILE F 132 25.59 -4.09 -7.01
C ILE F 132 26.79 -3.16 -6.88
N VAL F 133 27.05 -2.69 -5.66
CA VAL F 133 28.22 -1.84 -5.44
C VAL F 133 29.50 -2.62 -5.69
N THR F 134 29.47 -3.95 -5.48
CA THR F 134 30.64 -4.76 -5.79
C THR F 134 30.97 -4.71 -7.28
N LEU F 135 29.96 -4.89 -8.13
CA LEU F 135 30.17 -4.79 -9.57
C LEU F 135 30.56 -3.38 -9.99
N MET F 136 29.94 -2.37 -9.36
CA MET F 136 30.26 -0.99 -9.68
C MET F 136 31.71 -0.66 -9.36
N VAL F 137 32.22 -1.17 -8.23
CA VAL F 137 33.63 -0.98 -7.90
C VAL F 137 34.52 -1.80 -8.84
N ALA F 138 34.09 -3.02 -9.17
CA ALA F 138 34.92 -3.90 -9.98
C ALA F 138 35.13 -3.35 -11.38
N VAL F 139 34.09 -2.78 -11.99
CA VAL F 139 34.24 -2.25 -13.34
C VAL F 139 35.23 -1.08 -13.34
N TRP F 140 35.14 -0.20 -12.34
CA TRP F 140 36.08 0.91 -12.24
C TRP F 140 37.50 0.40 -12.00
N VAL F 141 37.65 -0.62 -11.15
CA VAL F 141 38.97 -1.16 -10.86
C VAL F 141 39.60 -1.75 -12.11
N LEU F 142 38.82 -2.51 -12.87
CA LEU F 142 39.32 -3.08 -14.12
C LEU F 142 39.65 -1.99 -15.13
N ALA F 143 38.80 -0.95 -15.21
CA ALA F 143 39.07 0.15 -16.12
C ALA F 143 40.38 0.83 -15.77
N PHE F 144 40.66 1.01 -14.48
CA PHE F 144 41.96 1.56 -14.08
C PHE F 144 43.08 0.61 -14.47
N LEU F 145 42.98 -0.66 -14.06
CA LEU F 145 44.07 -1.60 -14.28
C LEU F 145 44.37 -1.82 -15.76
N VAL F 146 43.44 -1.46 -16.64
CA VAL F 146 43.71 -1.58 -18.08
C VAL F 146 44.85 -0.67 -18.50
N ASN F 147 44.88 0.57 -18.01
CA ASN F 147 45.82 1.57 -18.53
C ASN F 147 46.69 2.25 -17.47
N GLY F 148 46.18 2.47 -16.26
CA GLY F 148 46.88 3.23 -15.25
C GLY F 148 48.31 2.80 -14.99
N PRO F 149 48.51 1.57 -14.51
CA PRO F 149 49.88 1.08 -14.33
C PRO F 149 50.69 1.11 -15.62
N MET F 150 50.04 0.85 -16.76
CA MET F 150 50.72 0.87 -18.03
C MET F 150 51.32 2.24 -18.33
N ILE F 151 50.50 3.30 -18.22
CA ILE F 151 51.01 4.63 -18.52
C ILE F 151 52.00 5.09 -17.45
N LEU F 152 51.76 4.72 -16.19
CA LEU F 152 52.70 5.08 -15.13
C LEU F 152 54.08 4.49 -15.38
N VAL F 153 54.13 3.25 -15.89
CA VAL F 153 55.40 2.70 -16.33
C VAL F 153 55.91 3.42 -17.58
N SER F 154 54.99 3.79 -18.47
CA SER F 154 55.35 4.42 -19.74
C SER F 154 55.88 5.84 -19.57
N GLU F 155 55.79 6.42 -18.38
CA GLU F 155 56.38 7.74 -18.16
C GLU F 155 57.86 7.76 -18.51
N SER F 156 58.57 6.65 -18.31
CA SER F 156 60.01 6.62 -18.52
C SER F 156 60.36 6.55 -20.01
N TRP F 157 59.56 5.84 -20.80
CA TRP F 157 59.91 5.60 -22.20
C TRP F 157 59.91 6.87 -23.05
N LYS F 158 59.24 7.92 -22.63
CA LYS F 158 59.23 9.17 -23.38
C LYS F 158 60.56 9.92 -23.20
N GLY F 161 59.87 16.64 -25.90
CA GLY F 161 58.47 16.89 -25.63
C GLY F 161 57.69 17.31 -26.87
N SER F 162 57.46 16.35 -27.77
CA SER F 162 56.72 16.65 -28.98
C SER F 162 55.25 16.89 -28.69
N GLU F 163 54.64 16.02 -27.89
CA GLU F 163 53.21 16.12 -27.60
C GLU F 163 52.92 15.29 -26.36
N CYS F 164 51.97 15.75 -25.55
CA CYS F 164 51.56 15.03 -24.35
C CYS F 164 50.81 13.78 -24.77
N GLU F 165 51.51 12.66 -24.75
CA GLU F 165 50.98 11.37 -25.17
C GLU F 165 51.41 10.33 -24.15
N PRO F 166 50.73 9.17 -24.11
CA PRO F 166 51.13 8.13 -23.14
C PRO F 166 52.57 7.67 -23.31
N GLY F 167 53.16 7.80 -24.51
CA GLY F 167 54.54 7.44 -24.74
C GLY F 167 54.76 6.01 -25.16
N PHE F 168 53.74 5.17 -25.12
CA PHE F 168 53.83 3.79 -25.57
C PHE F 168 53.35 3.61 -27.00
N PHE F 169 53.04 4.70 -27.70
CA PHE F 169 52.62 4.61 -29.09
C PHE F 169 53.73 4.07 -29.98
N SER F 170 54.98 4.09 -29.51
CA SER F 170 56.07 3.51 -30.29
C SER F 170 55.89 2.00 -30.44
N GLU F 171 55.47 1.33 -29.38
CA GLU F 171 55.31 -0.13 -29.41
C GLU F 171 53.94 -0.48 -29.99
N TRP F 172 53.94 -1.24 -31.09
CA TRP F 172 52.69 -1.63 -31.72
C TRP F 172 51.99 -2.74 -30.95
N TYR F 173 52.74 -3.70 -30.42
CA TYR F 173 52.12 -4.82 -29.72
C TYR F 173 51.48 -4.38 -28.41
N ILE F 174 52.10 -3.42 -27.72
CA ILE F 174 51.51 -2.87 -26.50
C ILE F 174 50.18 -2.19 -26.82
N LEU F 175 50.15 -1.42 -27.92
CA LEU F 175 48.91 -0.76 -28.32
C LEU F 175 47.84 -1.79 -28.71
N ALA F 176 48.25 -2.86 -29.38
CA ALA F 176 47.29 -3.91 -29.73
C ALA F 176 46.71 -4.56 -28.47
N ILE F 177 47.57 -4.84 -27.48
CA ILE F 177 47.10 -5.41 -26.22
C ILE F 177 46.13 -4.46 -25.54
N THR F 178 46.46 -3.17 -25.50
CA THR F 178 45.59 -2.19 -24.84
C THR F 178 44.24 -2.09 -25.56
N SER F 179 44.25 -2.05 -26.89
CA SER F 179 43.01 -1.95 -27.64
C SER F 179 42.22 -3.26 -27.63
N PHE F 180 42.86 -4.37 -27.30
CA PHE F 180 42.15 -5.65 -27.22
C PHE F 180 41.28 -5.74 -25.97
N LEU F 181 41.73 -5.16 -24.86
CA LEU F 181 41.01 -5.27 -23.60
C LEU F 181 39.89 -4.25 -23.45
N GLU F 182 39.73 -3.34 -24.40
CA GLU F 182 38.72 -2.30 -24.29
C GLU F 182 37.88 -2.11 -25.55
N PHE F 183 38.24 -2.70 -26.67
CA PHE F 183 37.43 -2.52 -27.87
C PHE F 183 37.01 -3.82 -28.52
N VAL F 184 37.87 -4.84 -28.52
CA VAL F 184 37.52 -6.09 -29.19
C VAL F 184 36.58 -6.92 -28.34
N ILE F 185 37.01 -7.24 -27.11
CA ILE F 185 36.16 -8.02 -26.22
C ILE F 185 34.86 -7.31 -25.86
N PRO F 186 34.86 -6.01 -25.50
CA PRO F 186 33.57 -5.37 -25.21
C PRO F 186 32.61 -5.35 -26.39
N VAL F 187 33.10 -5.07 -27.59
CA VAL F 187 32.20 -5.06 -28.75
C VAL F 187 31.70 -6.46 -29.04
N ILE F 188 32.56 -7.48 -28.91
CA ILE F 188 32.10 -8.86 -29.10
C ILE F 188 31.02 -9.21 -28.10
N LEU F 189 31.21 -8.84 -26.83
CA LEU F 189 30.23 -9.16 -25.81
C LEU F 189 28.90 -8.43 -26.05
N VAL F 190 28.97 -7.14 -26.42
CA VAL F 190 27.76 -6.38 -26.66
C VAL F 190 26.99 -6.95 -27.85
N ALA F 191 27.72 -7.27 -28.93
CA ALA F 191 27.09 -7.88 -30.09
C ALA F 191 26.47 -9.23 -29.74
N TYR F 192 27.15 -10.03 -28.94
CA TYR F 192 26.62 -11.33 -28.53
C TYR F 192 25.34 -11.17 -27.73
N PHE F 193 25.34 -10.25 -26.76
CA PHE F 193 24.15 -10.04 -25.94
C PHE F 193 22.98 -9.54 -26.78
N ASN F 194 23.22 -8.54 -27.63
CA ASN F 194 22.14 -8.00 -28.45
C ASN F 194 21.62 -9.04 -29.44
N MET F 195 22.52 -9.83 -30.03
CA MET F 195 22.09 -10.86 -30.96
C MET F 195 21.26 -11.93 -30.26
N ASN F 196 21.66 -12.32 -29.05
CA ASN F 196 20.85 -13.30 -28.31
C ASN F 196 19.48 -12.75 -27.97
N ILE F 197 19.41 -11.49 -27.53
CA ILE F 197 18.12 -10.91 -27.19
C ILE F 197 17.23 -10.85 -28.43
N TYR F 198 17.78 -10.37 -29.54
CA TYR F 198 17.00 -10.26 -30.77
C TYR F 198 16.53 -11.62 -31.26
N TRP F 199 17.42 -12.63 -31.21
CA TRP F 199 17.04 -13.96 -31.68
C TRP F 199 15.96 -14.57 -30.79
N SER F 200 16.09 -14.42 -29.47
CA SER F 200 15.08 -14.96 -28.57
C SER F 200 13.74 -14.27 -28.76
N LEU F 201 13.75 -12.96 -29.02
CA LEU F 201 12.49 -12.25 -29.18
C LEU F 201 11.85 -12.53 -30.53
N TRP F 202 12.66 -12.70 -31.58
CA TRP F 202 12.10 -12.99 -32.90
C TRP F 202 11.59 -14.42 -32.99
N LYS F 203 12.32 -15.36 -32.38
CA LYS F 203 11.86 -16.75 -32.39
C LYS F 203 10.56 -16.90 -31.59
N ARG F 204 10.45 -16.21 -30.47
CA ARG F 204 9.27 -16.26 -29.63
C ARG F 204 8.11 -15.51 -30.27
N ALA F 298 11.58 -8.45 -35.61
CA ALA F 298 11.51 -7.34 -36.55
C ALA F 298 10.29 -6.47 -36.27
N ARG F 299 10.24 -5.88 -35.09
CA ARG F 299 9.16 -5.00 -34.65
C ARG F 299 9.73 -3.74 -34.02
N ARG F 300 10.70 -3.13 -34.71
CA ARG F 300 11.50 -1.99 -34.27
C ARG F 300 12.47 -2.36 -33.16
N LEU F 301 12.43 -3.60 -32.67
CA LEU F 301 13.44 -4.05 -31.71
C LEU F 301 14.79 -4.22 -32.38
N ALA F 302 14.80 -4.78 -33.60
CA ALA F 302 16.05 -4.99 -34.31
C ALA F 302 16.74 -3.68 -34.60
N LYS F 303 15.98 -2.65 -34.98
CA LYS F 303 16.58 -1.35 -35.28
C LYS F 303 17.30 -0.78 -34.06
N SER F 304 16.64 -0.83 -32.90
CA SER F 304 17.25 -0.28 -31.69
C SER F 304 18.45 -1.11 -31.26
N LEU F 305 18.31 -2.43 -31.25
CA LEU F 305 19.42 -3.30 -30.86
C LEU F 305 20.58 -3.24 -31.83
N ALA F 306 20.34 -2.78 -33.06
CA ALA F 306 21.43 -2.59 -34.01
C ALA F 306 22.09 -1.23 -33.87
N ILE F 307 21.30 -0.16 -33.69
CA ILE F 307 21.90 1.16 -33.55
C ILE F 307 22.64 1.29 -32.24
N LEU F 308 22.22 0.56 -31.20
CA LEU F 308 22.92 0.63 -29.93
C LEU F 308 24.37 0.16 -30.07
N LEU F 309 24.59 -0.92 -30.81
CA LEU F 309 25.95 -1.37 -31.09
C LEU F 309 26.62 -0.51 -32.15
N GLY F 310 25.86 -0.02 -33.13
CA GLY F 310 26.45 0.74 -34.20
C GLY F 310 27.05 2.05 -33.74
N VAL F 311 26.36 2.77 -32.86
CA VAL F 311 26.89 4.04 -32.36
C VAL F 311 28.18 3.80 -31.59
N PHE F 312 28.20 2.79 -30.73
CA PHE F 312 29.40 2.48 -29.94
C PHE F 312 30.57 2.12 -30.85
N ALA F 313 30.33 1.25 -31.83
CA ALA F 313 31.41 0.86 -32.74
C ALA F 313 31.90 2.04 -33.57
N VAL F 314 30.97 2.86 -34.08
CA VAL F 314 31.35 3.99 -34.92
C VAL F 314 32.16 5.00 -34.11
N CYS F 315 31.83 5.18 -32.83
CA CYS F 315 32.57 6.13 -32.02
C CYS F 315 33.93 5.59 -31.60
N TRP F 316 34.05 4.28 -31.39
CA TRP F 316 35.28 3.80 -30.77
C TRP F 316 36.29 3.20 -31.75
N ALA F 317 35.83 2.60 -32.86
CA ALA F 317 36.75 1.94 -33.78
C ALA F 317 37.76 2.88 -34.44
N PRO F 318 37.36 4.05 -34.97
CA PRO F 318 38.33 4.84 -35.78
C PRO F 318 39.61 5.19 -35.04
N TYR F 319 39.52 5.66 -33.79
CA TYR F 319 40.73 6.00 -33.06
C TYR F 319 41.55 4.76 -32.75
N SER F 320 40.90 3.71 -32.26
CA SER F 320 41.58 2.48 -31.86
C SER F 320 42.25 1.78 -33.04
N LEU F 321 41.86 2.07 -34.27
CA LEU F 321 42.51 1.51 -35.44
C LEU F 321 43.52 2.47 -36.06
N PHE F 322 43.22 3.77 -36.08
CA PHE F 322 44.17 4.75 -36.63
C PHE F 322 45.43 4.81 -35.79
N THR F 323 45.29 4.74 -34.46
CA THR F 323 46.48 4.75 -33.61
C THR F 323 47.36 3.53 -33.89
N ILE F 324 46.75 2.36 -34.06
CA ILE F 324 47.50 1.14 -34.33
C ILE F 324 48.22 1.24 -35.67
N VAL F 325 47.51 1.70 -36.72
CA VAL F 325 48.13 1.77 -38.03
C VAL F 325 49.18 2.87 -38.10
N LEU F 326 49.08 3.90 -37.26
CA LEU F 326 50.14 4.90 -37.20
C LEU F 326 51.35 4.37 -36.43
N SER F 327 51.12 3.56 -35.40
CA SER F 327 52.23 2.97 -34.65
C SER F 327 52.98 1.95 -35.49
N PHE F 328 52.26 1.15 -36.28
CA PHE F 328 52.91 0.11 -37.06
C PHE F 328 53.86 0.69 -38.10
N TYR F 329 53.45 1.78 -38.76
CA TYR F 329 54.27 2.41 -39.78
C TYR F 329 54.98 3.63 -39.22
N LYS F 336 48.46 15.53 -35.06
CA LYS F 336 48.93 14.92 -36.29
C LYS F 336 48.05 15.31 -37.47
N SER F 337 47.42 14.30 -38.08
CA SER F 337 46.53 14.55 -39.21
C SER F 337 45.18 15.06 -38.74
N VAL F 338 44.43 15.65 -39.67
CA VAL F 338 43.09 16.13 -39.36
C VAL F 338 42.18 14.96 -39.00
N TRP F 339 42.27 13.86 -39.75
CA TRP F 339 41.44 12.70 -39.46
C TRP F 339 41.75 12.11 -38.09
N TYR F 340 42.98 12.29 -37.60
CA TYR F 340 43.28 11.90 -36.23
C TYR F 340 42.43 12.68 -35.24
N ARG F 341 42.33 14.00 -35.44
CA ARG F 341 41.47 14.82 -34.60
C ARG F 341 40.01 14.41 -34.73
N ILE F 342 39.58 14.08 -35.95
CA ILE F 342 38.21 13.63 -36.17
C ILE F 342 37.93 12.35 -35.39
N ALA F 343 38.88 11.41 -35.42
CA ALA F 343 38.71 10.17 -34.67
C ALA F 343 38.67 10.42 -33.17
N PHE F 344 39.53 11.32 -32.67
CA PHE F 344 39.51 11.65 -31.25
C PHE F 344 38.17 12.24 -30.85
N TRP F 345 37.64 13.15 -31.66
CA TRP F 345 36.34 13.75 -31.36
C TRP F 345 35.23 12.70 -31.46
N LEU F 346 35.33 11.78 -32.41
CA LEU F 346 34.34 10.72 -32.52
C LEU F 346 34.33 9.86 -31.27
N GLN F 347 35.51 9.57 -30.72
CA GLN F 347 35.58 8.85 -29.45
C GLN F 347 34.97 9.65 -28.32
N TRP F 348 35.22 10.96 -28.29
CA TRP F 348 34.69 11.79 -27.20
C TRP F 348 33.17 11.90 -27.26
N PHE F 349 32.59 11.98 -28.46
CA PHE F 349 31.15 12.17 -28.60
C PHE F 349 30.32 10.98 -28.09
N ASN F 350 30.94 9.84 -27.82
CA ASN F 350 30.20 8.74 -27.21
C ASN F 350 29.69 9.14 -25.83
N SER F 351 30.47 9.92 -25.09
CA SER F 351 30.03 10.39 -23.78
C SER F 351 28.82 11.32 -23.93
N PHE F 352 28.81 12.16 -24.96
CA PHE F 352 27.64 12.97 -25.27
C PHE F 352 26.44 12.07 -25.57
N VAL F 353 26.64 11.06 -26.40
CA VAL F 353 25.52 10.25 -26.89
C VAL F 353 24.90 9.43 -25.77
N ASN F 354 25.74 8.90 -24.86
CA ASN F 354 25.28 7.89 -23.89
C ASN F 354 24.07 8.32 -23.08
N PRO F 355 23.98 9.53 -22.52
CA PRO F 355 22.75 9.91 -21.72
C PRO F 355 21.45 9.85 -22.50
N LEU F 356 21.49 9.98 -23.82
CA LEU F 356 20.26 9.98 -24.61
C LEU F 356 19.68 8.59 -24.79
N LEU F 357 20.53 7.56 -24.86
CA LEU F 357 20.05 6.23 -25.22
C LEU F 357 19.70 5.38 -24.00
N TYR F 358 20.69 5.11 -23.13
CA TYR F 358 20.48 4.12 -22.08
C TYR F 358 19.56 4.62 -20.96
N PRO F 359 19.90 5.71 -20.25
CA PRO F 359 19.03 6.08 -19.11
C PRO F 359 17.68 6.63 -19.52
N LEU F 360 17.55 7.12 -20.75
CA LEU F 360 16.30 7.72 -21.22
C LEU F 360 15.38 6.73 -21.90
N CYS F 361 15.65 5.42 -21.78
CA CYS F 361 14.81 4.41 -22.40
C CYS F 361 14.54 3.24 -21.46
N HIS F 362 14.53 3.49 -20.15
CA HIS F 362 14.29 2.45 -19.16
C HIS F 362 12.90 2.51 -18.56
N LYS F 363 12.09 3.50 -18.91
CA LYS F 363 10.71 3.70 -18.45
C LYS F 363 10.63 4.03 -16.97
N ARG F 364 11.74 4.04 -16.24
CA ARG F 364 11.78 4.46 -14.85
C ARG F 364 12.33 5.87 -14.70
N PHE F 365 13.45 6.17 -15.36
CA PHE F 365 13.95 7.54 -15.40
C PHE F 365 12.99 8.45 -16.17
N GLN F 366 12.25 7.89 -17.13
CA GLN F 366 11.27 8.67 -17.88
C GLN F 366 10.19 9.22 -16.96
N LYS F 367 9.73 8.41 -16.01
CA LYS F 367 8.72 8.88 -15.06
C LYS F 367 9.25 10.02 -14.22
N ALA F 368 10.49 9.90 -13.73
CA ALA F 368 11.08 10.98 -12.95
C ALA F 368 11.24 12.25 -13.77
N PHE F 369 11.67 12.11 -15.03
CA PHE F 369 11.82 13.27 -15.90
C PHE F 369 10.47 13.94 -16.15
N LEU F 370 9.43 13.13 -16.38
CA LEU F 370 8.09 13.69 -16.60
C LEU F 370 7.58 14.41 -15.35
N LYS F 371 7.82 13.84 -14.18
CA LYS F 371 7.36 14.46 -12.94
C LYS F 371 8.10 15.77 -12.68
N ILE F 372 9.43 15.74 -12.74
CA ILE F 372 10.21 16.94 -12.47
C ILE F 372 10.00 17.98 -13.57
N PHE F 373 10.06 17.55 -14.83
CA PHE F 373 9.89 18.45 -15.95
C PHE F 373 8.52 18.28 -16.60
N HSM G . 40.42 9.72 -24.87
CA HSM G . 40.96 8.51 -25.49
CB HSM G . 41.11 7.40 -24.47
CG HSM G . 41.62 6.13 -25.09
ND1 HSM G . 42.44 6.14 -26.19
CD2 HSM G . 41.40 4.85 -24.71
CE1 HSM G . 42.70 4.88 -26.46
NE2 HSM G . 42.10 4.06 -25.60
C1 CLR H . 25.65 6.57 -3.83
C2 CLR H . 24.54 6.62 -2.78
C3 CLR H . 24.06 5.26 -2.34
C4 CLR H . 24.41 4.19 -3.37
C5 CLR H . 25.90 4.11 -3.65
C6 CLR H . 26.47 2.96 -3.99
C7 CLR H . 27.77 2.85 -4.73
C8 CLR H . 28.58 4.15 -4.76
C9 CLR H . 27.65 5.38 -4.85
C10 CLR H . 26.67 5.42 -3.65
C11 CLR H . 28.45 6.68 -5.03
C12 CLR H . 29.41 6.62 -6.22
C13 CLR H . 30.39 5.44 -6.11
C14 CLR H . 29.53 4.17 -5.95
C15 CLR H . 30.52 3.02 -6.13
C16 CLR H . 31.56 3.57 -7.13
C17 CLR H . 31.17 5.05 -7.39
C18 CLR H . 31.34 5.64 -4.91
C19 CLR H . 27.43 5.56 -2.32
C20 CLR H . 32.34 5.91 -7.89
C21 CLR H . 32.32 6.12 -9.40
C22 CLR H . 33.69 5.30 -7.47
C23 CLR H . 34.91 6.06 -7.87
C24 CLR H . 34.97 7.46 -7.27
C25 CLR H . 36.17 8.30 -7.69
C26 CLR H . 36.15 9.66 -7.01
C27 CLR H . 36.24 8.47 -9.20
O1 CLR H . 24.64 4.92 -1.08
#